data_1H0P
# 
_entry.id   1H0P 
# 
_audit_conform.dict_name       mmcif_pdbx.dic 
_audit_conform.dict_version    5.382 
_audit_conform.dict_location   http://mmcif.pdb.org/dictionaries/ascii/mmcif_pdbx.dic 
# 
loop_
_database_2.database_id 
_database_2.database_code 
_database_2.pdbx_database_accession 
_database_2.pdbx_DOI 
PDB   1H0P         pdb_00001h0p 10.2210/pdb1h0p/pdb 
PDBE  EBI-11040    ?            ?                   
WWPDB D_1290011040 ?            ?                   
# 
_pdbx_database_status.status_code                     REL 
_pdbx_database_status.entry_id                        1H0P 
_pdbx_database_status.deposit_site                    PDBE 
_pdbx_database_status.process_site                    PDBE 
_pdbx_database_status.SG_entry                        . 
_pdbx_database_status.recvd_initial_deposition_date   2002-06-26 
_pdbx_database_status.pdb_format_compatible           Y 
_pdbx_database_status.status_code_sf                  REL 
_pdbx_database_status.status_code_mr                  ? 
_pdbx_database_status.status_code_cs                  ? 
_pdbx_database_status.methods_development_category    ? 
_pdbx_database_status.status_code_nmr_data            ? 
# 
loop_
_audit_author.name 
_audit_author.pdbx_ordinal 
'Picken, N.C.'     1 
'Eschenlauer, S.'  2 
'Taylor, P.'       3 
'Page, A.P.'       4 
'Walkinshaw, M.D.' 5 
# 
_citation.id                        primary 
_citation.title                     
'Structural and Biological Characterisation of the Gut-Associated Cyclophilin B Isoforms from Caenorhabditis Elegans' 
_citation.journal_abbrev            J.Mol.Biol. 
_citation.journal_volume            322 
_citation.page_first                15 
_citation.page_last                 ? 
_citation.year                      2002 
_citation.journal_id_ASTM           JMOBAK 
_citation.country                   UK 
_citation.journal_id_ISSN           0022-2836 
_citation.journal_id_CSD            0070 
_citation.book_publisher            ? 
_citation.pdbx_database_id_PubMed   12215411 
_citation.pdbx_database_id_DOI      '10.1016/S0022-2836(02)00712-X' 
# 
loop_
_citation_author.citation_id 
_citation_author.name 
_citation_author.ordinal 
_citation_author.identifier_ORCID 
primary 'Picken, N.C.'     1 ? 
primary 'Eschenlauer, S.'  2 ? 
primary 'Taylor, P.'       3 ? 
primary 'Page, A.P.'       4 ? 
primary 'Walkinshaw, M.D.' 5 ? 
# 
_cell.entry_id           1H0P 
_cell.length_a           94.115 
_cell.length_b           94.115 
_cell.length_c           41.239 
_cell.angle_alpha        90.00 
_cell.angle_beta         90.00 
_cell.angle_gamma        120.00 
_cell.Z_PDB              6 
_cell.pdbx_unique_axis   ? 
# 
_symmetry.entry_id                         1H0P 
_symmetry.space_group_name_H-M             'P 61' 
_symmetry.pdbx_full_space_group_name_H-M   ? 
_symmetry.cell_setting                     ? 
_symmetry.Int_Tables_number                169 
# 
loop_
_entity.id 
_entity.type 
_entity.src_method 
_entity.pdbx_description 
_entity.formula_weight 
_entity.pdbx_number_of_molecules 
_entity.pdbx_ec 
_entity.pdbx_mutation 
_entity.pdbx_fragment 
_entity.details 
1 polymer     man 'PEPTIDYL-PROLYL CIS-TRANS ISOMERASE 5' 19890.775 1   5.2.1.8 YES 'RESIDUES 23-204' ? 
2 non-polymer syn 2,3-DIHYDROXY-1,4-DITHIOBUTANE          154.251   1   ?       ?   ?                 ? 
3 water       nat water                                   18.015    201 ?       ?   ?                 ? 
# 
_entity_name_com.entity_id   1 
_entity_name_com.name        'PPIASE, ROTAMASE, CYCLOPHILIN-5' 
# 
_entity_poly.entity_id                      1 
_entity_poly.type                           'polypeptide(L)' 
_entity_poly.nstd_linkage                   no 
_entity_poly.nstd_monomer                   no 
_entity_poly.pdbx_seq_one_letter_code       
;KGPKVTDRVYFDMEIGGKPIGRIVIGLFGKTVPKTATNFIELAKKPKGEGYPGSKFHRVIADFMIQGGDFTRGDGTGGRS
IYGEKFADENFKLKHYGAGWLSMANAGADTNGSQFFITTVKTPWLDGRHVVFGKILEGMDVVRKIEQTEKLPGDRPKQDV
IIAASGHIAVDTPFSVEREAVV
;
_entity_poly.pdbx_seq_one_letter_code_can   
;KGPKVTDRVYFDMEIGGKPIGRIVIGLFGKTVPKTATNFIELAKKPKGEGYPGSKFHRVIADFMIQGGDFTRGDGTGGRS
IYGEKFADENFKLKHYGAGWLSMANAGADTNGSQFFITTVKTPWLDGRHVVFGKILEGMDVVRKIEQTEKLPGDRPKQDV
IIAASGHIAVDTPFSVEREAVV
;
_entity_poly.pdbx_strand_id                 A 
_entity_poly.pdbx_target_identifier         ? 
# 
loop_
_entity_poly_seq.entity_id 
_entity_poly_seq.num 
_entity_poly_seq.mon_id 
_entity_poly_seq.hetero 
1 1   LYS n 
1 2   GLY n 
1 3   PRO n 
1 4   LYS n 
1 5   VAL n 
1 6   THR n 
1 7   ASP n 
1 8   ARG n 
1 9   VAL n 
1 10  TYR n 
1 11  PHE n 
1 12  ASP n 
1 13  MET n 
1 14  GLU n 
1 15  ILE n 
1 16  GLY n 
1 17  GLY n 
1 18  LYS n 
1 19  PRO n 
1 20  ILE n 
1 21  GLY n 
1 22  ARG n 
1 23  ILE n 
1 24  VAL n 
1 25  ILE n 
1 26  GLY n 
1 27  LEU n 
1 28  PHE n 
1 29  GLY n 
1 30  LYS n 
1 31  THR n 
1 32  VAL n 
1 33  PRO n 
1 34  LYS n 
1 35  THR n 
1 36  ALA n 
1 37  THR n 
1 38  ASN n 
1 39  PHE n 
1 40  ILE n 
1 41  GLU n 
1 42  LEU n 
1 43  ALA n 
1 44  LYS n 
1 45  LYS n 
1 46  PRO n 
1 47  LYS n 
1 48  GLY n 
1 49  GLU n 
1 50  GLY n 
1 51  TYR n 
1 52  PRO n 
1 53  GLY n 
1 54  SER n 
1 55  LYS n 
1 56  PHE n 
1 57  HIS n 
1 58  ARG n 
1 59  VAL n 
1 60  ILE n 
1 61  ALA n 
1 62  ASP n 
1 63  PHE n 
1 64  MET n 
1 65  ILE n 
1 66  GLN n 
1 67  GLY n 
1 68  GLY n 
1 69  ASP n 
1 70  PHE n 
1 71  THR n 
1 72  ARG n 
1 73  GLY n 
1 74  ASP n 
1 75  GLY n 
1 76  THR n 
1 77  GLY n 
1 78  GLY n 
1 79  ARG n 
1 80  SER n 
1 81  ILE n 
1 82  TYR n 
1 83  GLY n 
1 84  GLU n 
1 85  LYS n 
1 86  PHE n 
1 87  ALA n 
1 88  ASP n 
1 89  GLU n 
1 90  ASN n 
1 91  PHE n 
1 92  LYS n 
1 93  LEU n 
1 94  LYS n 
1 95  HIS n 
1 96  TYR n 
1 97  GLY n 
1 98  ALA n 
1 99  GLY n 
1 100 TRP n 
1 101 LEU n 
1 102 SER n 
1 103 MET n 
1 104 ALA n 
1 105 ASN n 
1 106 ALA n 
1 107 GLY n 
1 108 ALA n 
1 109 ASP n 
1 110 THR n 
1 111 ASN n 
1 112 GLY n 
1 113 SER n 
1 114 GLN n 
1 115 PHE n 
1 116 PHE n 
1 117 ILE n 
1 118 THR n 
1 119 THR n 
1 120 VAL n 
1 121 LYS n 
1 122 THR n 
1 123 PRO n 
1 124 TRP n 
1 125 LEU n 
1 126 ASP n 
1 127 GLY n 
1 128 ARG n 
1 129 HIS n 
1 130 VAL n 
1 131 VAL n 
1 132 PHE n 
1 133 GLY n 
1 134 LYS n 
1 135 ILE n 
1 136 LEU n 
1 137 GLU n 
1 138 GLY n 
1 139 MET n 
1 140 ASP n 
1 141 VAL n 
1 142 VAL n 
1 143 ARG n 
1 144 LYS n 
1 145 ILE n 
1 146 GLU n 
1 147 GLN n 
1 148 THR n 
1 149 GLU n 
1 150 LYS n 
1 151 LEU n 
1 152 PRO n 
1 153 GLY n 
1 154 ASP n 
1 155 ARG n 
1 156 PRO n 
1 157 LYS n 
1 158 GLN n 
1 159 ASP n 
1 160 VAL n 
1 161 ILE n 
1 162 ILE n 
1 163 ALA n 
1 164 ALA n 
1 165 SER n 
1 166 GLY n 
1 167 HIS n 
1 168 ILE n 
1 169 ALA n 
1 170 VAL n 
1 171 ASP n 
1 172 THR n 
1 173 PRO n 
1 174 PHE n 
1 175 SER n 
1 176 VAL n 
1 177 GLU n 
1 178 ARG n 
1 179 GLU n 
1 180 ALA n 
1 181 VAL n 
1 182 VAL n 
# 
_entity_src_gen.entity_id                          1 
_entity_src_gen.pdbx_src_id                        1 
_entity_src_gen.pdbx_alt_source_flag               sample 
_entity_src_gen.pdbx_seq_type                      ? 
_entity_src_gen.pdbx_beg_seq_num                   ? 
_entity_src_gen.pdbx_end_seq_num                   ? 
_entity_src_gen.gene_src_common_name               ? 
_entity_src_gen.gene_src_genus                     ? 
_entity_src_gen.pdbx_gene_src_gene                 ? 
_entity_src_gen.gene_src_species                   ? 
_entity_src_gen.gene_src_strain                    ? 
_entity_src_gen.gene_src_tissue                    ? 
_entity_src_gen.gene_src_tissue_fraction           ? 
_entity_src_gen.gene_src_details                   ? 
_entity_src_gen.pdbx_gene_src_fragment             ? 
_entity_src_gen.pdbx_gene_src_scientific_name      'CAENORHABDITIS ELEGANS' 
_entity_src_gen.pdbx_gene_src_ncbi_taxonomy_id     6239 
_entity_src_gen.pdbx_gene_src_variant              ? 
_entity_src_gen.pdbx_gene_src_cell_line            ? 
_entity_src_gen.pdbx_gene_src_atcc                 ? 
_entity_src_gen.pdbx_gene_src_organ                ? 
_entity_src_gen.pdbx_gene_src_organelle            ? 
_entity_src_gen.pdbx_gene_src_cell                 ? 
_entity_src_gen.pdbx_gene_src_cellular_location    ? 
_entity_src_gen.host_org_common_name               ? 
_entity_src_gen.pdbx_host_org_scientific_name      'ESCHERICHIA COLI' 
_entity_src_gen.pdbx_host_org_ncbi_taxonomy_id     469008 
_entity_src_gen.host_org_genus                     ? 
_entity_src_gen.pdbx_host_org_gene                 ? 
_entity_src_gen.pdbx_host_org_organ                ? 
_entity_src_gen.host_org_species                   ? 
_entity_src_gen.pdbx_host_org_tissue               ? 
_entity_src_gen.pdbx_host_org_tissue_fraction      ? 
_entity_src_gen.pdbx_host_org_strain               'BL21(DE3)' 
_entity_src_gen.pdbx_host_org_variant              ? 
_entity_src_gen.pdbx_host_org_cell_line            ? 
_entity_src_gen.pdbx_host_org_atcc                 ? 
_entity_src_gen.pdbx_host_org_culture_collection   ? 
_entity_src_gen.pdbx_host_org_cell                 ? 
_entity_src_gen.pdbx_host_org_organelle            ? 
_entity_src_gen.pdbx_host_org_cellular_location    ? 
_entity_src_gen.pdbx_host_org_vector_type          ? 
_entity_src_gen.pdbx_host_org_vector               ? 
_entity_src_gen.host_org_details                   ? 
_entity_src_gen.expression_system_id               ? 
_entity_src_gen.plasmid_name                       PET15B 
_entity_src_gen.plasmid_details                    ? 
_entity_src_gen.pdbx_description                   ? 
# 
_struct_ref.id                         1 
_struct_ref.db_name                    UNP 
_struct_ref.db_code                    CYP5_CAEEL 
_struct_ref.entity_id                  1 
_struct_ref.pdbx_seq_one_letter_code   ? 
_struct_ref.pdbx_align_begin           ? 
_struct_ref.pdbx_db_accession          P52013 
_struct_ref.pdbx_db_isoform            ? 
# 
_struct_ref_seq.align_id                      1 
_struct_ref_seq.ref_id                        1 
_struct_ref_seq.pdbx_PDB_id_code              1H0P 
_struct_ref_seq.pdbx_strand_id                A 
_struct_ref_seq.seq_align_beg                 1 
_struct_ref_seq.pdbx_seq_align_beg_ins_code   ? 
_struct_ref_seq.seq_align_end                 182 
_struct_ref_seq.pdbx_seq_align_end_ins_code   ? 
_struct_ref_seq.pdbx_db_accession             P52013 
_struct_ref_seq.db_align_beg                  23 
_struct_ref_seq.pdbx_db_align_beg_ins_code    ? 
_struct_ref_seq.db_align_end                  204 
_struct_ref_seq.pdbx_db_align_end_ins_code    ? 
_struct_ref_seq.pdbx_auth_seq_align_beg       22 
_struct_ref_seq.pdbx_auth_seq_align_end       203 
# 
_struct_ref_seq_dif.align_id                     1 
_struct_ref_seq_dif.pdbx_pdb_id_code             1H0P 
_struct_ref_seq_dif.mon_id                       ARG 
_struct_ref_seq_dif.pdbx_pdb_strand_id           A 
_struct_ref_seq_dif.seq_num                      8 
_struct_ref_seq_dif.pdbx_pdb_ins_code            ? 
_struct_ref_seq_dif.pdbx_seq_db_name             UNP 
_struct_ref_seq_dif.pdbx_seq_db_accession_code   P52013 
_struct_ref_seq_dif.db_mon_id                    LYS 
_struct_ref_seq_dif.pdbx_seq_db_seq_num          30 
_struct_ref_seq_dif.details                      'engineered mutation' 
_struct_ref_seq_dif.pdbx_auth_seq_num            29 
_struct_ref_seq_dif.pdbx_ordinal                 1 
# 
loop_
_chem_comp.id 
_chem_comp.type 
_chem_comp.mon_nstd_flag 
_chem_comp.name 
_chem_comp.pdbx_synonyms 
_chem_comp.formula 
_chem_comp.formula_weight 
ALA 'L-peptide linking' y ALANINE                        ?                  'C3 H7 N O2'     89.093  
ARG 'L-peptide linking' y ARGININE                       ?                  'C6 H15 N4 O2 1' 175.209 
ASN 'L-peptide linking' y ASPARAGINE                     ?                  'C4 H8 N2 O3'    132.118 
ASP 'L-peptide linking' y 'ASPARTIC ACID'                ?                  'C4 H7 N O4'     133.103 
DTT non-polymer         . 2,3-DIHYDROXY-1,4-DITHIOBUTANE 1,4-DITHIOTHREITOL 'C4 H10 O2 S2'   154.251 
GLN 'L-peptide linking' y GLUTAMINE                      ?                  'C5 H10 N2 O3'   146.144 
GLU 'L-peptide linking' y 'GLUTAMIC ACID'                ?                  'C5 H9 N O4'     147.129 
GLY 'peptide linking'   y GLYCINE                        ?                  'C2 H5 N O2'     75.067  
HIS 'L-peptide linking' y HISTIDINE                      ?                  'C6 H10 N3 O2 1' 156.162 
HOH non-polymer         . WATER                          ?                  'H2 O'           18.015  
ILE 'L-peptide linking' y ISOLEUCINE                     ?                  'C6 H13 N O2'    131.173 
LEU 'L-peptide linking' y LEUCINE                        ?                  'C6 H13 N O2'    131.173 
LYS 'L-peptide linking' y LYSINE                         ?                  'C6 H15 N2 O2 1' 147.195 
MET 'L-peptide linking' y METHIONINE                     ?                  'C5 H11 N O2 S'  149.211 
PHE 'L-peptide linking' y PHENYLALANINE                  ?                  'C9 H11 N O2'    165.189 
PRO 'L-peptide linking' y PROLINE                        ?                  'C5 H9 N O2'     115.130 
SER 'L-peptide linking' y SERINE                         ?                  'C3 H7 N O3'     105.093 
THR 'L-peptide linking' y THREONINE                      ?                  'C4 H9 N O3'     119.119 
TRP 'L-peptide linking' y TRYPTOPHAN                     ?                  'C11 H12 N2 O2'  204.225 
TYR 'L-peptide linking' y TYROSINE                       ?                  'C9 H11 N O3'    181.189 
VAL 'L-peptide linking' y VALINE                         ?                  'C5 H11 N O2'    117.146 
# 
_exptl.entry_id          1H0P 
_exptl.method            'X-RAY DIFFRACTION' 
_exptl.crystals_number   1 
# 
_exptl_crystal.id                    1 
_exptl_crystal.density_meas          ? 
_exptl_crystal.density_Matthews      2.4 
_exptl_crystal.density_percent_sol   47.9 
_exptl_crystal.description           ? 
# 
_exptl_crystal_grow.crystal_id      1 
_exptl_crystal_grow.method          ? 
_exptl_crystal_grow.temp            ? 
_exptl_crystal_grow.temp_details    ? 
_exptl_crystal_grow.pH              6.00 
_exptl_crystal_grow.pdbx_pH_range   ? 
_exptl_crystal_grow.pdbx_details    'PH 6.0, PEG 4000, LITHIUM CHLORIDE' 
# 
_diffrn.id                     1 
_diffrn.ambient_temp           100.0 
_diffrn.ambient_temp_details   ? 
_diffrn.crystal_id             1 
# 
_diffrn_detector.diffrn_id              1 
_diffrn_detector.detector               CCD 
_diffrn_detector.type                   'ADSC CCD' 
_diffrn_detector.pdbx_collection_date   ? 
_diffrn_detector.details                ? 
# 
_diffrn_radiation.diffrn_id                        1 
_diffrn_radiation.wavelength_id                    1 
_diffrn_radiation.pdbx_monochromatic_or_laue_m_l   M 
_diffrn_radiation.monochromator                    ? 
_diffrn_radiation.pdbx_diffrn_protocol             'SINGLE WAVELENGTH' 
_diffrn_radiation.pdbx_scattering_type             x-ray 
# 
_diffrn_radiation_wavelength.id           1 
_diffrn_radiation_wavelength.wavelength   1.488 
_diffrn_radiation_wavelength.wt           1.0 
# 
_diffrn_source.diffrn_id                   1 
_diffrn_source.source                      SYNCHROTRON 
_diffrn_source.type                        'SRS BEAMLINE PX14.1' 
_diffrn_source.pdbx_synchrotron_site       SRS 
_diffrn_source.pdbx_synchrotron_beamline   PX14.1 
_diffrn_source.pdbx_wavelength             1.488 
_diffrn_source.pdbx_wavelength_list        ? 
# 
_reflns.pdbx_diffrn_id               1 
_reflns.pdbx_ordinal                 1 
_reflns.entry_id                     1H0P 
_reflns.observed_criterion_sigma_I   3.000 
_reflns.observed_criterion_sigma_F   ? 
_reflns.d_resolution_low             24.000 
_reflns.d_resolution_high            1.750 
_reflns.number_obs                   21525 
_reflns.number_all                   ? 
_reflns.percent_possible_obs         99.9 
_reflns.pdbx_Rmerge_I_obs            0.08600 
_reflns.pdbx_Rsym_value              ? 
_reflns.pdbx_netI_over_sigmaI        27.7000 
_reflns.B_iso_Wilson_estimate        ? 
_reflns.pdbx_redundancy              9.500 
# 
_reflns_shell.pdbx_diffrn_id         1 
_reflns_shell.pdbx_ordinal           1 
_reflns_shell.d_res_high             1.75 
_reflns_shell.d_res_low              1.78 
_reflns_shell.percent_possible_all   100.0 
_reflns_shell.Rmerge_I_obs           0.53000 
_reflns_shell.pdbx_Rsym_value        ? 
_reflns_shell.meanI_over_sigI_obs    3.700 
_reflns_shell.pdbx_redundancy        7.50 
# 
_refine.pdbx_refine_id                           'X-RAY DIFFRACTION' 
_refine.entry_id                                 1H0P 
_refine.pdbx_diffrn_id                           1 
_refine.pdbx_TLS_residual_ADP_flag               ? 
_refine.ls_number_reflns_obs                     ? 
_refine.ls_number_reflns_all                     21525 
_refine.pdbx_ls_sigma_I                          ? 
_refine.pdbx_ls_sigma_F                          0.0 
_refine.pdbx_data_cutoff_high_absF               ? 
_refine.pdbx_data_cutoff_low_absF                ? 
_refine.pdbx_data_cutoff_high_rms_absF           ? 
_refine.ls_d_res_low                             10.00 
_refine.ls_d_res_high                            1.75 
_refine.ls_percent_reflns_obs                    94.8 
_refine.ls_R_factor_obs                          0.182 
_refine.ls_R_factor_all                          0.180 
_refine.ls_R_factor_R_work                       ? 
_refine.ls_R_factor_R_free                       0.250 
_refine.ls_R_factor_R_free_error                 ? 
_refine.ls_R_factor_R_free_error_details         ? 
_refine.ls_percent_reflns_R_free                 5.4 
_refine.ls_number_reflns_R_free                  1087 
_refine.ls_number_parameters                     6488 
_refine.ls_number_restraints                     5794 
_refine.occupancy_min                            ? 
_refine.occupancy_max                            ? 
_refine.correlation_coeff_Fo_to_Fc               ? 
_refine.correlation_coeff_Fo_to_Fc_free          ? 
_refine.B_iso_mean                               ? 
_refine.aniso_B[1][1]                            ? 
_refine.aniso_B[2][2]                            ? 
_refine.aniso_B[3][3]                            ? 
_refine.aniso_B[1][2]                            ? 
_refine.aniso_B[1][3]                            ? 
_refine.aniso_B[2][3]                            ? 
_refine.solvent_model_details                    'MOEWS & KRETSINGER' 
_refine.solvent_model_param_ksol                 ? 
_refine.solvent_model_param_bsol                 ? 
_refine.pdbx_solvent_vdw_probe_radii             ? 
_refine.pdbx_solvent_ion_probe_radii             ? 
_refine.pdbx_solvent_shrinkage_radii             ? 
_refine.pdbx_ls_cross_valid_method               'FREE R-VALUE' 
_refine.details                                  ? 
_refine.pdbx_starting_model                      'PDB ENTRY 1E8K' 
_refine.pdbx_method_to_determine_struct          'MOLECULAR REPLACEMENT' 
_refine.pdbx_isotropic_thermal_model             ? 
_refine.pdbx_stereochemistry_target_values       'ENGH AND HUBER' 
_refine.pdbx_stereochem_target_val_spec_case     ? 
_refine.pdbx_R_Free_selection_details            RANDOM 
_refine.pdbx_overall_ESU_R                       ? 
_refine.pdbx_overall_ESU_R_Free                  ? 
_refine.overall_SU_ML                            ? 
_refine.pdbx_overall_phase_error                 ? 
_refine.overall_SU_B                             ? 
_refine.overall_SU_R_Cruickshank_DPI             ? 
_refine.pdbx_overall_SU_R_free_Cruickshank_DPI   ? 
_refine.pdbx_overall_SU_R_Blow_DPI               ? 
_refine.pdbx_overall_SU_R_free_Blow_DPI          ? 
# 
_refine_analyze.pdbx_refine_id                  'X-RAY DIFFRACTION' 
_refine_analyze.entry_id                        1H0P 
_refine_analyze.Luzzati_coordinate_error_obs    ? 
_refine_analyze.Luzzati_sigma_a_obs             ? 
_refine_analyze.Luzzati_d_res_low_obs           ? 
_refine_analyze.Luzzati_coordinate_error_free   ? 
_refine_analyze.Luzzati_sigma_a_free            ? 
_refine_analyze.Luzzati_d_res_low_free          ? 
_refine_analyze.number_disordered_residues      2 
_refine_analyze.occupancy_sum_hydrogen          ? 
_refine_analyze.occupancy_sum_non_hydrogen      1608.3 
# 
_refine_hist.pdbx_refine_id                   'X-RAY DIFFRACTION' 
_refine_hist.cycle_id                         LAST 
_refine_hist.pdbx_number_atoms_protein        1402 
_refine_hist.pdbx_number_atoms_nucleic_acid   0 
_refine_hist.pdbx_number_atoms_ligand         8 
_refine_hist.number_atoms_solvent             201 
_refine_hist.number_atoms_total               1611 
_refine_hist.d_res_high                       1.75 
_refine_hist.d_res_low                        10.00 
# 
loop_
_refine_ls_restr.type 
_refine_ls_restr.dev_ideal 
_refine_ls_restr.dev_ideal_target 
_refine_ls_restr.weight 
_refine_ls_restr.number 
_refine_ls_restr.pdbx_refine_id 
_refine_ls_restr.pdbx_restraint_function 
s_bond_d               0.007  ? ? ? 'X-RAY DIFFRACTION' ? 
s_angle_d              0.023  ? ? ? 'X-RAY DIFFRACTION' ? 
s_similar_dist         0.000  ? ? ? 'X-RAY DIFFRACTION' ? 
s_from_restr_planes    0.0271 ? ? ? 'X-RAY DIFFRACTION' ? 
s_zero_chiral_vol      0.035  ? ? ? 'X-RAY DIFFRACTION' ? 
s_non_zero_chiral_vol  0.049  ? ? ? 'X-RAY DIFFRACTION' ? 
s_anti_bump_dis_restr  0.016  ? ? ? 'X-RAY DIFFRACTION' ? 
s_rigid_bond_adp_cmpnt 0.000  ? ? ? 'X-RAY DIFFRACTION' ? 
s_similar_adp_cmpnt    0.069  ? ? ? 'X-RAY DIFFRACTION' ? 
s_approx_iso_adps      0.000  ? ? ? 'X-RAY DIFFRACTION' ? 
# 
_pdbx_refine.pdbx_refine_id                              'X-RAY DIFFRACTION' 
_pdbx_refine.entry_id                                    1H0P 
_pdbx_refine.R_factor_all_no_cutoff                      0.180 
_pdbx_refine.R_factor_obs_no_cutoff                      0.182 
_pdbx_refine.free_R_factor_no_cutoff                     0.250 
_pdbx_refine.free_R_error_no_cutoff                      ? 
_pdbx_refine.free_R_val_test_set_size_perc_no_cutoff     5.4 
_pdbx_refine.free_R_val_test_set_ct_no_cutoff            1087 
_pdbx_refine.R_factor_all_4sig_cutoff                    0.169 
_pdbx_refine.R_factor_obs_4sig_cutoff                    0.172 
_pdbx_refine.free_R_factor_4sig_cutoff                   0.236 
_pdbx_refine.free_R_val_test_set_size_perc_4sig_cutoff   5.4 
_pdbx_refine.free_R_val_test_set_ct_4sig_cutoff          919 
_pdbx_refine.number_reflns_obs_4sig_cutoff               17035 
# 
_struct.entry_id                  1H0P 
_struct.title                     'Cyclophilin_5 from C. elegans' 
_struct.pdbx_model_details        ? 
_struct.pdbx_CASP_flag            ? 
_struct.pdbx_model_type_details   ? 
# 
_struct_keywords.entry_id        1H0P 
_struct_keywords.pdbx_keywords   ISOMERASE 
_struct_keywords.text            'ISOMERASE, ROTAMASE' 
# 
loop_
_struct_asym.id 
_struct_asym.pdbx_blank_PDB_chainid_flag 
_struct_asym.pdbx_modified 
_struct_asym.entity_id 
_struct_asym.details 
A N N 1 ? 
B N N 2 ? 
C N N 3 ? 
# 
_struct_biol.id   1 
# 
loop_
_struct_conf.conf_type_id 
_struct_conf.id 
_struct_conf.pdbx_PDB_helix_id 
_struct_conf.beg_label_comp_id 
_struct_conf.beg_label_asym_id 
_struct_conf.beg_label_seq_id 
_struct_conf.pdbx_beg_PDB_ins_code 
_struct_conf.end_label_comp_id 
_struct_conf.end_label_asym_id 
_struct_conf.end_label_seq_id 
_struct_conf.pdbx_end_PDB_ins_code 
_struct_conf.beg_auth_comp_id 
_struct_conf.beg_auth_asym_id 
_struct_conf.beg_auth_seq_id 
_struct_conf.end_auth_comp_id 
_struct_conf.end_auth_asym_id 
_struct_conf.end_auth_seq_id 
_struct_conf.pdbx_PDB_helix_class 
_struct_conf.details 
_struct_conf.pdbx_PDB_helix_length 
HELX_P HELX_P1 1 VAL A 32  ? LYS A 45  ? VAL A 53  LYS A 66  1 ? 14 
HELX_P HELX_P2 2 THR A 122 ? ASP A 126 ? THR A 143 ASP A 147 5 ? 5  
HELX_P HELX_P3 3 GLY A 138 ? GLN A 147 ? GLY A 159 GLN A 168 1 ? 10 
# 
_struct_conf_type.id          HELX_P 
_struct_conf_type.criteria    ? 
_struct_conf_type.reference   ? 
# 
loop_
_struct_sheet.id 
_struct_sheet.type 
_struct_sheet.number_strands 
_struct_sheet.details 
AA ? 8 ? 
AB ? 2 ? 
# 
loop_
_struct_sheet_order.sheet_id 
_struct_sheet_order.range_id_1 
_struct_sheet_order.range_id_2 
_struct_sheet_order.offset 
_struct_sheet_order.sense 
AA 1 2 ? anti-parallel 
AA 2 3 ? anti-parallel 
AA 3 4 ? anti-parallel 
AA 4 5 ? anti-parallel 
AA 5 6 ? anti-parallel 
AA 6 7 ? anti-parallel 
AA 7 8 ? anti-parallel 
AB 1 2 ? anti-parallel 
# 
loop_
_struct_sheet_range.sheet_id 
_struct_sheet_range.id 
_struct_sheet_range.beg_label_comp_id 
_struct_sheet_range.beg_label_asym_id 
_struct_sheet_range.beg_label_seq_id 
_struct_sheet_range.pdbx_beg_PDB_ins_code 
_struct_sheet_range.end_label_comp_id 
_struct_sheet_range.end_label_asym_id 
_struct_sheet_range.end_label_seq_id 
_struct_sheet_range.pdbx_end_PDB_ins_code 
_struct_sheet_range.beg_auth_comp_id 
_struct_sheet_range.beg_auth_asym_id 
_struct_sheet_range.beg_auth_seq_id 
_struct_sheet_range.end_auth_comp_id 
_struct_sheet_range.end_auth_asym_id 
_struct_sheet_range.end_auth_seq_id 
AA 1 ARG A 58  ? ILE A 60  ? ARG A 79  ILE A 81  
AA 2 MET A 64  ? GLY A 67  ? MET A 85  GLY A 88  
AA 3 PHE A 115 ? THR A 118 ? PHE A 136 THR A 139 
AA 4 TRP A 100 ? MET A 103 ? TRP A 121 MET A 124 
AA 5 VAL A 131 ? GLU A 137 ? VAL A 152 GLU A 158 
AA 6 LYS A 18  ? LEU A 27  ? LYS A 39  LEU A 48  
AA 7 LYS A 4   ? ILE A 15  ? LYS A 25  ILE A 36  
AA 8 VAL A 160 ? SER A 175 ? VAL A 181 SER A 196 
AB 1 LYS A 150 ? LEU A 151 ? LYS A 171 LEU A 172 
AB 2 ARG A 155 ? PRO A 156 ? ARG A 176 PRO A 177 
# 
loop_
_pdbx_struct_sheet_hbond.sheet_id 
_pdbx_struct_sheet_hbond.range_id_1 
_pdbx_struct_sheet_hbond.range_id_2 
_pdbx_struct_sheet_hbond.range_1_label_atom_id 
_pdbx_struct_sheet_hbond.range_1_label_comp_id 
_pdbx_struct_sheet_hbond.range_1_label_asym_id 
_pdbx_struct_sheet_hbond.range_1_label_seq_id 
_pdbx_struct_sheet_hbond.range_1_PDB_ins_code 
_pdbx_struct_sheet_hbond.range_1_auth_atom_id 
_pdbx_struct_sheet_hbond.range_1_auth_comp_id 
_pdbx_struct_sheet_hbond.range_1_auth_asym_id 
_pdbx_struct_sheet_hbond.range_1_auth_seq_id 
_pdbx_struct_sheet_hbond.range_2_label_atom_id 
_pdbx_struct_sheet_hbond.range_2_label_comp_id 
_pdbx_struct_sheet_hbond.range_2_label_asym_id 
_pdbx_struct_sheet_hbond.range_2_label_seq_id 
_pdbx_struct_sheet_hbond.range_2_PDB_ins_code 
_pdbx_struct_sheet_hbond.range_2_auth_atom_id 
_pdbx_struct_sheet_hbond.range_2_auth_comp_id 
_pdbx_struct_sheet_hbond.range_2_auth_asym_id 
_pdbx_struct_sheet_hbond.range_2_auth_seq_id 
AA 1 2 N ILE A 60  ? N ILE A 81  O MET A 64  ? O MET A 85  
AA 2 3 N GLY A 67  ? N GLY A 88  O PHE A 115 ? O PHE A 136 
AA 3 4 N THR A 118 ? N THR A 139 O TRP A 100 ? O TRP A 121 
AA 4 5 O LEU A 101 ? O LEU A 122 N PHE A 132 ? N PHE A 153 
AA 5 6 N LEU A 136 ? N LEU A 157 O VAL A 24  ? O VAL A 45  
AA 6 7 O LEU A 27  ? O LEU A 48  N THR A 6   ? N THR A 27  
AA 7 8 N GLU A 14  ? N GLU A 35  O ILE A 161 ? O ILE A 182 
AB 1 2 N LEU A 151 ? N LEU A 172 O ARG A 155 ? O ARG A 176 
# 
_struct_site.id                   AC1 
_struct_site.pdbx_evidence_code   Software 
_struct_site.pdbx_auth_asym_id    ? 
_struct_site.pdbx_auth_comp_id    ? 
_struct_site.pdbx_auth_seq_id     ? 
_struct_site.pdbx_auth_ins_code   ? 
_struct_site.pdbx_num_residues    6 
_struct_site.details              'BINDING SITE FOR RESIDUE DTT A1204' 
# 
loop_
_struct_site_gen.id 
_struct_site_gen.site_id 
_struct_site_gen.pdbx_num_res 
_struct_site_gen.label_comp_id 
_struct_site_gen.label_asym_id 
_struct_site_gen.label_seq_id 
_struct_site_gen.pdbx_auth_ins_code 
_struct_site_gen.auth_comp_id 
_struct_site_gen.auth_asym_id 
_struct_site_gen.auth_seq_id 
_struct_site_gen.label_atom_id 
_struct_site_gen.label_alt_id 
_struct_site_gen.symmetry 
_struct_site_gen.details 
1 AC1 6 ARG A 58  ? ARG A 79   . ? 1_555 ? 
2 AC1 6 ASN A 105 ? ASN A 126  . ? 1_555 ? 
3 AC1 6 LEU A 125 ? LEU A 146  . ? 1_555 ? 
4 AC1 6 ARG A 128 ? ARG A 149  . ? 1_555 ? 
5 AC1 6 HIS A 129 ? HIS A 150  . ? 1_555 ? 
6 AC1 6 HOH C .   ? HOH A 2138 . ? 1_555 ? 
# 
_atom_sites.entry_id                    1H0P 
_atom_sites.fract_transf_matrix[1][1]   0.00229827 
_atom_sites.fract_transf_matrix[1][2]   0.00077917 
_atom_sites.fract_transf_matrix[1][3]   -0.01202611 
_atom_sites.fract_transf_matrix[2][1]   0.01157164 
_atom_sites.fract_transf_matrix[2][2]   -0.00030343 
_atom_sites.fract_transf_matrix[2][3]   -0.00406613 
_atom_sites.fract_transf_matrix[3][1]   -0.00126814 
_atom_sites.fract_transf_matrix[3][2]   -0.02414831 
_atom_sites.fract_transf_matrix[3][3]   -0.00180691 
_atom_sites.fract_transf_vector[1]      0.803301 
_atom_sites.fract_transf_vector[2]      0.216891 
_atom_sites.fract_transf_vector[3]      0.167451 
# 
loop_
_atom_type.symbol 
C 
N 
O 
S 
# 
loop_
_atom_site.group_PDB 
_atom_site.id 
_atom_site.type_symbol 
_atom_site.label_atom_id 
_atom_site.label_alt_id 
_atom_site.label_comp_id 
_atom_site.label_asym_id 
_atom_site.label_entity_id 
_atom_site.label_seq_id 
_atom_site.pdbx_PDB_ins_code 
_atom_site.Cartn_x 
_atom_site.Cartn_y 
_atom_site.Cartn_z 
_atom_site.occupancy 
_atom_site.B_iso_or_equiv 
_atom_site.pdbx_formal_charge 
_atom_site.auth_seq_id 
_atom_site.auth_comp_id 
_atom_site.auth_asym_id 
_atom_site.auth_atom_id 
_atom_site.pdbx_PDB_model_num 
ATOM   1    N N   . LYS A 1 1   ? 4.677   -12.932 -18.660 1.00 64.60  ? 22   LYS A N   1 
ATOM   2    C CA  . LYS A 1 1   ? 4.427   -14.015 -17.721 1.00 60.02  ? 22   LYS A CA  1 
ATOM   3    C C   . LYS A 1 1   ? 4.048   -13.471 -16.342 1.00 59.48  ? 22   LYS A C   1 
ATOM   4    O O   . LYS A 1 1   ? 3.523   -14.205 -15.500 1.00 68.73  ? 22   LYS A O   1 
ATOM   5    C CB  . LYS A 1 1   ? 5.657   -14.923 -17.587 1.00 54.60  ? 22   LYS A CB  1 
ATOM   6    C CG  . LYS A 1 1   ? 5.309   -16.403 -17.629 1.00 61.28  ? 22   LYS A CG  1 
ATOM   7    C CD  . LYS A 1 1   ? 6.459   -17.251 -17.092 1.00 65.39  ? 22   LYS A CD  1 
ATOM   8    C CE  . LYS A 1 1   ? 7.683   -17.144 -17.993 1.00 67.28  ? 22   LYS A CE  1 
ATOM   9    N NZ  . LYS A 1 1   ? 7.456   -17.805 -19.307 1.00 95.51  ? 22   LYS A NZ  1 
ATOM   10   N N   . GLY A 1 2   ? 4.322   -12.184 -16.143 1.00 40.82  ? 23   GLY A N   1 
ATOM   11   C CA  . GLY A 1 2   ? 3.997   -11.500 -14.906 1.00 29.79  ? 23   GLY A CA  1 
ATOM   12   C C   . GLY A 1 2   ? 2.513   -11.486 -14.616 1.00 20.25  ? 23   GLY A C   1 
ATOM   13   O O   . GLY A 1 2   ? 1.648   -11.690 -15.462 1.00 25.52  ? 23   GLY A O   1 
ATOM   14   N N   . PRO A 1 3   ? 2.192   -11.217 -13.361 1.00 18.96  ? 24   PRO A N   1 
ATOM   15   C CA  . PRO A 1 3   ? 0.812   -11.062 -12.910 1.00 24.23  ? 24   PRO A CA  1 
ATOM   16   C C   . PRO A 1 3   ? 0.197   -9.832  -13.581 1.00 24.17  ? 24   PRO A C   1 
ATOM   17   O O   . PRO A 1 3   ? 0.933   -8.894  -13.900 1.00 21.78  ? 24   PRO A O   1 
ATOM   18   C CB  . PRO A 1 3   ? 0.953   -10.834 -11.403 1.00 22.55  ? 24   PRO A CB  1 
ATOM   19   C CG  . PRO A 1 3   ? 2.329   -10.269 -11.257 1.00 25.06  ? 24   PRO A CG  1 
ATOM   20   C CD  . PRO A 1 3   ? 3.180   -11.013 -12.272 1.00 25.05  ? 24   PRO A CD  1 
ATOM   21   N N   . LYS A 1 4   ? -1.109  -9.875  -13.803 1.00 21.10  ? 25   LYS A N   1 
ATOM   22   C CA  . LYS A 1 4   ? -1.826  -8.872  -14.564 1.00 19.72  ? 25   LYS A CA  1 
ATOM   23   C C   . LYS A 1 4   ? -2.402  -7.758  -13.705 1.00 21.45  ? 25   LYS A C   1 
ATOM   24   O O   . LYS A 1 4   ? -3.141  -7.993  -12.751 1.00 18.53  ? 25   LYS A O   1 
ATOM   25   C CB  . LYS A 1 4   ? -2.977  -9.522  -15.345 1.00 23.06  ? 25   LYS A CB  1 
ATOM   26   C CG  . LYS A 1 4   ? -2.507  -10.402 -16.497 1.00 35.17  ? 25   LYS A CG  1 
ATOM   27   C CD  . LYS A 1 4   ? -2.171  -9.548  -17.713 1.00 61.65  ? 25   LYS A CD  1 
ATOM   28   C CE  . LYS A 1 4   ? -1.975  -10.360 -18.984 1.00 62.58  ? 25   LYS A CE  1 
ATOM   29   N NZ  . LYS A 1 4   ? -0.857  -9.856  -19.833 1.00 43.81  ? 25   LYS A NZ  1 
ATOM   30   N N   . VAL A 1 5   ? -2.064  -6.519  -14.085 1.00 22.69  ? 26   VAL A N   1 
ATOM   31   C CA  . VAL A 1 5   ? -2.733  -5.352  -13.512 1.00 18.86  ? 26   VAL A CA  1 
ATOM   32   C C   . VAL A 1 5   ? -4.130  -5.177  -14.113 1.00 22.90  ? 26   VAL A C   1 
ATOM   33   O O   . VAL A 1 5   ? -4.282  -5.043  -15.334 1.00 23.10  ? 26   VAL A O   1 
ATOM   34   C CB  . VAL A 1 5   ? -1.929  -4.054  -13.739 1.00 21.89  ? 26   VAL A CB  1 
ATOM   35   C CG1 . VAL A 1 5   ? -2.742  -2.849  -13.295 1.00 21.04  ? 26   VAL A CG1 1 
ATOM   36   C CG2 . VAL A 1 5   ? -0.618  -4.120  -12.989 1.00 19.05  ? 26   VAL A CG2 1 
ATOM   37   N N   . THR A 1 6   ? -5.145  -5.182  -13.264 1.00 18.06  ? 27   THR A N   1 
ATOM   38   C CA  . THR A 1 6   ? -6.540  -5.101  -13.637 1.00 19.53  ? 27   THR A CA  1 
ATOM   39   C C   . THR A 1 6   ? -7.188  -3.785  -13.228 1.00 20.96  ? 27   THR A C   1 
ATOM   40   O O   . THR A 1 6   ? -8.276  -3.454  -13.701 1.00 23.46  ? 27   THR A O   1 
ATOM   41   C CB  . THR A 1 6   ? -7.352  -6.244  -12.973 1.00 22.95  ? 27   THR A CB  1 
ATOM   42   O OG1 . THR A 1 6   ? -7.205  -6.132  -11.551 1.00 22.03  ? 27   THR A OG1 1 
ATOM   43   C CG2 . THR A 1 6   ? -6.802  -7.592  -13.392 1.00 17.95  ? 27   THR A CG2 1 
ATOM   44   N N   . ASP A 1 7   ? -6.543  -3.043  -12.343 1.00 22.16  ? 28   ASP A N   1 
ATOM   45   C CA  . ASP A 1 7   ? -7.081  -1.840  -11.734 1.00 19.23  ? 28   ASP A CA  1 
ATOM   46   C C   . ASP A 1 7   ? -5.955  -0.895  -11.320 1.00 18.72  ? 28   ASP A C   1 
ATOM   47   O O   . ASP A 1 7   ? -4.874  -1.379  -10.996 1.00 18.75  ? 28   ASP A O   1 
ATOM   48   C CB  . ASP A 1 7   ? -7.842  -2.155  -10.440 1.00 18.68  ? 28   ASP A CB  1 
ATOM   49   C CG  . ASP A 1 7   ? -9.121  -2.938  -10.651 1.00 31.24  ? 28   ASP A CG  1 
ATOM   50   O OD1 . ASP A 1 7   ? -9.089  -4.191  -10.651 1.00 28.79  ? 28   ASP A OD1 1 
ATOM   51   O OD2 . ASP A 1 7   ? -10.176 -2.288  -10.807 1.00 22.61  ? 28   ASP A OD2 1 
ATOM   52   N N   . ARG A 1 8   ? -6.231  0.401   -11.308 1.00 21.51  ? 29   ARG A N   1 
ATOM   53   C CA  . ARG A 1 8   ? -5.264  1.337   -10.746 1.00 20.56  ? 29   ARG A CA  1 
ATOM   54   C C   . ARG A 1 8   ? -5.836  2.078   -9.545  1.00 15.92  ? 29   ARG A C   1 
ATOM   55   O O   . ARG A 1 8   ? -7.026  2.400   -9.492  1.00 18.20  ? 29   ARG A O   1 
ATOM   56   C CB  . ARG A 1 8   ? -4.866  2.386   -11.784 1.00 18.70  ? 29   ARG A CB  1 
ATOM   57   C CG  . ARG A 1 8   ? -3.976  1.854   -12.887 1.00 24.14  ? 29   ARG A CG  1 
ATOM   58   C CD  . ARG A 1 8   ? -3.650  3.043   -13.800 1.00 32.86  ? 29   ARG A CD  1 
ATOM   59   N NE  . ARG A 1 8   ? -2.551  2.694   -14.704 1.00 34.12  ? 29   ARG A NE  1 
ATOM   60   C CZ  . ARG A 1 8   ? -2.854  2.308   -15.943 1.00 39.27  ? 29   ARG A CZ  1 
ATOM   61   N NH1 . ARG A 1 8   ? -4.144  2.284   -16.242 1.00 33.95  ? 29   ARG A NH1 1 
ATOM   62   N NH2 . ARG A 1 8   ? -1.906  1.979   -16.803 1.00 30.04  ? 29   ARG A NH2 1 
ATOM   63   N N   . VAL A 1 9   ? -4.950  2.376   -8.598  1.00 15.12  ? 30   VAL A N   1 
ATOM   64   C CA  . VAL A 1 9   ? -5.365  3.280   -7.526  1.00 21.10  ? 30   VAL A CA  1 
ATOM   65   C C   . VAL A 1 9   ? -4.362  4.432   -7.450  1.00 18.49  ? 30   VAL A C   1 
ATOM   66   O O   . VAL A 1 9   ? -3.172  4.177   -7.666  1.00 21.52  ? 30   VAL A O   1 
ATOM   67   C CB  . VAL A 1 9   ? -5.513  2.566   -6.173  1.00 21.21  ? 30   VAL A CB  1 
ATOM   68   C CG1 . VAL A 1 9   ? -5.458  3.577   -5.041  1.00 22.45  ? 30   VAL A CG1 1 
ATOM   69   C CG2 . VAL A 1 9   ? -6.820  1.766   -6.139  1.00 20.41  ? 30   VAL A CG2 1 
ATOM   70   N N   . TYR A 1 10  ? -4.823  5.660   -7.181  1.00 17.93  ? 31   TYR A N   1 
ATOM   71   C CA  . TYR A 1 10  ? -3.881  6.759   -7.005  1.00 13.25  ? 31   TYR A CA  1 
ATOM   72   C C   . TYR A 1 10  ? -3.932  7.257   -5.560  1.00 14.51  ? 31   TYR A C   1 
ATOM   73   O O   . TYR A 1 10  ? -5.000  7.177   -4.978  1.00 18.34  ? 31   TYR A O   1 
ATOM   74   C CB  . TYR A 1 10  ? -4.138  7.944   -7.936  1.00 20.49  ? 31   TYR A CB  1 
ATOM   75   C CG  . TYR A 1 10  ? -5.455  8.654   -7.736  1.00 23.25  ? 31   TYR A CG  1 
ATOM   76   C CD1 . TYR A 1 10  ? -5.662  9.714   -6.861  1.00 27.13  ? 31   TYR A CD1 1 
ATOM   77   C CD2 . TYR A 1 10  ? -6.550  8.229   -8.493  1.00 27.89  ? 31   TYR A CD2 1 
ATOM   78   C CE1 . TYR A 1 10  ? -6.880  10.336  -6.707  1.00 22.47  ? 31   TYR A CE1 1 
ATOM   79   C CE2 . TYR A 1 10  ? -7.781  8.843   -8.359  1.00 32.61  ? 31   TYR A CE2 1 
ATOM   80   C CZ  . TYR A 1 10  ? -7.936  9.889   -7.476  1.00 25.19  ? 31   TYR A CZ  1 
ATOM   81   O OH  . TYR A 1 10  ? -9.167  10.477  -7.354  1.00 33.92  ? 31   TYR A OH  1 
ATOM   82   N N   . PHE A 1 11  ? -2.806  7.788   -5.097  1.00 16.04  ? 32   PHE A N   1 
ATOM   83   C CA  . PHE A 1 11  ? -2.696  8.497   -3.839  1.00 17.44  ? 32   PHE A CA  1 
ATOM   84   C C   . PHE A 1 11  ? -2.016  9.844   -4.166  1.00 18.49  ? 32   PHE A C   1 
ATOM   85   O O   . PHE A 1 11  ? -0.905  9.817   -4.687  1.00 19.58  ? 32   PHE A O   1 
ATOM   86   C CB  . PHE A 1 11  ? -1.864  7.785   -2.792  1.00 18.53  ? 32   PHE A CB  1 
ATOM   87   C CG  . PHE A 1 11  ? -2.336  6.452   -2.235  1.00 19.62  ? 32   PHE A CG  1 
ATOM   88   C CD1 . PHE A 1 11  ? -3.669  6.093   -2.245  1.00 19.36  ? 32   PHE A CD1 1 
ATOM   89   C CD2 . PHE A 1 11  ? -1.402  5.576   -1.689  1.00 20.28  ? 32   PHE A CD2 1 
ATOM   90   C CE1 . PHE A 1 11  ? -4.103  4.881   -1.710  1.00 20.24  ? 32   PHE A CE1 1 
ATOM   91   C CE2 . PHE A 1 11  ? -1.814  4.365   -1.155  1.00 17.57  ? 32   PHE A CE2 1 
ATOM   92   C CZ  . PHE A 1 11  ? -3.154  4.036   -1.167  1.00 19.48  ? 32   PHE A CZ  1 
ATOM   93   N N   . ASP A 1 12  ? -2.691  10.942  -3.855  1.00 19.14  ? 33   ASP A N   1 
ATOM   94   C CA  . ASP A 1 12  ? -2.042  12.262  -3.925  1.00 21.59  ? 33   ASP A CA  1 
ATOM   95   C C   . ASP A 1 12  ? -1.488  12.547  -2.536  1.00 15.70  ? 33   ASP A C   1 
ATOM   96   O O   . ASP A 1 12  ? -2.241  12.684  -1.572  1.00 21.22  ? 33   ASP A O   1 
ATOM   97   C CB  . ASP A 1 12  ? -3.026  13.340  -4.392  1.00 19.40  ? 33   ASP A CB  1 
ATOM   98   C CG  . ASP A 1 12  ? -3.436  13.170  -5.849  1.00 16.86  ? 33   ASP A CG  1 
ATOM   99   O OD1 . ASP A 1 12  ? -2.542  13.104  -6.716  1.00 25.07  ? 33   ASP A OD1 1 
ATOM   100  O OD2 . ASP A 1 12  ? -4.656  13.090  -6.109  1.00 22.83  ? 33   ASP A OD2 1 
ATOM   101  N N   . MET A 1 13  ? -0.163  12.612  -2.455  1.00 15.78  ? 34   MET A N   1 
ATOM   102  C CA  . MET A 1 13  ? 0.553   12.644  -1.212  1.00 13.89  ? 34   MET A CA  1 
ATOM   103  C C   . MET A 1 13  ? 0.985   14.066  -0.822  1.00 19.73  ? 34   MET A C   1 
ATOM   104  O O   . MET A 1 13  ? 1.350   14.845  -1.706  1.00 20.01  ? 34   MET A O   1 
ATOM   105  C CB  . MET A 1 13  ? 1.818   11.769  -1.282  1.00 18.27  ? 34   MET A CB  1 
ATOM   106  C CG  . MET A 1 13  ? 1.516   10.297  -1.584  1.00 17.90  ? 34   MET A CG  1 
ATOM   107  S SD  . MET A 1 13  ? 0.280   9.583   -0.481  1.00 18.91  ? 34   MET A SD  1 
ATOM   108  C CE  . MET A 1 13  ? 0.951   10.074  1.110   1.00 17.86  ? 34   MET A CE  1 
ATOM   109  N N   . GLU A 1 14  ? 0.941   14.300  0.480   1.00 21.28  ? 35   GLU A N   1 
ATOM   110  C CA  . GLU A 1 14  ? 1.450   15.531  1.081   1.00 22.62  ? 35   GLU A CA  1 
ATOM   111  C C   . GLU A 1 14  ? 2.245   15.219  2.343   1.00 24.18  ? 35   GLU A C   1 
ATOM   112  O O   . GLU A 1 14  ? 1.851   14.337  3.116   1.00 23.48  ? 35   GLU A O   1 
ATOM   113  C CB  . GLU A 1 14  ? 0.307   16.486  1.450   1.00 18.22  ? 35   GLU A CB  1 
ATOM   114  C CG  . GLU A 1 14  ? -0.589  16.907  0.311   1.00 17.81  ? 35   GLU A CG  1 
ATOM   115  C CD  . GLU A 1 14  ? -1.633  17.922  0.756   1.00 28.36  ? 35   GLU A CD  1 
ATOM   116  O OE1 . GLU A 1 14  ? -1.690  18.233  1.964   1.00 30.93  ? 35   GLU A OE1 1 
ATOM   117  O OE2 . GLU A 1 14  ? -2.398  18.397  -0.118  1.00 38.86  ? 35   GLU A OE2 1 
ATOM   118  N N   . ILE A 1 15  ? 3.334   15.951  2.561   1.00 18.19  ? 36   ILE A N   1 
ATOM   119  C CA  . ILE A 1 15  ? 4.042   15.857  3.829   1.00 18.81  ? 36   ILE A CA  1 
ATOM   120  C C   . ILE A 1 15  ? 3.980   17.203  4.567   1.00 17.82  ? 36   ILE A C   1 
ATOM   121  O O   . ILE A 1 15  ? 4.481   18.182  4.018   1.00 20.54  ? 36   ILE A O   1 
ATOM   122  C CB  . ILE A 1 15  ? 5.505   15.449  3.589   1.00 18.76  ? 36   ILE A CB  1 
ATOM   123  C CG1 . ILE A 1 15  ? 5.598   14.087  2.893   1.00 22.82  ? 36   ILE A CG1 1 
ATOM   124  C CG2 . ILE A 1 15  ? 6.293   15.524  4.884   1.00 19.83  ? 36   ILE A CG2 1 
ATOM   125  C CD1 . ILE A 1 15  ? 6.997   13.607  2.552   1.00 18.68  ? 36   ILE A CD1 1 
ATOM   126  N N   . GLY A 1 16  ? 3.389   17.201  5.738   1.00 17.25  ? 37   GLY A N   1 
ATOM   127  C CA  . GLY A 1 16  ? 3.199   18.402  6.549   1.00 23.00  ? 37   GLY A CA  1 
ATOM   128  C C   . GLY A 1 16  ? 2.490   19.477  5.728   1.00 26.24  ? 37   GLY A C   1 
ATOM   129  O O   . GLY A 1 16  ? 2.820   20.660  5.864   1.00 21.79  ? 37   GLY A O   1 
ATOM   130  N N   . GLY A 1 17  ? 1.529   19.111  4.892   1.00 18.71  ? 38   GLY A N   1 
ATOM   131  C CA  . GLY A 1 17  ? 0.733   20.047  4.121   1.00 19.47  ? 38   GLY A CA  1 
ATOM   132  C C   . GLY A 1 17  ? 1.382   20.536  2.854   1.00 15.10  ? 38   GLY A C   1 
ATOM   133  O O   . GLY A 1 17  ? 0.813   21.352  2.114   1.00 19.55  ? 38   GLY A O   1 
ATOM   134  N N   . LYS A 1 18  ? 2.566   20.019  2.539   1.00 14.29  ? 39   LYS A N   1 
ATOM   135  C CA  . LYS A 1 18  ? 3.188   20.289  1.250   1.00 14.29  ? 39   LYS A CA  1 
ATOM   136  C C   . LYS A 1 18  ? 3.041   19.152  0.245   1.00 23.80  ? 39   LYS A C   1 
ATOM   137  O O   . LYS A 1 18  ? 3.498   18.024  0.493   1.00 22.15  ? 39   LYS A O   1 
ATOM   138  C CB  . LYS A 1 18  ? 4.681   20.547  1.444   1.00 15.72  ? 39   LYS A CB  1 
ATOM   139  C CG  . LYS A 1 18  ? 5.350   20.936  0.127   1.00 21.29  ? 39   LYS A CG  1 
ATOM   140  C CD  . LYS A 1 18  ? 6.865   20.850  0.287   1.00 28.92  ? 39   LYS A CD  1 
ATOM   141  C CE  . LYS A 1 18  ? 7.557   21.435  -0.934  1.00 42.79  ? 39   LYS A CE  1 
ATOM   142  N NZ  . LYS A 1 18  ? 6.954   22.734  -1.353  1.00 63.21  ? 39   LYS A NZ  1 
ATOM   143  N N   . PRO A 1 19  ? 2.392   19.426  -0.877  1.00 26.31  ? 40   PRO A N   1 
ATOM   144  C CA  . PRO A 1 19  ? 2.197   18.392  -1.904  1.00 24.18  ? 40   PRO A CA  1 
ATOM   145  C C   . PRO A 1 19  ? 3.502   17.838  -2.431  1.00 20.84  ? 40   PRO A C   1 
ATOM   146  O O   . PRO A 1 19  ? 4.420   18.590  -2.761  1.00 19.64  ? 40   PRO A O   1 
ATOM   147  C CB  . PRO A 1 19  ? 1.434   19.160  -3.001  1.00 29.37  ? 40   PRO A CB  1 
ATOM   148  C CG  . PRO A 1 19  ? 0.690   20.212  -2.224  1.00 24.73  ? 40   PRO A CG  1 
ATOM   149  C CD  . PRO A 1 19  ? 1.742   20.701  -1.249  1.00 26.49  ? 40   PRO A CD  1 
ATOM   150  N N   . ILE A 1 20  ? 3.589   16.496  -2.542  1.00 15.10  ? 41   ILE A N   1 
ATOM   151  C CA  . ILE A 1 20  ? 4.818   15.919  -3.065  1.00 15.50  ? 41   ILE A CA  1 
ATOM   152  C C   . ILE A 1 20  ? 4.580   15.003  -4.262  1.00 20.20  ? 41   ILE A C   1 
ATOM   153  O O   . ILE A 1 20  ? 5.509   14.307  -4.692  1.00 23.96  ? 41   ILE A O   1 
ATOM   154  C CB  . ILE A 1 20  ? 5.594   15.105  -2.011  1.00 20.28  ? 41   ILE A CB  1 
ATOM   155  C CG1 . ILE A 1 20  ? 4.774   13.957  -1.393  1.00 16.45  ? 41   ILE A CG1 1 
ATOM   156  C CG2 . ILE A 1 20  ? 6.161   15.983  -0.901  1.00 25.34  ? 41   ILE A CG2 1 
ATOM   157  C CD1 . ILE A 1 20  ? 5.666   12.954  -0.693  1.00 19.10  ? 41   ILE A CD1 1 
ATOM   158  N N   . GLY A 1 21  ? 3.387   14.977  -4.838  1.00 21.16  ? 42   GLY A N   1 
ATOM   159  C CA  . GLY A 1 21  ? 3.192   14.183  -6.052  1.00 19.86  ? 42   GLY A CA  1 
ATOM   160  C C   . GLY A 1 21  ? 2.257   12.999  -5.831  1.00 17.71  ? 42   GLY A C   1 
ATOM   161  O O   . GLY A 1 21  ? 1.782   12.717  -4.737  1.00 16.21  ? 42   GLY A O   1 
ATOM   162  N N   . ARG A 1 22  ? 1.996   12.300  -6.922  1.00 17.04  ? 43   ARG A N   1 
ATOM   163  C CA  . ARG A 1 22  ? 1.024   11.237  -6.987  1.00 16.50  ? 43   ARG A CA  1 
ATOM   164  C C   . ARG A 1 22  ? 1.724   9.883   -7.026  1.00 17.69  ? 43   ARG A C   1 
ATOM   165  O O   . ARG A 1 22  ? 2.694   9.739   -7.757  1.00 18.21  ? 43   ARG A O   1 
ATOM   166  C CB  . ARG A 1 22  ? 0.166   11.394  -8.256  1.00 21.48  ? 43   ARG A CB  1 
ATOM   167  C CG  . ARG A 1 22  ? -0.807  10.237  -8.455  1.00 26.01  ? 43   ARG A CG  1 
ATOM   168  C CD  . ARG A 1 22  ? -1.832  10.552  -9.531  1.00 26.23  ? 43   ARG A CD  1 
ATOM   169  N NE  . ARG A 1 22  ? -2.956  11.318  -8.986  1.00 30.58  ? 43   ARG A NE  1 
ATOM   170  C CZ  . ARG A 1 22  ? -4.120  11.462  -9.614  1.00 26.10  ? 43   ARG A CZ  1 
ATOM   171  N NH1 . ARG A 1 22  ? -4.318  10.896  -10.791 1.00 26.18  ? 43   ARG A NH1 1 
ATOM   172  N NH2 . ARG A 1 22  ? -5.086  12.163  -9.064  1.00 27.76  ? 43   ARG A NH2 1 
ATOM   173  N N   . ILE A 1 23  ? 1.204   8.932   -6.256  1.00 16.27  ? 44   ILE A N   1 
ATOM   174  C CA  . ILE A 1 23  ? 1.605   7.543   -6.445  1.00 18.79  ? 44   ILE A CA  1 
ATOM   175  C C   . ILE A 1 23  ? 0.492   6.809   -7.202  1.00 16.74  ? 44   ILE A C   1 
ATOM   176  O O   . ILE A 1 23  ? -0.665  6.984   -6.817  1.00 15.09  ? 44   ILE A O   1 
ATOM   177  C CB  . ILE A 1 23  ? 1.871   6.835   -5.112  1.00 25.52  ? 44   ILE A CB  1 
ATOM   178  C CG1 . ILE A 1 23  ? 3.036   7.418   -4.290  1.00 17.27  ? 44   ILE A CG1 1 
ATOM   179  C CG2 . ILE A 1 23  ? 2.092   5.340   -5.350  1.00 21.68  ? 44   ILE A CG2 1 
ATOM   180  C CD1 . ILE A 1 23  ? 2.980   6.956   -2.854  1.00 18.34  ? 44   ILE A CD1 1 
ATOM   181  N N   . VAL A 1 24  ? 0.848   6.044   -8.232  1.00 17.70  ? 45   VAL A N   1 
ATOM   182  C CA  . VAL A 1 24  ? -0.125  5.229   -8.960  1.00 17.84  ? 45   VAL A CA  1 
ATOM   183  C C   . VAL A 1 24  ? 0.226   3.743   -8.804  1.00 18.50  ? 45   VAL A C   1 
ATOM   184  O O   . VAL A 1 24  ? 1.321   3.327   -9.168  1.00 16.24  ? 45   VAL A O   1 
ATOM   185  C CB  . VAL A 1 24  ? -0.221  5.554   -10.454 1.00 20.67  ? 45   VAL A CB  1 
ATOM   186  C CG1 . VAL A 1 24  ? -1.221  4.617   -11.142 1.00 17.61  ? 45   VAL A CG1 1 
ATOM   187  C CG2 . VAL A 1 24  ? -0.668  6.997   -10.680 1.00 18.63  ? 45   VAL A CG2 1 
ATOM   188  N N   . ILE A 1 25  ? -0.733  2.991   -8.262  1.00 18.24  ? 46   ILE A N   1 
ATOM   189  C CA  . ILE A 1 25  ? -0.505  1.570   -8.000  1.00 18.55  ? 46   ILE A CA  1 
ATOM   190  C C   . ILE A 1 25  ? -1.328  0.676   -8.923  1.00 15.77  ? 46   ILE A C   1 
ATOM   191  O O   . ILE A 1 25  ? -2.520  0.975   -9.082  1.00 18.30  ? 46   ILE A O   1 
ATOM   192  C CB  . ILE A 1 25  ? -0.912  1.298   -6.547  1.00 18.50  ? 46   ILE A CB  1 
ATOM   193  C CG1 . ILE A 1 25  ? -0.049  2.086   -5.551  1.00 17.01  ? 46   ILE A CG1 1 
ATOM   194  C CG2 . ILE A 1 25  ? -0.940  -0.190  -6.271  1.00 17.94  ? 46   ILE A CG2 1 
ATOM   195  C CD1 . ILE A 1 25  ? -0.715  2.170   -4.183  1.00 17.48  ? 46   ILE A CD1 1 
ATOM   196  N N   . GLY A 1 26  ? -0.721  -0.357  -9.495  1.00 18.03  ? 47   GLY A N   1 
ATOM   197  C CA  . GLY A 1 26  ? -1.482  -1.367  -10.233 1.00 16.57  ? 47   GLY A CA  1 
ATOM   198  C C   . GLY A 1 26  ? -1.819  -2.546  -9.298  1.00 16.64  ? 47   GLY A C   1 
ATOM   199  O O   . GLY A 1 26  ? -0.917  -3.004  -8.605  1.00 16.17  ? 47   GLY A O   1 
ATOM   200  N N   . LEU A 1 27  ? -3.045  -3.014  -9.288  1.00 17.03  ? 48   LEU A N   1 
ATOM   201  C CA  . LEU A 1 27  ? -3.587  -4.063  -8.449  1.00 14.49  ? 48   LEU A CA  1 
ATOM   202  C C   . LEU A 1 27  ? -3.782  -5.366  -9.232  1.00 17.75  ? 48   LEU A C   1 
ATOM   203  O O   . LEU A 1 27  ? -4.281  -5.310  -10.350 1.00 18.45  ? 48   LEU A O   1 
ATOM   204  C CB  . LEU A 1 27  ? -4.928  -3.600  -7.879  1.00 16.44  ? 48   LEU A CB  1 
ATOM   205  C CG  . LEU A 1 27  ? -4.861  -2.427  -6.896  1.00 25.72  ? 48   LEU A CG  1 
ATOM   206  C CD1 . LEU A 1 27  ? -5.875  -2.595  -5.786  1.00 53.29  ? 48   LEU A CD1 1 
ATOM   207  C CD2 . LEU A 1 27  ? -3.467  -2.312  -6.283  1.00 39.79  ? 48   LEU A CD2 1 
ATOM   208  N N   . PHE A 1 28  ? -3.401  -6.495  -8.641  1.00 17.36  ? 49   PHE A N   1 
ATOM   209  C CA  . PHE A 1 28  ? -3.503  -7.800  -9.302  1.00 14.34  ? 49   PHE A CA  1 
ATOM   210  C C   . PHE A 1 28  ? -4.841  -8.448  -9.014  1.00 17.18  ? 49   PHE A C   1 
ATOM   211  O O   . PHE A 1 28  ? -4.998  -9.369  -8.212  1.00 19.00  ? 49   PHE A O   1 
ATOM   212  C CB  . PHE A 1 28  ? -2.315  -8.652  -8.841  1.00 11.84  ? 49   PHE A CB  1 
ATOM   213  C CG  . PHE A 1 28  ? -0.981  -7.952  -9.119  1.00 15.61  ? 49   PHE A CG  1 
ATOM   214  C CD1 . PHE A 1 28  ? -0.678  -7.502  -10.394 1.00 19.98  ? 49   PHE A CD1 1 
ATOM   215  C CD2 . PHE A 1 28  ? -0.055  -7.737  -8.115  1.00 13.61  ? 49   PHE A CD2 1 
ATOM   216  C CE1 . PHE A 1 28  ? 0.530   -6.874  -10.661 1.00 24.66  ? 49   PHE A CE1 1 
ATOM   217  C CE2 . PHE A 1 28  ? 1.161   -7.123  -8.357  1.00 15.01  ? 49   PHE A CE2 1 
ATOM   218  C CZ  . PHE A 1 28  ? 1.451   -6.668  -9.636  1.00 21.05  ? 49   PHE A CZ  1 
ATOM   219  N N   . GLY A 1 29  ? -5.867  -7.931  -9.694  1.00 16.65  ? 50   GLY A N   1 
ATOM   220  C CA  . GLY A 1 29  ? -7.244  -8.325  -9.447  1.00 20.89  ? 50   GLY A CA  1 
ATOM   221  C C   . GLY A 1 29  ? -7.566  -9.745  -9.896  1.00 18.80  ? 50   GLY A C   1 
ATOM   222  O O   . GLY A 1 29  ? -8.584  -10.276 -9.466  1.00 22.44  ? 50   GLY A O   1 
ATOM   223  N N   . LYS A 1 30  ? -6.753  -10.356 -10.743 1.00 21.78  ? 51   LYS A N   1 
ATOM   224  C CA  . LYS A 1 30  ? -6.942  -11.741 -11.152 1.00 27.34  ? 51   LYS A CA  1 
ATOM   225  C C   . LYS A 1 30  ? -6.224  -12.654 -10.165 1.00 28.46  ? 51   LYS A C   1 
ATOM   226  O O   . LYS A 1 30  ? -6.665  -13.757 -9.870  1.00 27.07  ? 51   LYS A O   1 
ATOM   227  C CB  . LYS A 1 30  ? -6.410  -12.006 -12.560 1.00 29.90  ? 51   LYS A CB  1 
ATOM   228  C CG  . LYS A 1 30  ? -7.335  -11.553 -13.685 1.00 32.44  ? 51   LYS A CG  1 
ATOM   229  C CD  . LYS A 1 30  ? -8.742  -11.370 -13.148 1.00 49.41  ? 51   LYS A CD  1 
ATOM   230  C CE  . LYS A 1 30  ? -9.770  -11.136 -14.243 1.00 64.48  ? 51   LYS A CE  1 
ATOM   231  N NZ  . LYS A 1 30  ? -11.163 -11.288 -13.715 1.00 56.04  ? 51   LYS A NZ  1 
ATOM   232  N N   . THR A 1 31  ? -5.107  -12.188 -9.618  1.00 20.11  ? 52   THR A N   1 
ATOM   233  C CA  . THR A 1 31  ? -4.339  -13.005 -8.685  1.00 16.55  ? 52   THR A CA  1 
ATOM   234  C C   . THR A 1 31  ? -4.887  -13.043 -7.271  1.00 21.04  ? 52   THR A C   1 
ATOM   235  O O   . THR A 1 31  ? -4.958  -14.105 -6.650  1.00 19.43  ? 52   THR A O   1 
ATOM   236  C CB  . THR A 1 31  ? -2.889  -12.467 -8.590  1.00 22.32  ? 52   THR A CB  1 
ATOM   237  O OG1 . THR A 1 31  ? -2.378  -12.334 -9.914  1.00 22.97  ? 52   THR A OG1 1 
ATOM   238  C CG2 . THR A 1 31  ? -2.033  -13.463 -7.813  1.00 20.50  ? 52   THR A CG2 1 
ATOM   239  N N   . VAL A 1 32  ? -5.251  -11.876 -6.745  1.00 16.73  ? 53   VAL A N   1 
ATOM   240  C CA  . VAL A 1 32  ? -5.791  -11.687 -5.416  1.00 14.50  ? 53   VAL A CA  1 
ATOM   241  C C   . VAL A 1 32  ? -7.004  -10.762 -5.465  1.00 20.59  ? 53   VAL A C   1 
ATOM   242  O O   . VAL A 1 32  ? -7.012  -9.618  -4.963  1.00 20.66  ? 53   VAL A O   1 
ATOM   243  C CB  . VAL A 1 32  ? -4.767  -11.089 -4.430  1.00 15.67  ? 53   VAL A CB  1 
ATOM   244  C CG1 . VAL A 1 32  ? -3.905  -12.184 -3.799  1.00 22.31  ? 53   VAL A CG1 1 
ATOM   245  C CG2 . VAL A 1 32  ? -3.910  -10.042 -5.127  1.00 16.43  ? 53   VAL A CG2 1 
ATOM   246  N N   . PRO A 1 33  ? -8.077  -11.248 -6.074  1.00 15.95  ? 54   PRO A N   1 
ATOM   247  C CA  . PRO A 1 33  ? -9.270  -10.418 -6.239  1.00 17.55  ? 54   PRO A CA  1 
ATOM   248  C C   . PRO A 1 33  ? -9.837  -9.897  -4.928  1.00 19.58  ? 54   PRO A C   1 
ATOM   249  O O   . PRO A 1 33  ? -10.299 -8.756  -4.834  1.00 16.98  ? 54   PRO A O   1 
ATOM   250  C CB  . PRO A 1 33  ? -10.303 -11.362 -6.889  1.00 20.80  ? 54   PRO A CB  1 
ATOM   251  C CG  . PRO A 1 33  ? -9.770  -12.738 -6.658  1.00 20.61  ? 54   PRO A CG  1 
ATOM   252  C CD  . PRO A 1 33  ? -8.265  -12.613 -6.631  1.00 17.41  ? 54   PRO A CD  1 
ATOM   253  N N   . LYS A 1 34  ? -9.834  -10.723 -3.880  1.00 15.68  ? 55   LYS A N   1 
ATOM   254  C CA  . LYS A 1 34  ? -10.501 -10.271 -2.664  1.00 16.83  ? 55   LYS A CA  1 
ATOM   255  C C   . LYS A 1 34  ? -9.681  -9.192  -1.957  1.00 18.46  ? 55   LYS A C   1 
ATOM   256  O O   . LYS A 1 34  ? -10.216 -8.236  -1.395  1.00 18.51  ? 55   LYS A O   1 
ATOM   257  C CB  . LYS A 1 34  ? -10.735 -11.449 -1.725  1.00 21.91  ? 55   LYS A CB  1 
ATOM   258  C CG  . LYS A 1 34  ? -11.443 -11.092 -0.437  1.00 26.37  ? 55   LYS A CG  1 
ATOM   259  C CD  . LYS A 1 34  ? -11.852 -12.333 0.340   1.00 27.81  ? 55   LYS A CD  1 
ATOM   260  C CE  . LYS A 1 34  ? -12.472 -11.958 1.684   1.00 24.50  ? 55   LYS A CE  1 
ATOM   261  N NZ  . LYS A 1 34  ? -12.467 -13.126 2.618   1.00 16.81  ? 55   LYS A NZ  1 
ATOM   262  N N   . THR A 1 35  ? -8.365  -9.354  -2.002  1.00 16.98  ? 56   THR A N   1 
ATOM   263  C CA  . THR A 1 35  ? -7.466  -8.388  -1.355  1.00 17.22  ? 56   THR A CA  1 
ATOM   264  C C   . THR A 1 35  ? -7.436  -7.087  -2.156  1.00 20.37  ? 56   THR A C   1 
ATOM   265  O O   . THR A 1 35  ? -7.436  -5.987  -1.612  1.00 17.68  ? 56   THR A O   1 
ATOM   266  C CB  . THR A 1 35  ? -6.056  -8.982  -1.253  1.00 20.92  ? 56   THR A CB  1 
ATOM   267  O OG1 . THR A 1 35  ? -6.124  -10.200 -0.488  1.00 17.83  ? 56   THR A OG1 1 
ATOM   268  C CG2 . THR A 1 35  ? -5.124  -8.020  -0.521  1.00 14.17  ? 56   THR A CG2 1 
ATOM   269  N N   . ALA A 1 36  ? -7.413  -7.253  -3.471  1.00 13.19  ? 57   ALA A N   1 
ATOM   270  C CA  . ALA A 1 36  ? -7.392  -6.112  -4.375  1.00 18.39  ? 57   ALA A CA  1 
ATOM   271  C C   . ALA A 1 36  ? -8.665  -5.298  -4.178  1.00 21.35  ? 57   ALA A C   1 
ATOM   272  O O   . ALA A 1 36  ? -8.634  -4.072  -4.120  1.00 19.41  ? 57   ALA A O   1 
ATOM   273  C CB  . ALA A 1 36  ? -7.247  -6.543  -5.830  1.00 18.91  ? 57   ALA A CB  1 
ATOM   274  N N   . THR A 1 37  ? -9.798  -5.997  -4.088  1.00 19.23  ? 58   THR A N   1 
ATOM   275  C CA  . THR A 1 37  ? -11.090 -5.321  -3.965  1.00 19.11  ? 58   THR A CA  1 
ATOM   276  C C   . THR A 1 37  ? -11.163 -4.506  -2.691  1.00 18.56  ? 58   THR A C   1 
ATOM   277  O O   . THR A 1 37  ? -11.623 -3.359  -2.711  1.00 24.69  ? 58   THR A O   1 
ATOM   278  C CB  . THR A 1 37  ? -12.262 -6.323  -3.991  1.00 20.83  ? 58   THR A CB  1 
ATOM   279  O OG1 . THR A 1 37  ? -12.369 -6.901  -5.299  1.00 20.46  ? 58   THR A OG1 1 
ATOM   280  C CG2 . THR A 1 37  ? -13.583 -5.608  -3.711  1.00 21.38  ? 58   THR A CG2 1 
ATOM   281  N N   . ASN A 1 38  ? -10.706 -5.077  -1.583  1.00 17.47  ? 59   ASN A N   1 
ATOM   282  C CA  . ASN A 1 38  ? -10.646 -4.351  -0.323  1.00 17.41  ? 59   ASN A CA  1 
ATOM   283  C C   . ASN A 1 38  ? -9.905  -3.028  -0.489  1.00 20.23  ? 59   ASN A C   1 
ATOM   284  O O   . ASN A 1 38  ? -10.403 -1.972  -0.081  1.00 19.13  ? 59   ASN A O   1 
ATOM   285  C CB  . ASN A 1 38  ? -9.939  -5.198  0.744   1.00 18.92  ? 59   ASN A CB  1 
ATOM   286  C CG  . ASN A 1 38  ? -9.878  -4.557  2.112   1.00 18.39  ? 59   ASN A CG  1 
ATOM   287  O OD1 . ASN A 1 38  ? -10.899 -4.145  2.670   1.00 22.28  ? 59   ASN A OD1 1 
ATOM   288  N ND2 . ASN A 1 38  ? -8.670  -4.468  2.665   1.00 18.94  ? 59   ASN A ND2 1 
ATOM   289  N N   . PHE A 1 39  ? -8.725  -3.109  -1.090  1.00 18.76  ? 60   PHE A N   1 
ATOM   290  C CA  . PHE A 1 39  ? -7.864  -1.926  -1.226  1.00 17.86  ? 60   PHE A CA  1 
ATOM   291  C C   . PHE A 1 39  ? -8.531  -0.862  -2.092  1.00 23.06  ? 60   PHE A C   1 
ATOM   292  O O   . PHE A 1 39  ? -8.572  0.310   -1.719  1.00 20.79  ? 60   PHE A O   1 
ATOM   293  C CB  . PHE A 1 39  ? -6.519  -2.332  -1.800  1.00 19.00  ? 60   PHE A CB  1 
ATOM   294  C CG  . PHE A 1 39  ? -5.455  -1.253  -1.902  1.00 16.06  ? 60   PHE A CG  1 
ATOM   295  C CD1 . PHE A 1 39  ? -4.733  -0.889  -0.779  1.00 21.50  ? 60   PHE A CD1 1 
ATOM   296  C CD2 . PHE A 1 39  ? -5.202  -0.648  -3.121  1.00 15.46  ? 60   PHE A CD2 1 
ATOM   297  C CE1 . PHE A 1 39  ? -3.741  0.087   -0.867  1.00 17.67  ? 60   PHE A CE1 1 
ATOM   298  C CE2 . PHE A 1 39  ? -4.206  0.312   -3.219  1.00 19.69  ? 60   PHE A CE2 1 
ATOM   299  C CZ  . PHE A 1 39  ? -3.462  0.646   -2.092  1.00 14.35  ? 60   PHE A CZ  1 
ATOM   300  N N   . ILE A 1 40  ? -9.050  -1.287  -3.236  1.00 19.65  ? 61   ILE A N   1 
ATOM   301  C CA  . ILE A 1 40  ? -9.743  -0.387  -4.160  1.00 19.99  ? 61   ILE A CA  1 
ATOM   302  C C   . ILE A 1 40  ? -10.932 0.265   -3.487  1.00 24.12  ? 61   ILE A C   1 
ATOM   303  O O   . ILE A 1 40  ? -11.174 1.470   -3.655  1.00 28.01  ? 61   ILE A O   1 
ATOM   304  C CB  . ILE A 1 40  ? -10.166 -1.163  -5.418  1.00 22.77  ? 61   ILE A CB  1 
ATOM   305  C CG1 . ILE A 1 40  ? -8.973  -1.605  -6.273  1.00 21.99  ? 61   ILE A CG1 1 
ATOM   306  C CG2 . ILE A 1 40  ? -11.158 -0.384  -6.269  1.00 30.73  ? 61   ILE A CG2 1 
ATOM   307  C CD1 . ILE A 1 40  ? -9.201  -2.907  -7.013  1.00 30.24  ? 61   ILE A CD1 1 
ATOM   308  N N   . GLU A 1 41  ? -11.724 -0.482  -2.707  1.00 20.75  ? 62   GLU A N   1 
ATOM   309  C CA  . GLU A 1 41  ? -12.900 0.170   -2.121  1.00 21.94  ? 62   GLU A CA  1 
ATOM   310  C C   . GLU A 1 41  ? -12.496 1.123   -1.006  1.00 23.46  ? 62   GLU A C   1 
ATOM   311  O O   . GLU A 1 41  ? -13.147 2.154   -0.821  1.00 21.80  ? 62   GLU A O   1 
ATOM   312  C CB  . GLU A 1 41  ? -13.914 -0.880  -1.633  1.00 19.85  ? 62   GLU A CB  1 
ATOM   313  C CG  . GLU A 1 41  ? -14.490 -1.673  -2.812  1.00 26.05  ? 62   GLU A CG  1 
ATOM   314  C CD  . GLU A 1 41  ? -15.373 -0.777  -3.682  1.00 31.21  ? 62   GLU A CD  1 
ATOM   315  O OE1 . GLU A 1 41  ? -16.259 -0.119  -3.098  1.00 48.55  ? 62   GLU A OE1 1 
ATOM   316  O OE2 . GLU A 1 41  ? -15.208 -0.711  -4.922  1.00 38.16  ? 62   GLU A OE2 1 
ATOM   317  N N   . LEU A 1 42  ? -11.441 0.818   -0.258  1.00 19.19  ? 63   LEU A N   1 
ATOM   318  C CA  . LEU A 1 42  ? -10.992 1.704   0.824   1.00 18.85  ? 63   LEU A CA  1 
ATOM   319  C C   . LEU A 1 42  ? -10.410 2.992   0.238   1.00 21.14  ? 63   LEU A C   1 
ATOM   320  O O   . LEU A 1 42  ? -10.455 4.056   0.876   1.00 22.19  ? 63   LEU A O   1 
ATOM   321  C CB  . LEU A 1 42  ? -9.983  1.009   1.732   1.00 17.88  ? 63   LEU A CB  1 
ATOM   322  C CG  . LEU A 1 42  ? -10.552 -0.072  2.658   1.00 22.38  ? 63   LEU A CG  1 
ATOM   323  C CD1 . LEU A 1 42  ? -9.449  -0.839  3.382   1.00 20.11  ? 63   LEU A CD1 1 
ATOM   324  C CD2 . LEU A 1 42  ? -11.509 0.544   3.666   1.00 30.96  ? 63   LEU A CD2 1 
ATOM   325  N N   . ALA A 1 43  ? -9.885  2.885   -0.967  1.00 14.72  ? 64   ALA A N   1 
ATOM   326  C CA  . ALA A 1 43  ? -9.329  4.026   -1.677  1.00 19.20  ? 64   ALA A CA  1 
ATOM   327  C C   . ALA A 1 43  ? -10.468 4.949   -2.137  1.00 28.87  ? 64   ALA A C   1 
ATOM   328  O O   . ALA A 1 43  ? -10.235 6.148   -2.330  1.00 21.76  ? 64   ALA A O   1 
ATOM   329  C CB  . ALA A 1 43  ? -8.487  3.612   -2.857  1.00 19.04  ? 64   ALA A CB  1 
ATOM   330  N N   . LYS A 1 44  ? -11.656 4.377   -2.296  1.00 23.53  ? 65   LYS A N   1 
ATOM   331  C CA  . LYS A 1 44  ? -12.798 5.141   -2.801  1.00 30.37  ? 65   LYS A CA  1 
ATOM   332  C C   . LYS A 1 44  ? -13.649 5.748   -1.696  1.00 28.15  ? 65   LYS A C   1 
ATOM   333  O O   . LYS A 1 44  ? -14.483 6.615   -1.981  1.00 30.80  ? 65   LYS A O   1 
ATOM   334  C CB  . LYS A 1 44  ? -13.655 4.244   -3.698  1.00 24.76  ? 65   LYS A CB  1 
ATOM   335  C CG  . LYS A 1 44  ? -13.034 3.963   -5.051  1.00 24.52  ? 65   LYS A CG  1 
ATOM   336  C CD  . LYS A 1 44  ? -13.509 2.607   -5.564  1.00 40.18  ? 65   LYS A CD  1 
ATOM   337  C CE  . LYS A 1 44  ? -14.527 2.738   -6.687  1.00 47.78  ? 65   LYS A CE  1 
ATOM   338  N NZ  . LYS A 1 44  ? -14.836 1.426   -7.317  1.00 69.94  ? 65   LYS A NZ  1 
ATOM   339  N N   . LYS A 1 45  ? -13.442 5.309   -0.459  1.00 30.31  ? 66   LYS A N   1 
ATOM   340  C CA  . LYS A 1 45  ? -14.181 5.807   0.690   1.00 27.54  ? 66   LYS A CA  1 
ATOM   341  C C   . LYS A 1 45  ? -13.774 7.241   1.012   1.00 30.86  ? 66   LYS A C   1 
ATOM   342  O O   . LYS A 1 45  ? -12.700 7.667   0.593   1.00 33.76  ? 66   LYS A O   1 
ATOM   343  C CB  . LYS A 1 45  ? -13.963 4.886   1.891   1.00 36.22  ? 66   LYS A CB  1 
ATOM   344  C CG  . LYS A 1 45  ? -14.225 3.427   1.530   1.00 50.22  ? 66   LYS A CG  1 
ATOM   345  C CD  . LYS A 1 45  ? -15.388 2.864   2.322   1.00 56.92  ? 66   LYS A CD  1 
ATOM   346  C CE  . LYS A 1 45  ? -16.105 1.757   1.570   1.00 59.40  ? 66   LYS A CE  1 
ATOM   347  N NZ  . LYS A 1 45  ? -17.480 2.173   1.161   1.00 42.95  ? 66   LYS A NZ  1 
ATOM   348  N N   . PRO A 1 46  ? -14.633 7.954   1.724   1.00 38.91  ? 67   PRO A N   1 
ATOM   349  C CA  . PRO A 1 46  ? -14.319 9.322   2.156   1.00 40.23  ? 67   PRO A CA  1 
ATOM   350  C C   . PRO A 1 46  ? -13.476 9.295   3.418   1.00 38.26  ? 67   PRO A C   1 
ATOM   351  O O   . PRO A 1 46  ? -13.344 8.235   4.034   1.00 33.43  ? 67   PRO A O   1 
ATOM   352  C CB  . PRO A 1 46  ? -15.697 9.905   2.465   1.00 42.17  ? 67   PRO A CB  1 
ATOM   353  C CG  . PRO A 1 46  ? -16.478 8.726   2.941   1.00 47.77  ? 67   PRO A CG  1 
ATOM   354  C CD  . PRO A 1 46  ? -15.974 7.535   2.165   1.00 47.24  ? 67   PRO A CD  1 
ATOM   355  N N   . LYS A 1 47  ? -12.926 10.450  3.786   1.00 34.67  ? 68   LYS A N   1 
ATOM   356  C CA  . LYS A 1 47  ? -12.025 10.453  4.937   1.00 32.43  ? 68   LYS A CA  1 
ATOM   357  C C   . LYS A 1 47  ? -12.721 9.907   6.180   1.00 32.73  ? 68   LYS A C   1 
ATOM   358  O O   . LYS A 1 47  ? -13.937 10.057  6.310   1.00 44.59  ? 68   LYS A O   1 
ATOM   359  C CB  . LYS A 1 47  ? -11.487 11.860  5.204   1.00 39.23  ? 68   LYS A CB  1 
ATOM   360  C CG  . LYS A 1 47  ? -10.711 11.974  6.511   1.00 44.94  ? 68   LYS A CG  1 
ATOM   361  C CD  . LYS A 1 47  ? -11.055 13.232  7.284   1.00 52.07  ? 68   LYS A CD  1 
ATOM   362  C CE  . LYS A 1 47  ? -9.865  14.172  7.401   1.00 56.22  ? 68   LYS A CE  1 
ATOM   363  N NZ  . LYS A 1 47  ? -8.952  13.760  8.510   1.00 77.27  ? 68   LYS A NZ  1 
ATOM   364  N N   . GLY A 1 48  ? -11.937 9.288   7.048   1.00 31.54  ? 69   GLY A N   1 
ATOM   365  C CA  . GLY A 1 48  ? -12.348 8.672   8.281   1.00 29.60  ? 69   GLY A CA  1 
ATOM   366  C C   . GLY A 1 48  ? -12.952 7.297   8.062   1.00 34.79  ? 69   GLY A C   1 
ATOM   367  O O   . GLY A 1 48  ? -13.062 6.509   8.999   1.00 45.55  ? 69   GLY A O   1 
ATOM   368  N N   . GLU A 1 49  ? -13.331 7.041   6.820   1.00 28.99  ? 70   GLU A N   1 
ATOM   369  C CA  . GLU A 1 49  ? -13.916 5.781   6.392   1.00 41.46  ? 70   GLU A CA  1 
ATOM   370  C C   . GLU A 1 49  ? -12.957 4.987   5.518   1.00 41.05  ? 70   GLU A C   1 
ATOM   371  O O   . GLU A 1 49  ? -13.135 3.800   5.251   1.00 39.10  ? 70   GLU A O   1 
ATOM   372  C CB  . GLU A 1 49  ? -15.197 6.085   5.618   1.00 43.29  ? 70   GLU A CB  1 
ATOM   373  C CG  . GLU A 1 49  ? -16.443 5.349   6.073   1.00 62.54  ? 70   GLU A CG  1 
ATOM   374  C CD  . GLU A 1 49  ? -17.185 4.756   4.883   1.00 77.88  ? 70   GLU A CD  1 
ATOM   375  O OE1 . GLU A 1 49  ? -17.642 5.530   4.016   1.00 74.14  ? 70   GLU A OE1 1 
ATOM   376  O OE2 . GLU A 1 49  ? -17.293 3.512   4.828   1.00 91.89  ? 70   GLU A OE2 1 
ATOM   377  N N   . GLY A 1 50  ? -11.900 5.631   5.025   1.00 32.92  ? 71   GLY A N   1 
ATOM   378  C CA  . GLY A 1 50  ? -10.999 4.917   4.125   1.00 24.65  ? 71   GLY A CA  1 
ATOM   379  C C   . GLY A 1 50  ? -9.627  5.584   4.093   1.00 17.63  ? 71   GLY A C   1 
ATOM   380  O O   . GLY A 1 50  ? -9.239  6.171   5.103   1.00 20.73  ? 71   GLY A O   1 
ATOM   381  N N   . TYR A 1 51  ? -8.938  5.470   2.972   1.00 17.23  ? 72   TYR A N   1 
ATOM   382  C CA  . TYR A 1 51  ? -7.581  5.993   2.847   1.00 22.03  ? 72   TYR A CA  1 
ATOM   383  C C   . TYR A 1 51  ? -7.516  7.523   2.771   1.00 24.60  ? 72   TYR A C   1 
ATOM   384  O O   . TYR A 1 51  ? -6.507  8.023   3.304   1.00 22.08  ? 72   TYR A O   1 
ATOM   385  C CB  . TYR A 1 51  ? -6.883  5.342   1.646   1.00 22.92  ? 72   TYR A CB  1 
ATOM   386  C CG  . TYR A 1 51  ? -6.653  3.848   1.822   1.00 18.64  ? 72   TYR A CG  1 
ATOM   387  C CD1 . TYR A 1 51  ? -6.437  3.299   3.076   1.00 19.74  ? 72   TYR A CD1 1 
ATOM   388  C CD2 . TYR A 1 51  ? -6.663  3.000   0.715   1.00 18.78  ? 72   TYR A CD2 1 
ATOM   389  C CE1 . TYR A 1 51  ? -6.229  1.930   3.226   1.00 21.09  ? 72   TYR A CE1 1 
ATOM   390  C CE2 . TYR A 1 51  ? -6.451  1.637   0.863   1.00 19.87  ? 72   TYR A CE2 1 
ATOM   391  C CZ  . TYR A 1 51  ? -6.235  1.109   2.112   1.00 19.78  ? 72   TYR A CZ  1 
ATOM   392  O OH  . TYR A 1 51  ? -6.031  -0.256  2.281   1.00 19.57  ? 72   TYR A OH  1 
ATOM   393  N N   . PRO A 1 52  ? -8.425  8.293   2.195   1.00 22.45  ? 73   PRO A N   1 
ATOM   394  C CA  . PRO A 1 52  ? -8.200  9.756   2.183   1.00 21.68  ? 73   PRO A CA  1 
ATOM   395  C C   . PRO A 1 52  ? -8.055  10.319  3.587   1.00 19.28  ? 73   PRO A C   1 
ATOM   396  O O   . PRO A 1 52  ? -8.802  10.028  4.519   1.00 21.67  ? 73   PRO A O   1 
ATOM   397  C CB  . PRO A 1 52  ? -9.456  10.316  1.519   1.00 26.72  ? 73   PRO A CB  1 
ATOM   398  C CG  . PRO A 1 52  ? -9.996  9.185   0.708   1.00 30.68  ? 73   PRO A CG  1 
ATOM   399  C CD  . PRO A 1 52  ? -9.686  7.957   1.515   1.00 22.88  ? 73   PRO A CD  1 
ATOM   400  N N   . GLY A 1 53  ? -7.021  11.144  3.802   1.00 17.72  ? 74   GLY A N   1 
ATOM   401  C CA  . GLY A 1 53  ? -6.845  11.683  5.145   1.00 22.25  ? 74   GLY A CA  1 
ATOM   402  C C   . GLY A 1 53  ? -5.977  10.870  6.061   1.00 21.72  ? 74   GLY A C   1 
ATOM   403  O O   . GLY A 1 53  ? -5.486  11.366  7.087   1.00 21.17  ? 74   GLY A O   1 
ATOM   404  N N   . SER A 1 54  ? -5.760  9.588   5.734   1.00 21.18  ? 75   SER A N   1 
ATOM   405  C CA  . SER A 1 54  ? -4.946  8.732   6.588   1.00 19.01  ? 75   SER A CA  1 
ATOM   406  C C   . SER A 1 54  ? -3.466  8.966   6.320   1.00 16.30  ? 75   SER A C   1 
ATOM   407  O O   . SER A 1 54  ? -3.103  9.554   5.303   1.00 20.43  ? 75   SER A O   1 
ATOM   408  C CB  . SER A 1 54  ? -5.293  7.261   6.328   1.00 17.39  ? 75   SER A CB  1 
ATOM   409  O OG  . SER A 1 54  ? -4.846  6.896   5.024   1.00 17.57  ? 75   SER A OG  1 
ATOM   410  N N   . LYS A 1 55  ? -2.595  8.489   7.204   1.00 16.88  ? 76   LYS A N   1 
ATOM   411  C CA  . LYS A 1 55  ? -1.175  8.758   6.974   1.00 23.68  ? 76   LYS A CA  1 
ATOM   412  C C   . LYS A 1 55  ? -0.307  7.509   6.861   1.00 26.97  ? 76   LYS A C   1 
ATOM   413  O O   . LYS A 1 55  ? -0.737  6.399   7.165   1.00 22.99  ? 76   LYS A O   1 
ATOM   414  C CB  . LYS A 1 55  ? -0.671  9.638   8.116   1.00 27.60  ? 76   LYS A CB  1 
ATOM   415  C CG  . LYS A 1 55  ? -0.611  8.947   9.460   1.00 29.42  ? 76   LYS A CG  1 
ATOM   416  C CD  . LYS A 1 55  ? -0.321  9.982   10.545  1.00 31.18  ? 76   LYS A CD  1 
ATOM   417  C CE  . LYS A 1 55  ? -0.566  9.407   11.927  1.00 39.48  ? 76   LYS A CE  1 
ATOM   418  N NZ  . LYS A 1 55  ? -0.381  10.419  13.005  1.00 47.66  ? 76   LYS A NZ  1 
ATOM   419  N N   . PHE A 1 56  ? 0.927   7.720   6.399   1.00 17.12  ? 77   PHE A N   1 
ATOM   420  C CA  . PHE A 1 56  ? 1.935   6.660   6.448   1.00 14.96  ? 77   PHE A CA  1 
ATOM   421  C C   . PHE A 1 56  ? 2.573   6.802   7.823   1.00 20.24  ? 77   PHE A C   1 
ATOM   422  O O   . PHE A 1 56  ? 3.435   7.671   7.978   1.00 19.48  ? 77   PHE A O   1 
ATOM   423  C CB  . PHE A 1 56  ? 2.974   6.725   5.346   1.00 14.10  ? 77   PHE A CB  1 
ATOM   424  C CG  . PHE A 1 56  ? 2.466   6.169   4.017   1.00 17.55  ? 77   PHE A CG  1 
ATOM   425  C CD1 . PHE A 1 56  ? 1.651   6.938   3.211   1.00 16.84  ? 77   PHE A CD1 1 
ATOM   426  C CD2 . PHE A 1 56  ? 2.791   4.896   3.585   1.00 16.03  ? 77   PHE A CD2 1 
ATOM   427  C CE1 . PHE A 1 56  ? 1.166   6.469   2.005   1.00 21.77  ? 77   PHE A CE1 1 
ATOM   428  C CE2 . PHE A 1 56  ? 2.324   4.422   2.375   1.00 17.37  ? 77   PHE A CE2 1 
ATOM   429  C CZ  . PHE A 1 56  ? 1.512   5.202   1.571   1.00 18.37  ? 77   PHE A CZ  1 
ATOM   430  N N   . HIS A 1 57  ? 2.088   5.989   8.764   1.00 16.61  ? 78   HIS A N   1 
ATOM   431  C CA  . HIS A 1 57  ? 2.482   6.223   10.150  1.00 17.42  ? 78   HIS A CA  1 
ATOM   432  C C   . HIS A 1 57  ? 3.818   5.580   10.488  1.00 19.99  ? 78   HIS A C   1 
ATOM   433  O O   . HIS A 1 57  ? 4.418   5.902   11.503  1.00 20.13  ? 78   HIS A O   1 
ATOM   434  C CB  . HIS A 1 57  ? 1.437   5.670   11.117  1.00 21.21  ? 78   HIS A CB  1 
ATOM   435  C CG  . HIS A 1 57  ? 1.319   4.174   11.016  1.00 21.72  ? 78   HIS A CG  1 
ATOM   436  N ND1 . HIS A 1 57  ? 0.495   3.559   10.100  1.00 21.98  ? 78   HIS A ND1 1 
ATOM   437  C CD2 . HIS A 1 57  ? 1.915   3.188   11.727  1.00 21.58  ? 78   HIS A CD2 1 
ATOM   438  C CE1 . HIS A 1 57  ? 0.599   2.250   10.253  1.00 20.62  ? 78   HIS A CE1 1 
ATOM   439  N NE2 . HIS A 1 57  ? 1.454   1.996   11.230  1.00 22.64  ? 78   HIS A NE2 1 
ATOM   440  N N   . ARG A 1 58  ? 4.268   4.652   9.651   1.00 15.39  ? 79   ARG A N   1 
ATOM   441  C CA  . ARG A 1 58  ? 5.482   3.904   9.920   1.00 16.44  ? 79   ARG A CA  1 
ATOM   442  C C   . ARG A 1 58  ? 6.339   3.931   8.656   1.00 22.83  ? 79   ARG A C   1 
ATOM   443  O O   . ARG A 1 58  ? 5.906   3.424   7.617   1.00 17.15  ? 79   ARG A O   1 
ATOM   444  C CB  . ARG A 1 58  ? 5.156   2.461   10.315  1.00 17.25  ? 79   ARG A CB  1 
ATOM   445  C CG  . ARG A 1 58  ? 6.377   1.546   10.430  1.00 18.00  ? 79   ARG A CG  1 
ATOM   446  C CD  . ARG A 1 58  ? 5.876   0.184   10.931  1.00 21.06  ? 79   ARG A CD  1 
ATOM   447  N NE  . ARG A 1 58  ? 6.978   -0.708  11.251  1.00 32.98  ? 79   ARG A NE  1 
ATOM   448  C CZ  . ARG A 1 58  ? 7.044   -1.990  10.921  1.00 39.58  ? 79   ARG A CZ  1 
ATOM   449  N NH1 . ARG A 1 58  ? 6.057   -2.562  10.247  1.00 33.55  ? 79   ARG A NH1 1 
ATOM   450  N NH2 . ARG A 1 58  ? 8.107   -2.710  11.268  1.00 32.92  ? 79   ARG A NH2 1 
ATOM   451  N N   . VAL A 1 59  ? 7.506   4.557   8.770   1.00 14.69  ? 80   VAL A N   1 
ATOM   452  C CA  . VAL A 1 59  ? 8.399   4.687   7.626   1.00 15.61  ? 80   VAL A CA  1 
ATOM   453  C C   . VAL A 1 59  ? 9.800   4.254   8.028   1.00 17.19  ? 80   VAL A C   1 
ATOM   454  O O   . VAL A 1 59  ? 10.389  4.774   8.966   1.00 17.54  ? 80   VAL A O   1 
ATOM   455  C CB  . VAL A 1 59  ? 8.376   6.122   7.071   1.00 17.83  ? 80   VAL A CB  1 
ATOM   456  C CG1 . VAL A 1 59  ? 9.394   6.302   5.955   1.00 22.00  ? 80   VAL A CG1 1 
ATOM   457  C CG2 . VAL A 1 59  ? 6.966   6.449   6.603   1.00 18.16  ? 80   VAL A CG2 1 
ATOM   458  N N   . ILE A 1 60  ? 10.310  3.243   7.321   1.00 14.02  ? 81   ILE A N   1 
ATOM   459  C CA  . ILE A 1 60  ? 11.640  2.742   7.605   1.00 14.29  ? 81   ILE A CA  1 
ATOM   460  C C   . ILE A 1 60  ? 12.462  2.721   6.326   1.00 17.11  ? 81   ILE A C   1 
ATOM   461  O O   . ILE A 1 60  ? 12.211  1.913   5.430   1.00 13.10  ? 81   ILE A O   1 
ATOM   462  C CB  . ILE A 1 60  ? 11.576  1.336   8.246   1.00 17.66  ? 81   ILE A CB  1 
ATOM   463  C CG1 . ILE A 1 60  ? 10.776  1.345   9.553   1.00 19.99  ? 81   ILE A CG1 1 
ATOM   464  C CG2 . ILE A 1 60  ? 12.985  0.797   8.436   1.00 15.95  ? 81   ILE A CG2 1 
ATOM   465  C CD1 . ILE A 1 60  ? 10.623  -0.031  10.184  1.00 20.93  ? 81   ILE A CD1 1 
ATOM   466  N N   . ALA A 1 61  ? 13.438  3.633   6.244   1.00 18.83  ? 82   ALA A N   1 
ATOM   467  C CA  . ALA A 1 61  ? 14.279  3.764   5.067   1.00 16.46  ? 82   ALA A CA  1 
ATOM   468  C C   . ALA A 1 61  ? 15.046  2.444   4.879   1.00 14.49  ? 82   ALA A C   1 
ATOM   469  O O   . ALA A 1 61  ? 15.451  1.878   5.899   1.00 15.60  ? 82   ALA A O   1 
ATOM   470  C CB  . ALA A 1 61  ? 15.256  4.924   5.152   1.00 19.12  ? 82   ALA A CB  1 
ATOM   471  N N   . ASP A 1 62  ? 15.179  2.055   3.630   1.00 17.43  ? 83   ASP A N   1 
ATOM   472  C CA  . ASP A 1 62  ? 15.807  0.812   3.201   1.00 15.42  ? 83   ASP A CA  1 
ATOM   473  C C   . ASP A 1 62  ? 14.926  -0.350  3.668   1.00 17.25  ? 83   ASP A C   1 
ATOM   474  O O   . ASP A 1 62  ? 15.458  -1.431  3.937   1.00 18.60  ? 83   ASP A O   1 
ATOM   475  C CB  . ASP A 1 62  ? 17.224  0.650   3.756   1.00 17.81  ? 83   ASP A CB  1 
ATOM   476  C CG  . ASP A 1 62  ? 18.177  1.725   3.275   1.00 38.82  ? 83   ASP A CG  1 
ATOM   477  O OD1 . ASP A 1 62  ? 17.850  2.381   2.258   1.00 42.90  ? 83   ASP A OD1 1 
ATOM   478  O OD2 . ASP A 1 62  ? 19.240  1.928   3.901   1.00 40.75  ? 83   ASP A OD2 1 
ATOM   479  N N   . PHE A 1 63  ? 13.610  -0.102  3.758   1.00 14.14  ? 84   PHE A N   1 
ATOM   480  C CA  . PHE A 1 63  ? 12.738  -1.250  4.079   1.00 12.68  ? 84   PHE A CA  1 
ATOM   481  C C   . PHE A 1 63  ? 11.382  -1.022  3.434   1.00 18.36  ? 84   PHE A C   1 
ATOM   482  O O   . PHE A 1 63  ? 11.075  -1.667  2.427   1.00 13.38  ? 84   PHE A O   1 
ATOM   483  C CB  . PHE A 1 63  ? 12.610  -1.522  5.565   1.00 11.77  ? 84   PHE A CB  1 
ATOM   484  C CG  . PHE A 1 63  ? 11.710  -2.660  5.999   1.00 12.59  ? 84   PHE A CG  1 
ATOM   485  C CD1 . PHE A 1 63  ? 11.444  -3.776  5.219   1.00 17.87  ? 84   PHE A CD1 1 
ATOM   486  C CD2 . PHE A 1 63  ? 11.108  -2.604  7.244   1.00 14.27  ? 84   PHE A CD2 1 
ATOM   487  C CE1 . PHE A 1 63  ? 10.594  -4.780  5.663   1.00 16.82  ? 84   PHE A CE1 1 
ATOM   488  C CE2 . PHE A 1 63  ? 10.257  -3.577  7.715   1.00 13.70  ? 84   PHE A CE2 1 
ATOM   489  C CZ  . PHE A 1 63  ? 10.006  -4.675  6.905   1.00 15.88  ? 84   PHE A CZ  1 
ATOM   490  N N   . MET A 1 64  ? 10.569  -0.154  4.029   1.00 15.01  ? 85   MET A N   1 
ATOM   491  C CA  . MET A 1 64  ? 9.239   -0.025  3.462   1.00 13.49  ? 85   MET A CA  1 
ATOM   492  C C   . MET A 1 64  ? 8.548   1.214   4.020   1.00 18.81  ? 85   MET A C   1 
ATOM   493  O O   . MET A 1 64  ? 9.043   1.783   4.991   1.00 15.31  ? 85   MET A O   1 
ATOM   494  C CB  . MET A 1 64  ? 8.412   -1.281  3.796   1.00 12.81  ? 85   MET A CB  1 
ATOM   495  C CG  . MET A 1 64  ? 8.380   -1.558  5.292   1.00 16.13  ? 85   MET A CG  1 
ATOM   496  S SD  . MET A 1 64  ? 6.953   -0.763  6.067   1.00 23.21  ? 85   MET A SD  1 
ATOM   497  C CE  . MET A 1 64  ? 7.629   -0.270  7.650   1.00 30.33  ? 85   MET A CE  1 
ATOM   498  N N   . ILE A 1 65  ? 7.419   1.590   3.426   1.00 15.65  ? 86   ILE A N   1 
ATOM   499  C CA  . ILE A 1 65  ? 6.593   2.628   4.059   1.00 14.98  ? 86   ILE A CA  1 
ATOM   500  C C   . ILE A 1 65  ? 5.227   2.026   4.344   1.00 15.28  ? 86   ILE A C   1 
ATOM   501  O O   . ILE A 1 65  ? 4.708   1.271   3.516   1.00 13.73  ? 86   ILE A O   1 
ATOM   502  C CB  . ILE A 1 65  ? 6.510   3.856   3.152   1.00 16.70  ? 86   ILE A CB  1 
ATOM   503  C CG1 . ILE A 1 65  ? 5.779   3.640   1.830   1.00 16.74  ? 86   ILE A CG1 1 
ATOM   504  C CG2 . ILE A 1 65  ? 7.927   4.381   2.886   1.00 16.06  ? 86   ILE A CG2 1 
ATOM   505  C CD1 . ILE A 1 65  ? 5.618   4.954   1.060   1.00 18.64  ? 86   ILE A CD1 1 
ATOM   506  N N   . GLN A 1 66  ? 4.622   2.298   5.489   1.00 12.60  ? 87   GLN A N   1 
ATOM   507  C CA  . GLN A 1 66  ? 3.387   1.608   5.837   1.00 16.19  ? 87   GLN A CA  1 
ATOM   508  C C   . GLN A 1 66  ? 2.291   2.591   6.238   1.00 19.27  ? 87   GLN A C   1 
ATOM   509  O O   . GLN A 1 66  ? 2.520   3.563   6.964   1.00 16.40  ? 87   GLN A O   1 
ATOM   510  C CB  . GLN A 1 66  ? 3.605   0.605   6.973   1.00 14.27  ? 87   GLN A CB  1 
ATOM   511  C CG  . GLN A 1 66  ? 2.327   0.030   7.588   1.00 15.58  ? 87   GLN A CG  1 
ATOM   512  C CD  . GLN A 1 66  ? 2.614   -1.003  8.679   1.00 20.92  ? 87   GLN A CD  1 
ATOM   513  O OE1 . GLN A 1 66  ? 1.749   -1.371  9.482   1.00 20.91  ? 87   GLN A OE1 1 
ATOM   514  N NE2 . GLN A 1 66  ? 3.844   -1.487  8.723   1.00 21.10  ? 87   GLN A NE2 1 
ATOM   515  N N   . GLY A 1 67  ? 1.084   2.304   5.756   1.00 15.31  ? 88   GLY A N   1 
ATOM   516  C CA  . GLY A 1 67  ? -0.036  3.176   6.075   1.00 21.37  ? 88   GLY A CA  1 
ATOM   517  C C   . GLY A 1 67  ? -1.349  2.421   6.072   1.00 21.52  ? 88   GLY A C   1 
ATOM   518  O O   . GLY A 1 67  ? -1.346  1.200   6.267   1.00 19.31  ? 88   GLY A O   1 
ATOM   519  N N   . GLY A 1 68  ? -2.441  3.144   5.878   1.00 18.74  ? 89   GLY A N   1 
ATOM   520  C CA  . GLY A 1 68  ? -3.749  2.491   5.865   1.00 22.04  ? 89   GLY A CA  1 
ATOM   521  C C   . GLY A 1 68  ? -4.432  2.393   7.215   1.00 18.61  ? 89   GLY A C   1 
ATOM   522  O O   . GLY A 1 68  ? -5.562  1.859   7.246   1.00 19.36  ? 89   GLY A O   1 
ATOM   523  N N   . ASP A 1 69  ? -3.848  2.874   8.313   1.00 16.95  ? 90   ASP A N   1 
ATOM   524  C CA  . ASP A 1 69  ? -4.538  2.847   9.607   1.00 15.78  ? 90   ASP A CA  1 
ATOM   525  C C   . ASP A 1 69  ? -5.422  4.101   9.718   1.00 24.70  ? 90   ASP A C   1 
ATOM   526  O O   . ASP A 1 69  ? -5.018  5.080   10.361  1.00 20.53  ? 90   ASP A O   1 
ATOM   527  C CB  . ASP A 1 69  ? -3.621  2.776   10.814  1.00 15.20  ? 90   ASP A CB  1 
ATOM   528  C CG  . ASP A 1 69  ? -4.347  2.587   12.143  1.00 19.04  ? 90   ASP A CG  1 
ATOM   529  O OD1 . ASP A 1 69  ? -5.578  2.784   12.180  1.00 24.60  ? 90   ASP A OD1 1 
ATOM   530  O OD2 . ASP A 1 69  ? -3.671  2.237   13.133  1.00 24.03  ? 90   ASP A OD2 1 
ATOM   531  N N   . PHE A 1 70  ? -6.587  4.025   9.097   1.00 21.98  ? 91   PHE A N   1 
ATOM   532  C CA  . PHE A 1 70  ? -7.540  5.131   9.100   1.00 25.03  ? 91   PHE A CA  1 
ATOM   533  C C   . PHE A 1 70  ? -8.358  5.195   10.383  1.00 28.30  ? 91   PHE A C   1 
ATOM   534  O O   . PHE A 1 70  ? -9.194  6.106   10.463  1.00 31.79  ? 91   PHE A O   1 
ATOM   535  C CB  . PHE A 1 70  ? -8.490  5.081   7.904   1.00 19.51  ? 91   PHE A CB  1 
ATOM   536  C CG  . PHE A 1 70  ? -9.432  3.891   7.810   1.00 31.85  ? 91   PHE A CG  1 
ATOM   537  C CD1 . PHE A 1 70  ? -10.654 3.839   8.460   1.00 39.65  ? 91   PHE A CD1 1 
ATOM   538  C CD2 . PHE A 1 70  ? -9.081  2.787   7.039   1.00 28.15  ? 91   PHE A CD2 1 
ATOM   539  C CE1 . PHE A 1 70  ? -11.497 2.753   8.367   1.00 35.11  ? 91   PHE A CE1 1 
ATOM   540  C CE2 . PHE A 1 70  ? -9.926  1.697   6.927   1.00 30.16  ? 91   PHE A CE2 1 
ATOM   541  C CZ  . PHE A 1 70  ? -11.141 1.668   7.582   1.00 33.35  ? 91   PHE A CZ  1 
ATOM   542  N N   . THR A 1 71  ? -8.197  4.296   11.355  1.00 25.53  ? 92   THR A N   1 
ATOM   543  C CA  . THR A 1 71  ? -9.029  4.516   12.545  1.00 33.82  ? 92   THR A CA  1 
ATOM   544  C C   . THR A 1 71  ? -8.169  4.954   13.723  1.00 36.64  ? 92   THR A C   1 
ATOM   545  O O   . THR A 1 71  ? -8.653  5.658   14.609  1.00 39.77  ? 92   THR A O   1 
ATOM   546  C CB  . THR A 1 71  ? -9.839  3.282   12.996  1.00 30.77  ? 92   THR A CB  1 
ATOM   547  O OG1 . THR A 1 71  ? -8.937  2.195   13.219  1.00 32.90  ? 92   THR A OG1 1 
ATOM   548  C CG2 . THR A 1 71  ? -10.827 2.846   11.925  1.00 34.05  ? 92   THR A CG2 1 
ATOM   549  N N   . ARG A 1 72  ? -6.905  4.545   13.780  1.00 25.90  ? 93   ARG A N   1 
ATOM   550  C CA  . ARG A 1 72  ? -6.092  4.945   14.927  1.00 29.01  ? 93   ARG A CA  1 
ATOM   551  C C   . ARG A 1 72  ? -4.821  5.657   14.490  1.00 34.85  ? 93   ARG A C   1 
ATOM   552  O O   . ARG A 1 72  ? -4.052  6.208   15.287  1.00 32.96  ? 93   ARG A O   1 
ATOM   553  C CB  . ARG A 1 72  ? -5.750  3.731   15.795  1.00 32.57  ? 93   ARG A CB  1 
ATOM   554  C CG  . ARG A 1 72  ? -6.943  2.826   16.077  1.00 37.91  ? 93   ARG A CG  1 
ATOM   555  C CD  . ARG A 1 72  ? -7.389  2.941   17.525  1.00 48.60  ? 93   ARG A CD  1 
ATOM   556  N NE  . ARG A 1 72  ? -7.739  4.330   17.833  1.00 52.20  ? 93   ARG A NE  1 
ATOM   557  C CZ  . ARG A 1 72  ? -8.988  4.740   18.024  1.00 71.34  ? 93   ARG A CZ  1 
ATOM   558  N NH1 . ARG A 1 72  ? -9.241  6.015   18.301  1.00 78.96  ? 93   ARG A NH1 1 
ATOM   559  N NH2 . ARG A 1 72  ? -9.992  3.875   17.930  1.00 95.70  ? 93   ARG A NH2 1 
ATOM   560  N N   . GLY A 1 73  ? -4.531  5.668   13.191  1.00 28.39  ? 94   GLY A N   1 
ATOM   561  C CA  . GLY A 1 73  ? -3.355  6.374   12.725  1.00 21.42  ? 94   GLY A CA  1 
ATOM   562  C C   . GLY A 1 73  ? -2.059  5.900   13.302  1.00 25.15  ? 94   GLY A C   1 
ATOM   563  O O   . GLY A 1 73  ? -1.018  6.543   13.127  1.00 27.49  ? 94   GLY A O   1 
ATOM   564  N N   . ASP A 1 74  ? -2.006  4.759   14.010  1.00 20.54  ? 95   ASP A N   1 
ATOM   565  C CA  . ASP A 1 74  ? -0.711  4.465   14.607  1.00 22.30  ? 95   ASP A CA  1 
ATOM   566  C C   . ASP A 1 74  ? -0.294  3.016   14.441  1.00 25.22  ? 95   ASP A C   1 
ATOM   567  O O   . ASP A 1 74  ? 0.706   2.554   14.997  1.00 28.21  ? 95   ASP A O   1 
ATOM   568  C CB  . ASP A 1 74  ? -0.761  4.839   16.097  1.00 30.38  ? 95   ASP A CB  1 
ATOM   569  C CG  . ASP A 1 74  ? -1.600  3.903   16.940  1.00 40.87  ? 95   ASP A CG  1 
ATOM   570  O OD1 . ASP A 1 74  ? -2.310  3.042   16.375  1.00 32.59  ? 95   ASP A OD1 1 
ATOM   571  O OD2 . ASP A 1 74  ? -1.558  4.023   18.191  1.00 37.23  ? 95   ASP A OD2 1 
ATOM   572  N N   . GLY A 1 75  ? -1.097  2.277   13.656  1.00 24.99  ? 96   GLY A N   1 
ATOM   573  C CA  . GLY A 1 75  ? -0.695  0.888   13.484  1.00 20.74  ? 96   GLY A CA  1 
ATOM   574  C C   . GLY A 1 75  ? -1.595  -0.064  14.245  1.00 31.25  ? 96   GLY A C   1 
ATOM   575  O O   . GLY A 1 75  ? -1.513  -1.276  14.043  1.00 22.23  ? 96   GLY A O   1 
ATOM   576  N N   . THR A 1 76  ? -2.450  0.447   15.131  1.00 29.08  ? 97   THR A N   1 
ATOM   577  C CA  . THR A 1 76  ? -3.252  -0.457  15.948  1.00 32.14  ? 97   THR A CA  1 
ATOM   578  C C   . THR A 1 76  ? -4.683  -0.585  15.438  1.00 36.23  ? 97   THR A C   1 
ATOM   579  O O   . THR A 1 76  ? -5.460  -1.407  15.938  1.00 27.43  ? 97   THR A O   1 
ATOM   580  C CB  . THR A 1 76  ? -3.318  0.029   17.413  1.00 28.38  ? 97   THR A CB  1 
ATOM   581  O OG1 . THR A 1 76  ? -3.992  1.296   17.452  1.00 23.84  ? 97   THR A OG1 1 
ATOM   582  C CG2 . THR A 1 76  ? -1.916  0.203   17.973  1.00 31.79  ? 97   THR A CG2 1 
ATOM   583  N N   . GLY A 1 77  ? -5.015  0.239   14.449  1.00 23.43  ? 98   GLY A N   1 
ATOM   584  C CA  . GLY A 1 77  ? -6.381  0.345   13.981  1.00 18.64  ? 98   GLY A CA  1 
ATOM   585  C C   . GLY A 1 77  ? -6.548  -0.158  12.567  1.00 22.76  ? 98   GLY A C   1 
ATOM   586  O O   . GLY A 1 77  ? -5.796  -0.998  12.058  1.00 24.27  ? 98   GLY A O   1 
ATOM   587  N N   . GLY A 1 78  ? -7.572  0.350   11.891  1.00 20.88  ? 99   GLY A N   1 
ATOM   588  C CA  . GLY A 1 78  ? -7.855  -0.141  10.550  1.00 19.12  ? 99   GLY A CA  1 
ATOM   589  C C   . GLY A 1 78  ? -8.886  -1.263  10.550  1.00 16.92  ? 99   GLY A C   1 
ATOM   590  O O   . GLY A 1 78  ? -9.088  -1.965  11.531  1.00 24.61  ? 99   GLY A O   1 
ATOM   591  N N   . ARG A 1 79  ? -9.521  -1.410  9.397   1.00 20.44  ? 100  ARG A N   1 
ATOM   592  C CA  . ARG A 1 79  ? -10.457 -2.517  9.203   1.00 19.81  ? 100  ARG A CA  1 
ATOM   593  C C   . ARG A 1 79  ? -10.764 -2.671  7.725   1.00 22.89  ? 100  ARG A C   1 
ATOM   594  O O   . ARG A 1 79  ? -10.640 -1.789  6.870   1.00 22.54  ? 100  ARG A O   1 
ATOM   595  C CB  . ARG A 1 79  ? -11.710 -2.270  10.039  1.00 27.40  ? 100  ARG A CB  1 
ATOM   596  C CG  . ARG A 1 79  ? -12.750 -1.397  9.354   1.00 41.91  ? 100  ARG A CG  1 
ATOM   597  C CD  . ARG A 1 79  ? -13.807 -0.943  10.363  1.00 63.68  ? 100  ARG A CD  1 
ATOM   598  N NE  . ARG A 1 79  ? -14.141 0.470   10.169  1.00 78.22  ? 100  ARG A NE  1 
ATOM   599  C CZ  . ARG A 1 79  ? -14.575 0.996   9.028   1.00 88.61  ? 100  ARG A CZ  1 
ATOM   600  N NH1 . ARG A 1 79  ? -14.739 0.239   7.948   1.00 102.72 ? 100  ARG A NH1 1 
ATOM   601  N NH2 . ARG A 1 79  ? -14.853 2.294   8.945   1.00 94.28  ? 100  ARG A NH2 1 
ATOM   602  N N   . SER A 1 80  ? -11.197 -3.882  7.364   1.00 20.57  ? 101  SER A N   1 
ATOM   603  C CA  . SER A 1 80  ? -11.485 -4.129  5.958   1.00 16.32  ? 101  SER A CA  1 
ATOM   604  C C   . SER A 1 80  ? -12.969 -3.963  5.664   1.00 25.99  ? 101  SER A C   1 
ATOM   605  O O   . SER A 1 80  ? -13.793 -3.834  6.573   1.00 27.12  ? 101  SER A O   1 
ATOM   606  C CB  . SER A 1 80  ? -11.053 -5.562  5.606   1.00 18.15  ? 101  SER A CB  1 
ATOM   607  O OG  . SER A 1 80  ? -12.148 -6.452  5.811   1.00 21.26  ? 101  SER A OG  1 
ATOM   608  N N   . ILE A 1 81  ? -13.298 -3.994  4.381   1.00 23.56  ? 102  ILE A N   1 
ATOM   609  C CA  . ILE A 1 81  ? -14.679 -3.942  3.939   1.00 23.18  ? 102  ILE A CA  1 
ATOM   610  C C   . ILE A 1 81  ? -15.428 -5.241  4.259   1.00 26.12  ? 102  ILE A C   1 
ATOM   611  O O   . ILE A 1 81  ? -16.642 -5.300  4.073   1.00 26.93  ? 102  ILE A O   1 
ATOM   612  C CB  . ILE A 1 81  ? -14.754 -3.674  2.429   1.00 19.57  ? 102  ILE A CB  1 
ATOM   613  C CG1 . ILE A 1 81  ? -14.198 -4.794  1.533   1.00 17.63  ? 102  ILE A CG1 1 
ATOM   614  C CG2 . ILE A 1 81  ? -14.063 -2.359  2.071   1.00 31.13  ? 102  ILE A CG2 1 
ATOM   615  C CD1 . ILE A 1 81  ? -14.634 -4.607  0.084   1.00 20.81  ? 102  ILE A CD1 1 
ATOM   616  N N   . TYR A 1 82  ? -14.732 -6.259  4.735   1.00 20.38  ? 103  TYR A N   1 
ATOM   617  C CA  . TYR A 1 82  ? -15.319 -7.563  5.033   1.00 19.66  ? 103  TYR A CA  1 
ATOM   618  C C   . TYR A 1 82  ? -15.558 -7.752  6.514   1.00 22.82  ? 103  TYR A C   1 
ATOM   619  O O   . TYR A 1 82  ? -15.919 -8.829  6.999   1.00 22.64  ? 103  TYR A O   1 
ATOM   620  C CB  . TYR A 1 82  ? -14.362 -8.686  4.567   1.00 16.68  ? 103  TYR A CB  1 
ATOM   621  C CG  . TYR A 1 82  ? -13.934 -8.516  3.132   1.00 18.72  ? 103  TYR A CG  1 
ATOM   622  C CD1 . TYR A 1 82  ? -14.875 -8.459  2.111   1.00 18.59  ? 103  TYR A CD1 1 
ATOM   623  C CD2 . TYR A 1 82  ? -12.597 -8.408  2.794   1.00 18.09  ? 103  TYR A CD2 1 
ATOM   624  C CE1 . TYR A 1 82  ? -14.514 -8.302  0.778   1.00 17.69  ? 103  TYR A CE1 1 
ATOM   625  C CE2 . TYR A 1 82  ? -12.218 -8.248  1.472   1.00 17.65  ? 103  TYR A CE2 1 
ATOM   626  C CZ  . TYR A 1 82  ? -13.172 -8.195  0.474   1.00 18.99  ? 103  TYR A CZ  1 
ATOM   627  O OH  . TYR A 1 82  ? -12.811 -8.041  -0.845  1.00 19.31  ? 103  TYR A OH  1 
ATOM   628  N N   . GLY A 1 83  ? -15.326 -6.713  7.312   1.00 23.19  ? 104  GLY A N   1 
ATOM   629  C CA  . GLY A 1 83  ? -15.292 -6.913  8.759   1.00 24.51  ? 104  GLY A CA  1 
ATOM   630  C C   . GLY A 1 83  ? -13.950 -6.458  9.298   1.00 32.57  ? 104  GLY A C   1 
ATOM   631  O O   . GLY A 1 83  ? -13.152 -5.929  8.508   1.00 30.60  ? 104  GLY A O   1 
ATOM   632  N N   . GLU A 1 84  ? -13.704 -6.649  10.598  1.00 29.38  ? 105  GLU A N   1 
ATOM   633  C CA  . GLU A 1 84  ? -12.446 -6.132  11.129  1.00 31.34  ? 105  GLU A CA  1 
ATOM   634  C C   . GLU A 1 84  ? -11.236 -6.751  10.422  1.00 31.96  ? 105  GLU A C   1 
ATOM   635  O O   . GLU A 1 84  ? -10.337 -5.980  10.101  1.00 28.60  ? 105  GLU A O   1 
ATOM   636  C CB  . GLU A 1 84  ? -12.278 -6.356  12.636  1.00 35.92  ? 105  GLU A CB  1 
ATOM   637  C CG  . GLU A 1 84  ? -11.660 -5.131  13.312  1.00 49.55  ? 105  GLU A CG  1 
ATOM   638  C CD  . GLU A 1 84  ? -10.776 -5.465  14.492  1.00 59.15  ? 105  GLU A CD  1 
ATOM   639  O OE1 . GLU A 1 84  ? -10.812 -6.614  14.985  1.00 63.48  ? 105  GLU A OE1 1 
ATOM   640  O OE2 . GLU A 1 84  ? -10.029 -4.564  14.941  1.00 68.50  ? 105  GLU A OE2 1 
ATOM   641  N N   . LYS A 1 85  ? -11.249 -8.062  10.237  1.00 26.91  ? 106  LYS A N   1 
ATOM   642  C CA  . LYS A 1 85  ? -10.126 -8.823  9.697   1.00 21.63  ? 106  LYS A CA  1 
ATOM   643  C C   . LYS A 1 85  ? -10.597 -9.776  8.609   1.00 26.14  ? 106  LYS A C   1 
ATOM   644  O O   . LYS A 1 85  ? -11.756 -10.185 8.589   1.00 21.45  ? 106  LYS A O   1 
ATOM   645  C CB  . LYS A 1 85  ? -9.439  -9.621  10.800  1.00 23.37  ? 106  LYS A CB  1 
ATOM   646  C CG  . LYS A 1 85  ? -8.544  -8.803  11.707  1.00 35.40  ? 106  LYS A CG  1 
ATOM   647  C CD  . LYS A 1 85  ? -7.844  -7.690  10.940  1.00 44.26  ? 106  LYS A CD  1 
ATOM   648  C CE  . LYS A 1 85  ? -7.700  -6.420  11.765  1.00 51.10  ? 106  LYS A CE  1 
ATOM   649  N NZ  . LYS A 1 85  ? -6.944  -6.670  13.031  1.00 45.80  ? 106  LYS A NZ  1 
ATOM   650  N N   . PHE A 1 86  ? -9.688  -10.128 7.699   1.00 22.13  ? 107  PHE A N   1 
ATOM   651  C CA  . PHE A 1 86  ? -10.006 -11.193 6.748   1.00 20.75  ? 107  PHE A CA  1 
ATOM   652  C C   . PHE A 1 86  ? -8.775  -12.059 6.501   1.00 20.54  ? 107  PHE A C   1 
ATOM   653  O O   . PHE A 1 86  ? -7.617  -11.680 6.758   1.00 16.55  ? 107  PHE A O   1 
ATOM   654  C CB  . PHE A 1 86  ? -10.593 -10.638 5.460   1.00 20.80  ? 107  PHE A CB  1 
ATOM   655  C CG  . PHE A 1 86  ? -9.683  -9.858  4.534   1.00 19.58  ? 107  PHE A CG  1 
ATOM   656  C CD1 . PHE A 1 86  ? -9.473  -8.498  4.760   1.00 18.07  ? 107  PHE A CD1 1 
ATOM   657  C CD2 . PHE A 1 86  ? -9.059  -10.456 3.460   1.00 21.77  ? 107  PHE A CD2 1 
ATOM   658  C CE1 . PHE A 1 86  ? -8.649  -7.792  3.893   1.00 19.46  ? 107  PHE A CE1 1 
ATOM   659  C CE2 . PHE A 1 86  ? -8.255  -9.744  2.581   1.00 24.79  ? 107  PHE A CE2 1 
ATOM   660  C CZ  . PHE A 1 86  ? -8.072  -8.391  2.796   1.00 19.83  ? 107  PHE A CZ  1 
ATOM   661  N N   . ALA A 1 87  ? -9.038  -13.258 5.989   1.00 20.69  ? 108  ALA A N   1 
ATOM   662  C CA  . ALA A 1 87  ? -7.991  -14.267 5.843   1.00 22.28  ? 108  ALA A CA  1 
ATOM   663  C C   . ALA A 1 87  ? -6.989  -13.931 4.743   1.00 16.38  ? 108  ALA A C   1 
ATOM   664  O O   . ALA A 1 87  ? -7.310  -13.188 3.806   1.00 19.85  ? 108  ALA A O   1 
ATOM   665  C CB  . ALA A 1 87  ? -8.640  -15.630 5.549   1.00 21.11  ? 108  ALA A CB  1 
ATOM   666  N N   . ASP A 1 88  ? -5.795  -14.494 4.894   1.00 14.95  ? 109  ASP A N   1 
ATOM   667  C CA  . ASP A 1 88  ? -4.743  -14.437 3.899   1.00 15.48  ? 109  ASP A CA  1 
ATOM   668  C C   . ASP A 1 88  ? -5.264  -15.095 2.633   1.00 22.22  ? 109  ASP A C   1 
ATOM   669  O O   . ASP A 1 88  ? -5.556  -16.295 2.687   1.00 18.85  ? 109  ASP A O   1 
ATOM   670  C CB  . ASP A 1 88  ? -3.470  -15.148 4.360   1.00 18.95  ? 109  ASP A CB  1 
ATOM   671  C CG  . ASP A 1 88  ? -2.797  -14.395 5.492   1.00 22.05  ? 109  ASP A CG  1 
ATOM   672  O OD1 . ASP A 1 88  ? -2.717  -13.142 5.408   1.00 20.58  ? 109  ASP A OD1 1 
ATOM   673  O OD2 . ASP A 1 88  ? -2.337  -15.042 6.454   1.00 21.68  ? 109  ASP A OD2 1 
ATOM   674  N N   . GLU A 1 89  ? -5.400  -14.325 1.559   1.00 16.13  ? 110  GLU A N   1 
ATOM   675  C CA  . GLU A 1 89  ? -6.076  -14.907 0.397   1.00 15.65  ? 110  GLU A CA  1 
ATOM   676  C C   . GLU A 1 89  ? -5.223  -15.958 -0.294  1.00 21.03  ? 110  GLU A C   1 
ATOM   677  O O   . GLU A 1 89  ? -5.709  -17.061 -0.567  1.00 20.97  ? 110  GLU A O   1 
ATOM   678  C CB  . GLU A 1 89  ? -6.485  -13.799 -0.567  1.00 17.22  ? 110  GLU A CB  1 
ATOM   679  C CG  . GLU A 1 89  ? -7.111  -14.281 -1.863  1.00 20.70  ? 110  GLU A CG  1 
ATOM   680  C CD  . GLU A 1 89  ? -7.722  -13.090 -2.595  1.00 30.01  ? 110  GLU A CD  1 
ATOM   681  O OE1 . GLU A 1 89  ? -7.281  -11.944 -2.340  1.00 19.52  ? 110  GLU A OE1 1 
ATOM   682  O OE2 . GLU A 1 89  ? -8.629  -13.277 -3.426  1.00 18.32  ? 110  GLU A OE2 1 
ATOM   683  N N   . ASN A 1 90  ? -3.965  -15.678 -0.606  1.00 17.47  ? 111  ASN A N   1 
ATOM   684  C CA  . ASN A 1 90  ? -3.027  -16.646 -1.147  1.00 17.25  ? 111  ASN A CA  1 
ATOM   685  C C   . ASN A 1 90  ? -1.643  -16.024 -1.009  1.00 17.41  ? 111  ASN A C   1 
ATOM   686  O O   . ASN A 1 90  ? -1.595  -14.842 -0.650  1.00 20.35  ? 111  ASN A O   1 
ATOM   687  C CB  . ASN A 1 90  ? -3.298  -17.054 -2.590  1.00 17.78  ? 111  ASN A CB  1 
ATOM   688  C CG  . ASN A 1 90  ? -3.257  -15.918 -3.587  1.00 19.67  ? 111  ASN A CG  1 
ATOM   689  O OD1 . ASN A 1 90  ? -2.219  -15.270 -3.746  1.00 17.17  ? 111  ASN A OD1 1 
ATOM   690  N ND2 . ASN A 1 90  ? -4.387  -15.681 -4.235  1.00 17.14  ? 111  ASN A ND2 1 
ATOM   691  N N   . PHE A 1 91  ? -0.583  -16.780 -1.249  1.00 14.69  ? 112  PHE A N   1 
ATOM   692  C CA  . PHE A 1 91  ? 0.760   -16.193 -1.260  1.00 16.93  ? 112  PHE A CA  1 
ATOM   693  C C   . PHE A 1 91  ? 1.382   -16.491 -2.620  1.00 16.23  ? 112  PHE A C   1 
ATOM   694  O O   . PHE A 1 91  ? 2.536   -16.875 -2.740  1.00 17.82  ? 112  PHE A O   1 
ATOM   695  C CB  . PHE A 1 91  ? 1.658   -16.696 -0.130  1.00 18.52  ? 112  PHE A CB  1 
ATOM   696  C CG  . PHE A 1 91  ? 1.101   -16.282 1.234   1.00 20.51  ? 112  PHE A CG  1 
ATOM   697  C CD1 . PHE A 1 91  ? 1.311   -14.999 1.712   1.00 21.29  ? 112  PHE A CD1 1 
ATOM   698  C CD2 . PHE A 1 91  ? 0.378   -17.156 2.030   1.00 13.92  ? 112  PHE A CD2 1 
ATOM   699  C CE1 . PHE A 1 91  ? 0.815   -14.619 2.940   1.00 16.33  ? 112  PHE A CE1 1 
ATOM   700  C CE2 . PHE A 1 91  ? -0.147  -16.781 3.254   1.00 13.97  ? 112  PHE A CE2 1 
ATOM   701  C CZ  . PHE A 1 91  ? 0.063   -15.489 3.711   1.00 17.77  ? 112  PHE A CZ  1 
ATOM   702  N N   . LYS A 1 92  ? 0.559   -16.307 -3.655  1.00 15.43  ? 113  LYS A N   1 
ATOM   703  C CA  . LYS A 1 92  ? 1.081   -16.506 -5.002  1.00 15.65  ? 113  LYS A CA  1 
ATOM   704  C C   . LYS A 1 92  ? 2.264   -15.585 -5.307  1.00 23.41  ? 113  LYS A C   1 
ATOM   705  O O   . LYS A 1 92  ? 3.233   -16.019 -5.929  1.00 19.47  ? 113  LYS A O   1 
ATOM   706  C CB  . LYS A 1 92  ? -0.028  -16.267 -6.021  1.00 20.04  ? 113  LYS A CB  1 
ATOM   707  C CG  . LYS A 1 92  ? -1.133  -17.293 -6.079  1.00 23.47  ? 113  LYS A CG  1 
ATOM   708  C CD  . LYS A 1 92  ? -2.042  -17.034 -7.276  1.00 34.69  ? 113  LYS A CD  1 
ATOM   709  C CE  . LYS A 1 92  ? -3.461  -17.487 -6.978  1.00 43.05  ? 113  LYS A CE  1 
ATOM   710  N NZ  . LYS A 1 92  ? -4.493  -16.616 -7.615  1.00 38.44  ? 113  LYS A NZ  1 
ATOM   711  N N   . LEU A 1 93  ? 2.213   -14.317 -4.884  1.00 17.97  ? 114  LEU A N   1 
ATOM   712  C CA  . LEU A 1 93  ? 3.274   -13.375 -5.238  1.00 18.47  ? 114  LEU A CA  1 
ATOM   713  C C   . LEU A 1 93  ? 4.248   -13.095 -4.100  1.00 18.92  ? 114  LEU A C   1 
ATOM   714  O O   . LEU A 1 93  ? 3.907   -13.124 -2.916  1.00 17.46  ? 114  LEU A O   1 
ATOM   715  C CB  . LEU A 1 93  ? 2.624   -12.060 -5.715  1.00 17.02  ? 114  LEU A CB  1 
ATOM   716  C CG  . LEU A 1 93  ? 1.644   -12.201 -6.893  1.00 20.20  ? 114  LEU A CG  1 
ATOM   717  C CD1 . LEU A 1 93  ? 0.931   -10.885 -7.178  1.00 21.62  ? 114  LEU A CD1 1 
ATOM   718  C CD2 . LEU A 1 93  ? 2.347   -12.691 -8.150  1.00 17.70  ? 114  LEU A CD2 1 
ATOM   719  N N   . LYS A 1 94  ? 5.502   -12.808 -4.457  1.00 19.55  ? 115  LYS A N   1 
ATOM   720  C CA  . LYS A 1 94  ? 6.554   -12.434 -3.526  1.00 17.33  ? 115  LYS A CA  1 
ATOM   721  C C   . LYS A 1 94  ? 6.803   -10.918 -3.516  1.00 17.15  ? 115  LYS A C   1 
ATOM   722  O O   . LYS A 1 94  ? 6.257   -10.213 -4.370  1.00 19.07  ? 115  LYS A O   1 
ATOM   723  C CB  . LYS A 1 94  ? 7.873   -13.129 -3.889  1.00 17.63  ? 115  LYS A CB  1 
ATOM   724  C CG  . LYS A 1 94  ? 7.718   -14.650 -3.900  1.00 23.88  ? 115  LYS A CG  1 
ATOM   725  C CD  . LYS A 1 94  ? 9.077   -15.304 -4.112  1.00 28.02  ? 115  LYS A CD  1 
ATOM   726  C CE  . LYS A 1 94  ? 8.885   -16.779 -4.452  1.00 38.46  ? 115  LYS A CE  1 
ATOM   727  N NZ  . LYS A 1 94  ? 10.128  -17.304 -5.097  1.00 54.07  ? 115  LYS A NZ  1 
ATOM   728  N N   . HIS A 1 95  ? 7.612   -10.478 -2.567  1.00 14.69  ? 116  HIS A N   1 
ATOM   729  C CA  . HIS A 1 95  ? 8.063   -9.089  -2.458  1.00 17.06  ? 116  HIS A CA  1 
ATOM   730  C C   . HIS A 1 95  ? 9.307   -8.966  -3.334  1.00 16.99  ? 116  HIS A C   1 
ATOM   731  O O   . HIS A 1 95  ? 10.419  -8.998  -2.828  1.00 22.69  ? 116  HIS A O   1 
ATOM   732  C CB  . HIS A 1 95  ? 8.367   -8.726  -1.002  1.00 16.68  ? 116  HIS A CB  1 
ATOM   733  C CG  . HIS A 1 95  ? 7.174   -8.892  -0.109  1.00 16.28  ? 116  HIS A CG  1 
ATOM   734  N ND1 . HIS A 1 95  ? 6.745   -10.118 0.357   1.00 13.89  ? 116  HIS A ND1 1 
ATOM   735  C CD2 . HIS A 1 95  ? 6.297   -7.974  0.379   1.00 14.34  ? 116  HIS A CD2 1 
ATOM   736  C CE1 . HIS A 1 95  ? 5.669   -9.946  1.103   1.00 14.33  ? 116  HIS A CE1 1 
ATOM   737  N NE2 . HIS A 1 95  ? 5.378   -8.652  1.140   1.00 17.13  ? 116  HIS A NE2 1 
ATOM   738  N N   . TYR A 1 96  ? 9.100   -8.878  -4.637  1.00 15.87  ? 117  TYR A N   1 
ATOM   739  C CA  . TYR A 1 96  ? 10.168  -9.011  -5.618  1.00 17.41  ? 117  TYR A CA  1 
ATOM   740  C C   . TYR A 1 96  ? 11.239  -7.934  -5.534  1.00 17.41  ? 117  TYR A C   1 
ATOM   741  O O   . TYR A 1 96  ? 12.380  -8.167  -5.958  1.00 19.90  ? 117  TYR A O   1 
ATOM   742  C CB  . TYR A 1 96  ? 9.588   -9.058  -7.049  1.00 19.01  ? 117  TYR A CB  1 
ATOM   743  C CG  . TYR A 1 96  ? 8.659   -10.256 -7.221  1.00 20.99  ? 117  TYR A CG  1 
ATOM   744  C CD1 . TYR A 1 96  ? 9.191   -11.550 -7.305  1.00 19.37  ? 117  TYR A CD1 1 
ATOM   745  C CD2 . TYR A 1 96  ? 7.290   -10.065 -7.281  1.00 15.01  ? 117  TYR A CD2 1 
ATOM   746  C CE1 . TYR A 1 96  ? 8.317   -12.618 -7.458  1.00 20.55  ? 117  TYR A CE1 1 
ATOM   747  C CE2 . TYR A 1 96  ? 6.418   -11.134 -7.433  1.00 21.56  ? 117  TYR A CE2 1 
ATOM   748  C CZ  . TYR A 1 96  ? 6.962   -12.406 -7.518  1.00 25.90  ? 117  TYR A CZ  1 
ATOM   749  O OH  . TYR A 1 96  ? 6.112   -13.483 -7.669  1.00 25.28  ? 117  TYR A OH  1 
ATOM   750  N N   . GLY A 1 97  ? 10.917  -6.765  -4.997  1.00 14.41  ? 118  GLY A N   1 
ATOM   751  C CA  . GLY A 1 97  ? 11.920  -5.686  -4.955  1.00 15.19  ? 118  GLY A CA  1 
ATOM   752  C C   . GLY A 1 97  ? 11.224  -4.428  -4.452  1.00 16.37  ? 118  GLY A C   1 
ATOM   753  O O   . GLY A 1 97  ? 10.071  -4.529  -4.020  1.00 15.95  ? 118  GLY A O   1 
ATOM   754  N N   . ALA A 1 98  ? 11.871  -3.270  -4.512  1.00 17.75  ? 119  ALA A N   1 
ATOM   755  C CA  . ALA A 1 98  ? 11.177  -2.015  -4.231  1.00 18.16  ? 119  ALA A CA  1 
ATOM   756  C C   . ALA A 1 98  ? 9.907   -1.885  -5.058  1.00 12.57  ? 119  ALA A C   1 
ATOM   757  O O   . ALA A 1 98  ? 9.881   -2.277  -6.235  1.00 16.37  ? 119  ALA A O   1 
ATOM   758  C CB  . ALA A 1 98  ? 12.053  -0.806  -4.574  1.00 18.44  ? 119  ALA A CB  1 
ATOM   759  N N   . GLY A 1 99  ? 8.875   -1.311  -4.448  1.00 15.58  ? 120  GLY A N   1 
ATOM   760  C CA  . GLY A 1 99  ? 7.705   -0.872  -5.156  1.00 13.28  ? 120  GLY A CA  1 
ATOM   761  C C   . GLY A 1 99  ? 6.605   -1.915  -5.247  1.00 15.54  ? 120  GLY A C   1 
ATOM   762  O O   . GLY A 1 99  ? 5.745   -1.800  -6.110  1.00 15.61  ? 120  GLY A O   1 
ATOM   763  N N   . TRP A 1 100 ? 6.670   -2.905  -4.356  1.00 13.02  ? 121  TRP A N   1 
ATOM   764  C CA  . TRP A 1 100 ? 5.558   -3.860  -4.274  1.00 18.61  ? 121  TRP A CA  1 
ATOM   765  C C   . TRP A 1 100 ? 4.704   -3.588  -3.038  1.00 13.49  ? 121  TRP A C   1 
ATOM   766  O O   . TRP A 1 100 ? 5.167   -3.199  -1.968  1.00 15.46  ? 121  TRP A O   1 
ATOM   767  C CB  . TRP A 1 100 ? 6.081   -5.315  -4.302  1.00 14.50  ? 121  TRP A CB  1 
ATOM   768  C CG  . TRP A 1 100 ? 6.567   -5.580  -5.715  1.00 16.22  ? 121  TRP A CG  1 
ATOM   769  C CD1 . TRP A 1 100 ? 7.721   -5.097  -6.261  1.00 14.78  ? 121  TRP A CD1 1 
ATOM   770  C CD2 . TRP A 1 100 ? 5.921   -6.364  -6.718  1.00 13.21  ? 121  TRP A CD2 1 
ATOM   771  N NE1 . TRP A 1 100 ? 7.845   -5.525  -7.565  1.00 15.57  ? 121  TRP A NE1 1 
ATOM   772  C CE2 . TRP A 1 100 ? 6.749   -6.309  -7.859  1.00 16.28  ? 121  TRP A CE2 1 
ATOM   773  C CE3 . TRP A 1 100 ? 4.729   -7.103  -6.755  1.00 13.13  ? 121  TRP A CE3 1 
ATOM   774  C CZ2 . TRP A 1 100 ? 6.440   -6.969  -9.062  1.00 16.38  ? 121  TRP A CZ2 1 
ATOM   775  C CZ3 . TRP A 1 100 ? 4.423   -7.751  -7.942  1.00 12.70  ? 121  TRP A CZ3 1 
ATOM   776  C CH2 . TRP A 1 100 ? 5.262   -7.680  -9.057  1.00 17.80  ? 121  TRP A CH2 1 
ATOM   777  N N   . LEU A 1 101 ? 3.421   -3.826  -3.230  1.00 11.42  ? 122  LEU A N   1 
ATOM   778  C CA  . LEU A 1 101 ? 2.323   -3.556  -2.342  1.00 10.96  ? 122  LEU A CA  1 
ATOM   779  C C   . LEU A 1 101 ? 1.886   -4.866  -1.655  1.00 15.75  ? 122  LEU A C   1 
ATOM   780  O O   . LEU A 1 101 ? 1.622   -5.844  -2.353  1.00 16.92  ? 122  LEU A O   1 
ATOM   781  C CB  . LEU A 1 101 ? 1.075   -3.004  -3.030  1.00 16.33  ? 122  LEU A CB  1 
ATOM   782  C CG  . LEU A 1 101 ? 0.882   -1.487  -3.043  1.00 31.65  ? 122  LEU A CG  1 
ATOM   783  C CD1 . LEU A 1 101 ? 0.576   -0.945  -1.656  1.00 23.44  ? 122  LEU A CD1 1 
ATOM   784  C CD2 . LEU A 1 101 ? 2.120   -0.848  -3.659  1.00 27.85  ? 122  LEU A CD2 1 
ATOM   785  N N   . SER A 1 102 ? 1.843   -4.776  -0.340  1.00 13.78  ? 123  SER A N   1 
ATOM   786  C CA  . SER A 1 102 ? 1.505   -5.971  0.452   1.00 14.84  ? 123  SER A CA  1 
ATOM   787  C C   . SER A 1 102 ? 0.764   -5.614  1.720   1.00 20.31  ? 123  SER A C   1 
ATOM   788  O O   . SER A 1 102 ? 0.861   -4.501  2.276   1.00 14.38  ? 123  SER A O   1 
ATOM   789  C CB  . SER A 1 102 ? 2.838   -6.685  0.697   1.00 19.64  ? 123  SER A CB  1 
ATOM   790  O OG  . SER A 1 102 ? 2.775   -7.734  1.628   1.00 20.42  ? 123  SER A OG  1 
ATOM   791  N N   . MET A 1 103 ? -0.029  -6.578  2.197   1.00 15.05  ? 124  MET A N   1 
ATOM   792  C CA  . MET A 1 103 ? -0.845  -6.290  3.379   1.00 15.27  ? 124  MET A CA  1 
ATOM   793  C C   . MET A 1 103 ? -0.044  -6.397  4.663   1.00 16.08  ? 124  MET A C   1 
ATOM   794  O O   . MET A 1 103 ? 0.660   -7.373  4.945   1.00 15.06  ? 124  MET A O   1 
ATOM   795  C CB  . MET A 1 103 ? -2.051  -7.246  3.467   1.00 19.43  ? 124  MET A CB  1 
ATOM   796  C CG  . MET A 1 103 ? -3.031  -7.081  2.311   1.00 17.21  ? 124  MET A CG  1 
ATOM   797  S SD  . MET A 1 103 ? -3.786  -5.432  2.312   1.00 18.53  ? 124  MET A SD  1 
ATOM   798  C CE  . MET A 1 103 ? -4.841  -5.512  3.738   1.00 17.53  ? 124  MET A CE  1 
ATOM   799  N N   . ALA A 1 104 ? -0.169  -5.379  5.515   1.00 12.89  ? 125  ALA A N   1 
ATOM   800  C CA  . ALA A 1 104 ? 0.404   -5.430  6.838   1.00 15.89  ? 125  ALA A CA  1 
ATOM   801  C C   . ALA A 1 104 ? -0.436  -6.407  7.653   1.00 15.96  ? 125  ALA A C   1 
ATOM   802  O O   . ALA A 1 104 ? -1.621  -6.568  7.340   1.00 17.46  ? 125  ALA A O   1 
ATOM   803  C CB  . ALA A 1 104 ? 0.399   -4.057  7.500   1.00 20.17  ? 125  ALA A CB  1 
ATOM   804  N N   . ASN A 1 105 ? 0.121   -7.057  8.657   1.00 18.64  ? 126  ASN A N   1 
ATOM   805  C CA  . ASN A 1 105 ? -0.768  -7.877  9.492   1.00 20.54  ? 126  ASN A CA  1 
ATOM   806  C C   . ASN A 1 105 ? -0.098  -8.118  10.839  1.00 25.78  ? 126  ASN A C   1 
ATOM   807  O O   . ASN A 1 105 ? 1.070   -7.765  11.027  1.00 24.39  ? 126  ASN A O   1 
ATOM   808  C CB  . ASN A 1 105 ? -1.123  -9.207  8.834   1.00 16.77  ? 126  ASN A CB  1 
ATOM   809  C CG  . ASN A 1 105 ? 0.104   -10.068 8.572   1.00 19.18  ? 126  ASN A CG  1 
ATOM   810  O OD1 . ASN A 1 105 ? 0.936   -10.311 9.454   1.00 24.91  ? 126  ASN A OD1 1 
ATOM   811  N ND2 . ASN A 1 105 ? 0.229   -10.554 7.332   1.00 18.46  ? 126  ASN A ND2 1 
ATOM   812  N N   . ALA A 1 106 ? -0.893  -8.744  11.700  1.00 19.84  ? 127  ALA A N   1 
ATOM   813  C CA  . ALA A 1 106 ? -0.372  -9.158  13.003  1.00 29.32  ? 127  ALA A CA  1 
ATOM   814  C C   . ALA A 1 106 ? -0.345  -10.674 13.122  1.00 27.06  ? 127  ALA A C   1 
ATOM   815  O O   . ALA A 1 106 ? -0.734  -11.191 14.173  1.00 35.39  ? 127  ALA A O   1 
ATOM   816  C CB  . ALA A 1 106 ? -1.205  -8.535  14.118  1.00 29.66  ? 127  ALA A CB  1 
ATOM   817  N N   . GLY A 1 107 ? 0.101   -11.361 12.068  1.00 24.73  ? 128  GLY A N   1 
ATOM   818  C CA  . GLY A 1 107 ? 0.089   -12.822 12.057  1.00 31.16  ? 128  GLY A CA  1 
ATOM   819  C C   . GLY A 1 107 ? -0.954  -13.370 11.102  1.00 26.64  ? 128  GLY A C   1 
ATOM   820  O O   . GLY A 1 107 ? -1.672  -12.578 10.489  1.00 24.74  ? 128  GLY A O   1 
ATOM   821  N N   . ALA A 1 108 ? -1.062  -14.692 10.967  1.00 28.62  ? 129  ALA A N   1 
ATOM   822  C CA  . ALA A 1 108 ? -1.958  -15.328 10.011  1.00 26.42  ? 129  ALA A CA  1 
ATOM   823  C C   . ALA A 1 108 ? -3.367  -14.760 10.053  1.00 22.90  ? 129  ALA A C   1 
ATOM   824  O O   . ALA A 1 108 ? -3.929  -14.618 11.138  1.00 26.19  ? 129  ALA A O   1 
ATOM   825  C CB  . ALA A 1 108 ? -2.108  -16.826 10.255  1.00 27.48  ? 129  ALA A CB  1 
ATOM   826  N N   . ASP A 1 109 ? -3.900  -14.499 8.871   1.00 18.64  ? 130  ASP A N   1 
ATOM   827  C CA  . ASP A 1 109 ? -5.292  -14.166 8.693   1.00 18.77  ? 130  ASP A CA  1 
ATOM   828  C C   . ASP A 1 109 ? -5.712  -12.964 9.517   1.00 24.42  ? 130  ASP A C   1 
ATOM   829  O O   . ASP A 1 109 ? -6.749  -13.027 10.177  1.00 23.95  ? 130  ASP A O   1 
ATOM   830  C CB  . ASP A 1 109 ? -6.176  -15.362 9.086   1.00 21.80  ? 130  ASP A CB  1 
ATOM   831  C CG  . ASP A 1 109 ? -5.951  -16.532 8.153   1.00 28.65  ? 130  ASP A CG  1 
ATOM   832  O OD1 . ASP A 1 109 ? -5.487  -16.339 7.005   1.00 22.42  ? 130  ASP A OD1 1 
ATOM   833  O OD2 . ASP A 1 109 ? -6.250  -17.663 8.588   1.00 37.74  ? 130  ASP A OD2 1 
ATOM   834  N N   . THR A 1 110 ? -4.902  -11.900 9.462   1.00 20.35  ? 131  THR A N   1 
ATOM   835  C CA  . THR A 1 110 ? -5.325  -10.697 10.178  1.00 21.58  ? 131  THR A CA  1 
ATOM   836  C C   . THR A 1 110 ? -5.218  -9.463  9.278   1.00 21.13  ? 131  THR A C   1 
ATOM   837  O O   . THR A 1 110 ? -4.774  -8.406  9.728   1.00 24.19  ? 131  THR A O   1 
ATOM   838  C CB  . THR A 1 110 ? -4.511  -10.467 11.464  1.00 25.17  ? 131  THR A CB  1 
ATOM   839  O OG1 . THR A 1 110 ? -3.104  -10.473 11.167  1.00 23.01  ? 131  THR A OG1 1 
ATOM   840  C CG2 . THR A 1 110 ? -4.760  -11.596 12.467  1.00 24.13  ? 131  THR A CG2 1 
ATOM   841  N N   . ASN A 1 111 ? -5.624  -9.585  8.021   1.00 19.09  ? 132  ASN A N   1 
ATOM   842  C CA  . ASN A 1 111 ? -5.609  -8.453  7.103   1.00 18.26  ? 132  ASN A CA  1 
ATOM   843  C C   . ASN A 1 111 ? -6.689  -7.448  7.483   1.00 23.54  ? 132  ASN A C   1 
ATOM   844  O O   . ASN A 1 111 ? -7.810  -7.876  7.747   1.00 20.64  ? 132  ASN A O   1 
ATOM   845  C CB  . ASN A 1 111 ? -5.819  -8.890  5.649   1.00 16.41  ? 132  ASN A CB  1 
ATOM   846  C CG  . ASN A 1 111 ? -4.726  -9.884  5.268   1.00 22.03  ? 132  ASN A CG  1 
ATOM   847  O OD1 . ASN A 1 111 ? -3.585  -9.479  5.055   1.00 18.69  ? 132  ASN A OD1 1 
ATOM   848  N ND2 . ASN A 1 111 ? -5.093  -11.164 5.227   1.00 18.18  ? 132  ASN A ND2 1 
ATOM   849  N N   . GLY A 1 112 ? -6.342  -6.163  7.486   1.00 18.29  ? 133  GLY A N   1 
ATOM   850  C CA  . GLY A 1 112 ? -7.358  -5.140  7.737   1.00 17.21  ? 133  GLY A CA  1 
ATOM   851  C C   . GLY A 1 112 ? -7.406  -4.163  6.571   1.00 20.83  ? 133  GLY A C   1 
ATOM   852  O O   . GLY A 1 112 ? -7.839  -4.464  5.453   1.00 19.14  ? 133  GLY A O   1 
ATOM   853  N N   . SER A 1 113 ? -6.924  -2.955  6.866   1.00 19.61  ? 134  SER A N   1 
ATOM   854  C CA  . SER A 1 113 ? -6.784  -1.920  5.853   1.00 15.13  ? 134  SER A CA  1 
ATOM   855  C C   . SER A 1 113 ? -5.319  -1.541  5.673   1.00 12.13  ? 134  SER A C   1 
ATOM   856  O O   . SER A 1 113 ? -4.954  -0.952  4.662   1.00 16.00  ? 134  SER A O   1 
ATOM   857  C CB  . SER A 1 113 ? -7.596  -0.674  6.255   1.00 17.01  ? 134  SER A CB  1 
ATOM   858  O OG  . SER A 1 113 ? -7.166  -0.177  7.515   1.00 17.05  ? 134  SER A OG  1 
ATOM   859  N N   . GLN A 1 114 ? -4.493  -1.883  6.652   1.00 14.05  ? 135  GLN A N   1 
ATOM   860  C CA  . GLN A 1 114 ? -3.100  -1.460  6.604   1.00 16.29  ? 135  GLN A CA  1 
ATOM   861  C C   . GLN A 1 114 ? -2.306  -2.196  5.540   1.00 20.62  ? 135  GLN A C   1 
ATOM   862  O O   . GLN A 1 114 ? -2.508  -3.376  5.299   1.00 14.42  ? 135  GLN A O   1 
ATOM   863  C CB  . GLN A 1 114 ? -2.431  -1.655  7.967   1.00 15.17  ? 135  GLN A CB  1 
ATOM   864  C CG  . GLN A 1 114 ? -2.877  -0.573  8.968   1.00 16.89  ? 135  GLN A CG  1 
ATOM   865  C CD  . GLN A 1 114 ? -2.164  -0.841  10.286  1.00 18.76  ? 135  GLN A CD  1 
ATOM   866  O OE1 . GLN A 1 114 ? -0.943  -0.704  10.343  1.00 18.96  ? 135  GLN A OE1 1 
ATOM   867  N NE2 . GLN A 1 114 ? -2.898  -1.219  11.321  1.00 18.73  ? 135  GLN A NE2 1 
ATOM   868  N N   . PHE A 1 115 ? -1.392  -1.467  4.910   1.00 16.23  ? 136  PHE A N   1 
ATOM   869  C CA  . PHE A 1 115 ? -0.606  -2.002  3.817   1.00 15.42  ? 136  PHE A CA  1 
ATOM   870  C C   . PHE A 1 115 ? 0.785   -1.383  3.853   1.00 16.06  ? 136  PHE A C   1 
ATOM   871  O O   . PHE A 1 115 ? 1.006   -0.355  4.488   1.00 17.26  ? 136  PHE A O   1 
ATOM   872  C CB  . PHE A 1 115 ? -1.199  -1.689  2.425   1.00 18.69  ? 136  PHE A CB  1 
ATOM   873  C CG  . PHE A 1 115 ? -1.281  -0.167  2.195   1.00 16.20  ? 136  PHE A CG  1 
ATOM   874  C CD1 . PHE A 1 115 ? -2.362  0.507   2.749   1.00 17.41  ? 136  PHE A CD1 1 
ATOM   875  C CD2 . PHE A 1 115 ? -0.339  0.527   1.454   1.00 17.18  ? 136  PHE A CD2 1 
ATOM   876  C CE1 . PHE A 1 115 ? -2.486  1.885   2.603   1.00 21.62  ? 136  PHE A CE1 1 
ATOM   877  C CE2 . PHE A 1 115 ? -0.435  1.907   1.336   1.00 19.93  ? 136  PHE A CE2 1 
ATOM   878  C CZ  . PHE A 1 115 ? -1.510  2.563   1.904   1.00 17.55  ? 136  PHE A CZ  1 
ATOM   879  N N   . PHE A 1 116 ? 1.693   -1.970  3.097   1.00 15.36  ? 137  PHE A N   1 
ATOM   880  C CA  . PHE A 1 116 ? 2.975   -1.311  2.935   1.00 14.88  ? 137  PHE A CA  1 
ATOM   881  C C   . PHE A 1 116 ? 3.435   -1.425  1.488   1.00 16.87  ? 137  PHE A C   1 
ATOM   882  O O   . PHE A 1 116 ? 3.025   -2.266  0.698   1.00 14.58  ? 137  PHE A O   1 
ATOM   883  C CB  . PHE A 1 116 ? 4.053   -1.872  3.858   1.00 19.46  ? 137  PHE A CB  1 
ATOM   884  C CG  . PHE A 1 116 ? 4.364   -3.356  3.720   1.00 17.06  ? 137  PHE A CG  1 
ATOM   885  C CD1 . PHE A 1 116 ? 3.552   -4.295  4.341   1.00 23.20  ? 137  PHE A CD1 1 
ATOM   886  C CD2 . PHE A 1 116 ? 5.458   -3.782  2.991   1.00 18.99  ? 137  PHE A CD2 1 
ATOM   887  C CE1 . PHE A 1 116 ? 3.855   -5.648  4.229   1.00 22.21  ? 137  PHE A CE1 1 
ATOM   888  C CE2 . PHE A 1 116 ? 5.782   -5.125  2.879   1.00 18.15  ? 137  PHE A CE2 1 
ATOM   889  C CZ  . PHE A 1 116 ? 4.969   -6.052  3.510   1.00 14.99  ? 137  PHE A CZ  1 
ATOM   890  N N   . ILE A 1 117 ? 4.327   -0.484  1.186   1.00 11.85  ? 138  ILE A N   1 
ATOM   891  C CA  . ILE A 1 117 ? 4.987   -0.423  -0.096  1.00 10.56  ? 138  ILE A CA  1 
ATOM   892  C C   . ILE A 1 117 ? 6.439   -0.739  0.182   1.00 12.40  ? 138  ILE A C   1 
ATOM   893  O O   . ILE A 1 117 ? 7.048   -0.011  0.976   1.00 14.22  ? 138  ILE A O   1 
ATOM   894  C CB  . ILE A 1 117 ? 4.865   0.978   -0.730  1.00 12.60  ? 138  ILE A CB  1 
ATOM   895  C CG1 . ILE A 1 117 ? 3.406   1.380   -0.928  1.00 19.68  ? 138  ILE A CG1 1 
ATOM   896  C CG2 . ILE A 1 117 ? 5.673   1.008   -2.014  1.00 15.82  ? 138  ILE A CG2 1 
ATOM   897  C CD1 . ILE A 1 117 ? 3.179   2.786   -1.431  1.00 20.12  ? 138  ILE A CD1 1 
ATOM   898  N N   . THR A 1 118 ? 6.992   -1.796  -0.413  1.00 13.91  ? 139  THR A N   1 
ATOM   899  C CA  . THR A 1 118 ? 8.409   -2.029  -0.115  1.00 11.27  ? 139  THR A CA  1 
ATOM   900  C C   . THR A 1 118 ? 9.316   -1.005  -0.781  1.00 11.77  ? 139  THR A C   1 
ATOM   901  O O   . THR A 1 118 ? 8.931   -0.457  -1.816  1.00 12.91  ? 139  THR A O   1 
ATOM   902  C CB  . THR A 1 118 ? 8.799   -3.428  -0.624  1.00 16.51  ? 139  THR A CB  1 
ATOM   903  O OG1 . THR A 1 118 ? 8.486   -3.448  -2.022  1.00 14.43  ? 139  THR A OG1 1 
ATOM   904  C CG2 . THR A 1 118 ? 7.942   -4.452  0.099   1.00 14.07  ? 139  THR A CG2 1 
ATOM   905  N N   . THR A 1 119 ? 10.481  -0.763  -0.198  1.00 15.47  ? 140  THR A N   1 
ATOM   906  C CA  . THR A 1 119 ? 11.471  0.110   -0.832  1.00 16.65  ? 140  THR A CA  1 
ATOM   907  C C   . THR A 1 119 ? 12.760  -0.630  -1.141  1.00 19.20  ? 140  THR A C   1 
ATOM   908  O O   . THR A 1 119 ? 13.736  -0.027  -1.615  1.00 15.61  ? 140  THR A O   1 
ATOM   909  C CB  . THR A 1 119 ? 11.757  1.350   0.045   1.00 16.45  ? 140  THR A CB  1 
ATOM   910  O OG1 . THR A 1 119 ? 12.336  0.968   1.293   1.00 17.66  ? 140  THR A OG1 1 
ATOM   911  C CG2 . THR A 1 119 ? 10.435  2.054   0.375   1.00 19.14  ? 140  THR A CG2 1 
ATOM   912  N N   . VAL A 1 120 ? 12.758  -1.933  -0.858  1.00 16.87  ? 141  VAL A N   1 
ATOM   913  C CA  . VAL A 1 120 ? 13.866  -2.834  -1.141  1.00 15.93  ? 141  VAL A CA  1 
ATOM   914  C C   . VAL A 1 120 ? 13.270  -4.219  -1.396  1.00 17.31  ? 141  VAL A C   1 
ATOM   915  O O   . VAL A 1 120 ? 12.080  -4.362  -1.173  1.00 14.41  ? 141  VAL A O   1 
ATOM   916  C CB  . VAL A 1 120 ? 14.915  -2.973  -0.030  1.00 15.21  ? 141  VAL A CB  1 
ATOM   917  C CG1 . VAL A 1 120 ? 15.559  -1.629  0.293   1.00 21.23  ? 141  VAL A CG1 1 
ATOM   918  C CG2 . VAL A 1 120 ? 14.325  -3.567  1.239   1.00 13.27  ? 141  VAL A CG2 1 
ATOM   919  N N   . LYS A 1 121 ? 14.026  -5.224  -1.819  1.00 19.21  ? 142  LYS A N   1 
ATOM   920  C CA  . LYS A 1 121 ? 13.415  -6.562  -1.876  1.00 16.25  ? 142  LYS A CA  1 
ATOM   921  C C   . LYS A 1 121 ? 13.293  -7.105  -0.468  1.00 14.68  ? 142  LYS A C   1 
ATOM   922  O O   . LYS A 1 121 ? 14.233  -6.911  0.323   1.00 16.08  ? 142  LYS A O   1 
ATOM   923  C CB  . LYS A 1 121 ? 14.274  -7.480  -2.743  1.00 24.45  ? 142  LYS A CB  1 
ATOM   924  C CG  . LYS A 1 121 ? 13.677  -8.871  -2.931  1.00 32.06  ? 142  LYS A CG  1 
ATOM   925  C CD  . LYS A 1 121 ? 14.648  -9.770  -3.690  1.00 38.95  ? 142  LYS A CD  1 
ATOM   926  C CE  . LYS A 1 121 ? 16.089  -9.341  -3.472  1.00 50.42  ? 142  LYS A CE  1 
ATOM   927  N NZ  . LYS A 1 121 ? 16.871  -10.351 -2.704  1.00 66.54  ? 142  LYS A NZ  1 
ATOM   928  N N   . THR A 1 122 ? 12.211  -7.780  -0.092  1.00 15.58  ? 143  THR A N   1 
ATOM   929  C CA  . THR A 1 122 ? 12.078  -8.193  1.302   1.00 15.72  ? 143  THR A CA  1 
ATOM   930  C C   . THR A 1 122 ? 11.656  -9.672  1.396   1.00 19.18  ? 143  THR A C   1 
ATOM   931  O O   . THR A 1 122 ? 10.511  -9.962  1.733   1.00 14.50  ? 143  THR A O   1 
ATOM   932  C CB  . THR A 1 122 ? 11.047  -7.352  2.059   1.00 14.98  ? 143  THR A CB  1 
ATOM   933  O OG1 . THR A 1 122 ? 9.799   -7.375  1.345   1.00 16.79  ? 143  THR A OG1 1 
ATOM   934  C CG2 . THR A 1 122 ? 11.449  -5.878  2.119   1.00 19.14  ? 143  THR A CG2 1 
ATOM   935  N N   . PRO A 1 123 ? 12.585  -10.562 1.077   1.00 19.91  ? 144  PRO A N   1 
ATOM   936  C CA  . PRO A 1 123 ? 12.268  -11.990 0.990   1.00 21.20  ? 144  PRO A CA  1 
ATOM   937  C C   . PRO A 1 123 ? 11.775  -12.564 2.304   1.00 21.97  ? 144  PRO A C   1 
ATOM   938  O O   . PRO A 1 123 ? 10.989  -13.518 2.281   1.00 22.82  ? 144  PRO A O   1 
ATOM   939  C CB  . PRO A 1 123 ? 13.599  -12.667 0.632   1.00 23.26  ? 144  PRO A CB  1 
ATOM   940  C CG  . PRO A 1 123 ? 14.544  -11.581 0.269   1.00 27.47  ? 144  PRO A CG  1 
ATOM   941  C CD  . PRO A 1 123 ? 13.992  -10.275 0.764   1.00 19.63  ? 144  PRO A CD  1 
ATOM   942  N N   . TRP A 1 124 ? 12.209  -12.005 3.427   1.00 17.26  ? 145  TRP A N   1 
ATOM   943  C CA  . TRP A 1 124 ? 11.784  -12.595 4.703   1.00 20.29  ? 145  TRP A CA  1 
ATOM   944  C C   . TRP A 1 124 ? 10.293  -12.412 4.946   1.00 20.92  ? 145  TRP A C   1 
ATOM   945  O O   . TRP A 1 124 ? 9.755   -12.999 5.893   1.00 19.51  ? 145  TRP A O   1 
ATOM   946  C CB  . TRP A 1 124 ? 12.588  -11.997 5.871   1.00 19.06  ? 145  TRP A CB  1 
ATOM   947  C CG  . TRP A 1 124 ? 12.511  -10.493 5.956   1.00 22.54  ? 145  TRP A CG  1 
ATOM   948  C CD1 . TRP A 1 124 ? 11.674  -9.797  6.787   1.00 22.50  ? 145  TRP A CD1 1 
ATOM   949  C CD2 . TRP A 1 124 ? 13.256  -9.505  5.222   1.00 18.94  ? 145  TRP A CD2 1 
ATOM   950  N NE1 . TRP A 1 124 ? 11.864  -8.443  6.611   1.00 17.21  ? 145  TRP A NE1 1 
ATOM   951  C CE2 . TRP A 1 124 ? 12.823  -8.239  5.659   1.00 19.75  ? 145  TRP A CE2 1 
ATOM   952  C CE3 . TRP A 1 124 ? 14.250  -9.548  4.241   1.00 18.65  ? 145  TRP A CE3 1 
ATOM   953  C CZ2 . TRP A 1 124 ? 13.340  -7.046  5.152   1.00 17.79  ? 145  TRP A CZ2 1 
ATOM   954  C CZ3 . TRP A 1 124 ? 14.766  -8.369  3.739   1.00 23.26  ? 145  TRP A CZ3 1 
ATOM   955  C CH2 . TRP A 1 124 ? 14.314  -7.121  4.194   1.00 18.35  ? 145  TRP A CH2 1 
ATOM   956  N N   . LEU A 1 125 ? 9.626   -11.573 4.145   1.00 16.27  ? 146  LEU A N   1 
ATOM   957  C CA  . LEU A 1 125 ? 8.191   -11.349 4.279   1.00 13.43  ? 146  LEU A CA  1 
ATOM   958  C C   . LEU A 1 125 ? 7.360   -12.261 3.364   1.00 13.11  ? 146  LEU A C   1 
ATOM   959  O O   . LEU A 1 125 ? 6.140   -12.329 3.434   1.00 16.90  ? 146  LEU A O   1 
ATOM   960  C CB  . LEU A 1 125 ? 7.858   -9.886  3.959   1.00 17.92  ? 146  LEU A CB  1 
ATOM   961  C CG  . LEU A 1 125 ? 8.530   -8.788  4.791   1.00 15.16  ? 146  LEU A CG  1 
ATOM   962  C CD1 . LEU A 1 125 ? 7.904   -7.428  4.450   1.00 14.40  ? 146  LEU A CD1 1 
ATOM   963  C CD2 . LEU A 1 125 ? 8.405   -9.037  6.277   1.00 17.68  ? 146  LEU A CD2 1 
ATOM   964  N N   . ASP A 1 126 ? 8.036   -12.969 2.462   1.00 13.96  ? 147  ASP A N   1 
ATOM   965  C CA  . ASP A 1 126 ? 7.350   -13.820 1.494   1.00 16.27  ? 147  ASP A CA  1 
ATOM   966  C C   . ASP A 1 126 ? 6.584   -14.943 2.184   1.00 12.72  ? 147  ASP A C   1 
ATOM   967  O O   . ASP A 1 126 ? 7.160   -15.599 3.063   1.00 18.35  ? 147  ASP A O   1 
ATOM   968  C CB  . ASP A 1 126 ? 8.356   -14.416 0.510   1.00 15.08  ? 147  ASP A CB  1 
ATOM   969  C CG  . ASP A 1 126 ? 8.931   -13.387 -0.456  1.00 20.33  ? 147  ASP A CG  1 
ATOM   970  O OD1 . ASP A 1 126 ? 8.323   -12.307 -0.627  1.00 16.48  ? 147  ASP A OD1 1 
ATOM   971  O OD2 . ASP A 1 126 ? 9.989   -13.683 -1.060  1.00 20.41  ? 147  ASP A OD2 1 
ATOM   972  N N   . GLY A 1 127 ? 5.328   -15.160 1.797   1.00 14.46  ? 148  GLY A N   1 
ATOM   973  C CA  . GLY A 1 127 ? 4.575   -16.230 2.450   1.00 18.85  ? 148  GLY A CA  1 
ATOM   974  C C   . GLY A 1 127 ? 3.937   -15.807 3.754   1.00 20.44  ? 148  GLY A C   1 
ATOM   975  O O   . GLY A 1 127 ? 3.145   -16.551 4.325   1.00 17.04  ? 148  GLY A O   1 
ATOM   976  N N   . ARG A 1 128 ? 4.252   -14.617 4.263   1.00 14.21  ? 149  ARG A N   1 
ATOM   977  C CA  . ARG A 1 128 ? 3.681   -14.109 5.497   1.00 15.29  ? 149  ARG A CA  1 
ATOM   978  C C   . ARG A 1 128 ? 2.767   -12.902 5.279   1.00 13.34  ? 149  ARG A C   1 
ATOM   979  O O   . ARG A 1 128 ? 1.848   -12.675 6.061   1.00 18.13  ? 149  ARG A O   1 
ATOM   980  C CB  . ARG A 1 128 ? 4.783   -13.735 6.505   1.00 17.92  ? 149  ARG A CB  1 
ATOM   981  C CG  . ARG A 1 128 ? 5.749   -14.875 6.767   1.00 31.40  ? 149  ARG A CG  1 
ATOM   982  C CD  A ARG A 1 128 ? 6.532   -14.761 8.054   0.54 33.49  ? 149  ARG A CD  1 
ATOM   983  C CD  B ARG A 1 128 ? 6.972   -14.437 7.549   0.46 31.28  ? 149  ARG A CD  1 
ATOM   984  N NE  A ARG A 1 128 ? 7.263   -13.518 8.219   0.54 37.36  ? 149  ARG A NE  1 
ATOM   985  N NE  B ARG A 1 128 ? 6.706   -13.567 8.681   0.46 32.70  ? 149  ARG A NE  1 
ATOM   986  C CZ  A ARG A 1 128 ? 8.573   -13.402 8.390   0.54 48.95  ? 149  ARG A CZ  1 
ATOM   987  C CZ  B ARG A 1 128 ? 6.382   -13.909 9.916   0.46 32.33  ? 149  ARG A CZ  1 
ATOM   988  N NH1 A ARG A 1 128 ? 9.128   -12.203 8.536   0.54 22.29  ? 149  ARG A NH1 1 
ATOM   989  N NH1 B ARG A 1 128 ? 6.258   -15.187 10.255  0.46 31.20  ? 149  ARG A NH1 1 
ATOM   990  N NH2 A ARG A 1 128 ? 9.347   -14.482 8.419   0.54 48.16  ? 149  ARG A NH2 1 
ATOM   991  N NH2 B ARG A 1 128 ? 6.177   -12.972 10.837  0.46 31.89  ? 149  ARG A NH2 1 
ATOM   992  N N   . HIS A 1 129 ? 3.014   -12.134 4.232   1.00 12.94  ? 150  HIS A N   1 
ATOM   993  C CA  . HIS A 1 129 ? 2.212   -10.965 3.890   1.00 15.96  ? 150  HIS A CA  1 
ATOM   994  C C   . HIS A 1 129 ? 1.705   -11.091 2.459   1.00 17.30  ? 150  HIS A C   1 
ATOM   995  O O   . HIS A 1 129 ? 2.502   -11.408 1.559   1.00 18.57  ? 150  HIS A O   1 
ATOM   996  C CB  . HIS A 1 129 ? 3.060   -9.685  4.016   1.00 13.24  ? 150  HIS A CB  1 
ATOM   997  C CG  . HIS A 1 129 ? 3.474   -9.510  5.453   1.00 16.40  ? 150  HIS A CG  1 
ATOM   998  N ND1 . HIS A 1 129 ? 2.756   -8.723  6.335   1.00 16.44  ? 150  HIS A ND1 1 
ATOM   999  C CD2 . HIS A 1 129 ? 4.490   -10.041 6.153   1.00 18.63  ? 150  HIS A CD2 1 
ATOM   1000 C CE1 . HIS A 1 129 ? 3.331   -8.772  7.518   1.00 17.04  ? 150  HIS A CE1 1 
ATOM   1001 N NE2 . HIS A 1 129 ? 4.386   -9.558  7.433   1.00 18.87  ? 150  HIS A NE2 1 
ATOM   1002 N N   . VAL A 1 130 ? 0.424   -10.849 2.244   1.00 11.49  ? 151  VAL A N   1 
ATOM   1003 C CA  . VAL A 1 130 ? -0.159  -11.057 0.912   1.00 10.94  ? 151  VAL A CA  1 
ATOM   1004 C C   . VAL A 1 130 ? 0.188   -9.865  0.003   1.00 11.42  ? 151  VAL A C   1 
ATOM   1005 O O   . VAL A 1 130 ? -0.231  -8.739  0.295   1.00 11.85  ? 151  VAL A O   1 
ATOM   1006 C CB  . VAL A 1 130 ? -1.679  -11.258 0.991   1.00 16.07  ? 151  VAL A CB  1 
ATOM   1007 C CG1 . VAL A 1 130 ? -2.304  -11.415 -0.386  1.00 16.95  ? 151  VAL A CG1 1 
ATOM   1008 C CG2 . VAL A 1 130 ? -2.024  -12.477 1.840   1.00 19.69  ? 151  VAL A CG2 1 
ATOM   1009 N N   . VAL A 1 131 ? 0.917   -10.163 -1.047  1.00 14.15  ? 152  VAL A N   1 
ATOM   1010 C CA  . VAL A 1 131 ? 1.329   -9.171  -2.048  1.00 16.24  ? 152  VAL A CA  1 
ATOM   1011 C C   . VAL A 1 131 ? 0.242   -9.009  -3.084  1.00 16.77  ? 152  VAL A C   1 
ATOM   1012 O O   . VAL A 1 131 ? -0.295  -9.998  -3.608  1.00 16.63  ? 152  VAL A O   1 
ATOM   1013 C CB  . VAL A 1 131 ? 2.630   -9.629  -2.704  1.00 15.90  ? 152  VAL A CB  1 
ATOM   1014 C CG1 . VAL A 1 131 ? 3.014   -8.721  -3.873  1.00 13.70  ? 152  VAL A CG1 1 
ATOM   1015 C CG2 . VAL A 1 131 ? 3.763   -9.675  -1.688  1.00 17.70  ? 152  VAL A CG2 1 
ATOM   1016 N N   . PHE A 1 132 ? -0.137  -7.774  -3.424  1.00 13.78  ? 153  PHE A N   1 
ATOM   1017 C CA  . PHE A 1 132 ? -1.320  -7.580  -4.244  1.00 13.21  ? 153  PHE A CA  1 
ATOM   1018 C C   . PHE A 1 132 ? -1.207  -6.402  -5.223  1.00 15.19  ? 153  PHE A C   1 
ATOM   1019 O O   . PHE A 1 132 ? -2.188  -6.195  -5.942  1.00 12.98  ? 153  PHE A O   1 
ATOM   1020 C CB  . PHE A 1 132 ? -2.566  -7.386  -3.382  1.00 14.11  ? 153  PHE A CB  1 
ATOM   1021 C CG  . PHE A 1 132 ? -2.568  -6.148  -2.507  1.00 16.40  ? 153  PHE A CG  1 
ATOM   1022 C CD1 . PHE A 1 132 ? -1.928  -6.152  -1.276  1.00 17.03  ? 153  PHE A CD1 1 
ATOM   1023 C CD2 . PHE A 1 132 ? -3.216  -4.994  -2.944  1.00 20.86  ? 153  PHE A CD2 1 
ATOM   1024 C CE1 . PHE A 1 132 ? -1.915  -5.017  -0.473  1.00 19.28  ? 153  PHE A CE1 1 
ATOM   1025 C CE2 . PHE A 1 132 ? -3.200  -3.860  -2.147  1.00 29.21  ? 153  PHE A CE2 1 
ATOM   1026 C CZ  . PHE A 1 132 ? -2.556  -3.870  -0.918  1.00 28.10  ? 153  PHE A CZ  1 
ATOM   1027 N N   . GLY A 1 133 ? -0.082  -5.708  -5.279  1.00 16.75  ? 154  GLY A N   1 
ATOM   1028 C CA  . GLY A 1 133 ? 0.028   -4.644  -6.308  1.00 13.99  ? 154  GLY A CA  1 
ATOM   1029 C C   . GLY A 1 133 ? 1.484   -4.274  -6.528  1.00 14.57  ? 154  GLY A C   1 
ATOM   1030 O O   . GLY A 1 133 ? 2.407   -4.770  -5.869  1.00 15.54  ? 154  GLY A O   1 
ATOM   1031 N N   . LYS A 1 134 ? 1.708   -3.373  -7.477  1.00 15.96  ? 155  LYS A N   1 
ATOM   1032 C CA  . LYS A 1 134 ? 3.031   -2.894  -7.849  1.00 12.56  ? 155  LYS A CA  1 
ATOM   1033 C C   . LYS A 1 134 ? 2.936   -1.399  -8.197  1.00 13.59  ? 155  LYS A C   1 
ATOM   1034 O O   . LYS A 1 134 ? 1.988   -0.994  -8.867  1.00 15.69  ? 155  LYS A O   1 
ATOM   1035 C CB  . LYS A 1 134 ? 3.585   -3.650  -9.048  1.00 12.89  ? 155  LYS A CB  1 
ATOM   1036 C CG  . LYS A 1 134 ? 4.983   -3.258  -9.486  1.00 17.92  ? 155  LYS A CG  1 
ATOM   1037 C CD  . LYS A 1 134 ? 5.358   -3.964  -10.785 1.00 17.41  ? 155  LYS A CD  1 
ATOM   1038 C CE  . LYS A 1 134 ? 6.815   -3.753  -11.153 1.00 21.66  ? 155  LYS A CE  1 
ATOM   1039 N NZ  . LYS A 1 134 ? 7.149   -4.443  -12.465 1.00 20.78  ? 155  LYS A NZ  1 
ATOM   1040 N N   . ILE A 1 135 ? 3.917   -0.631  -7.758  1.00 16.43  ? 156  ILE A N   1 
ATOM   1041 C CA  . ILE A 1 135 ? 3.912   0.793   -8.085  1.00 15.50  ? 156  ILE A CA  1 
ATOM   1042 C C   . ILE A 1 135 ? 4.113   0.953   -9.597  1.00 14.81  ? 156  ILE A C   1 
ATOM   1043 O O   . ILE A 1 135 ? 5.047   0.303   -10.080 1.00 15.58  ? 156  ILE A O   1 
ATOM   1044 C CB  . ILE A 1 135 ? 5.019   1.521   -7.306  1.00 19.84  ? 156  ILE A CB  1 
ATOM   1045 C CG1 . ILE A 1 135 ? 4.800   1.523   -5.797  1.00 19.60  ? 156  ILE A CG1 1 
ATOM   1046 C CG2 . ILE A 1 135 ? 5.219   2.939   -7.845  1.00 23.15  ? 156  ILE A CG2 1 
ATOM   1047 C CD1 . ILE A 1 135 ? 3.537   2.165   -5.300  1.00 21.06  ? 156  ILE A CD1 1 
ATOM   1048 N N   . LEU A 1 136 ? 3.290   1.748   -10.260 1.00 16.63  ? 157  LEU A N   1 
ATOM   1049 C CA  . LEU A 1 136 ? 3.361   2.004   -11.704 1.00 16.62  ? 157  LEU A CA  1 
ATOM   1050 C C   . LEU A 1 136 ? 3.959   3.389   -12.020 1.00 16.83  ? 157  LEU A C   1 
ATOM   1051 O O   . LEU A 1 136 ? 4.759   3.514   -12.938 1.00 18.19  ? 157  LEU A O   1 
ATOM   1052 C CB  . LEU A 1 136 ? 1.980   1.923   -12.351 1.00 16.58  ? 157  LEU A CB  1 
ATOM   1053 C CG  . LEU A 1 136 ? 1.313   0.537   -12.332 1.00 19.08  ? 157  LEU A CG  1 
ATOM   1054 C CD1 . LEU A 1 136 ? 0.003   0.623   -13.106 1.00 15.27  ? 157  LEU A CD1 1 
ATOM   1055 C CD2 . LEU A 1 136 ? 2.247   -0.519  -12.880 1.00 17.72  ? 157  LEU A CD2 1 
ATOM   1056 N N   . GLU A 1 137 ? 3.552   4.381   -11.239 1.00 19.61  ? 158  GLU A N   1 
ATOM   1057 C CA  . GLU A 1 137 ? 4.117   5.721   -11.342 1.00 22.45  ? 158  GLU A CA  1 
ATOM   1058 C C   . GLU A 1 137 ? 4.364   6.313   -9.958  1.00 23.35  ? 158  GLU A C   1 
ATOM   1059 O O   . GLU A 1 137 ? 3.657   5.990   -8.997  1.00 21.23  ? 158  GLU A O   1 
ATOM   1060 C CB  . GLU A 1 137 ? 3.164   6.660   -12.079 1.00 23.57  ? 158  GLU A CB  1 
ATOM   1061 C CG  . GLU A 1 137 ? 2.478   6.059   -13.293 1.00 25.53  ? 158  GLU A CG  1 
ATOM   1062 C CD  . GLU A 1 137 ? 1.307   6.914   -13.755 1.00 40.05  ? 158  GLU A CD  1 
ATOM   1063 O OE1 . GLU A 1 137 ? 1.186   8.085   -13.331 1.00 65.32  ? 158  GLU A OE1 1 
ATOM   1064 O OE2 . GLU A 1 137 ? 0.477   6.430   -14.548 1.00 35.23  ? 158  GLU A OE2 1 
ATOM   1065 N N   . GLY A 1 138 ? 5.354   7.204   -9.850  1.00 22.35  ? 159  GLY A N   1 
ATOM   1066 C CA  . GLY A 1 138 ? 5.483   7.906   -8.579  1.00 20.08  ? 159  GLY A CA  1 
ATOM   1067 C C   . GLY A 1 138 ? 6.374   7.176   -7.603  1.00 17.48  ? 159  GLY A C   1 
ATOM   1068 O O   . GLY A 1 138 ? 6.315   7.404   -6.393  1.00 18.55  ? 159  GLY A O   1 
ATOM   1069 N N   . MET A 1 139 ? 7.240   6.301   -8.126  1.00 19.35  ? 160  MET A N   1 
ATOM   1070 C CA  . MET A 1 139 ? 8.207   5.695   -7.201  1.00 16.83  ? 160  MET A CA  1 
ATOM   1071 C C   . MET A 1 139 ? 9.094   6.772   -6.602  1.00 18.86  ? 160  MET A C   1 
ATOM   1072 O O   . MET A 1 139 ? 9.586   6.673   -5.481  1.00 21.61  ? 160  MET A O   1 
ATOM   1073 C CB  . MET A 1 139 ? 9.027   4.624   -7.910  1.00 19.20  ? 160  MET A CB  1 
ATOM   1074 C CG  . MET A 1 139 ? 9.829   3.750   -6.942  1.00 21.22  ? 160  MET A CG  1 
ATOM   1075 S SD  . MET A 1 139 ? 8.795   2.706   -5.894  1.00 21.45  ? 160  MET A SD  1 
ATOM   1076 C CE  . MET A 1 139 ? 9.953   2.373   -4.557  1.00 18.10  ? 160  MET A CE  1 
ATOM   1077 N N   . ASP A 1 140 ? 9.312   7.886   -7.321  1.00 15.85  ? 161  ASP A N   1 
ATOM   1078 C CA  . ASP A 1 140 ? 10.075  8.957   -6.670  1.00 19.07  ? 161  ASP A CA  1 
ATOM   1079 C C   . ASP A 1 140 ? 9.306   9.538   -5.490  1.00 16.91  ? 161  ASP A C   1 
ATOM   1080 O O   . ASP A 1 140 ? 9.927   10.007  -4.526  1.00 21.84  ? 161  ASP A O   1 
ATOM   1081 C CB  . ASP A 1 140 ? 10.411  10.029  -7.719  1.00 21.87  ? 161  ASP A CB  1 
ATOM   1082 C CG  . ASP A 1 140 ? 9.168   10.636  -8.347  1.00 37.78  ? 161  ASP A CG  1 
ATOM   1083 O OD1 . ASP A 1 140 ? 8.189   9.894   -8.609  1.00 35.36  ? 161  ASP A OD1 1 
ATOM   1084 O OD2 . ASP A 1 140 ? 9.152   11.869  -8.580  1.00 49.27  ? 161  ASP A OD2 1 
ATOM   1085 N N   . VAL A 1 141 ? 7.969   9.516   -5.558  1.00 15.25  ? 162  VAL A N   1 
ATOM   1086 C CA  . VAL A 1 141 ? 7.177   10.014  -4.424  1.00 19.41  ? 162  VAL A CA  1 
ATOM   1087 C C   . VAL A 1 141 ? 7.342   9.064   -3.240  1.00 17.92  ? 162  VAL A C   1 
ATOM   1088 O O   . VAL A 1 141 ? 7.463   9.469   -2.088  1.00 15.85  ? 162  VAL A O   1 
ATOM   1089 C CB  . VAL A 1 141 ? 5.693   10.168  -4.783  1.00 15.34  ? 162  VAL A CB  1 
ATOM   1090 C CG1 . VAL A 1 141 ? 4.858   10.706  -3.626  1.00 17.58  ? 162  VAL A CG1 1 
ATOM   1091 C CG2 . VAL A 1 141 ? 5.561   11.060  -6.024  1.00 21.75  ? 162  VAL A CG2 1 
ATOM   1092 N N   . VAL A 1 142 ? 7.330   7.761   -3.520  1.00 18.00  ? 163  VAL A N   1 
ATOM   1093 C CA  . VAL A 1 142 ? 7.624   6.781   -2.458  1.00 17.19  ? 163  VAL A CA  1 
ATOM   1094 C C   . VAL A 1 142 ? 8.967   7.071   -1.805  1.00 17.98  ? 163  VAL A C   1 
ATOM   1095 O O   . VAL A 1 142 ? 9.104   7.053   -0.579  1.00 17.89  ? 163  VAL A O   1 
ATOM   1096 C CB  . VAL A 1 142 ? 7.583   5.368   -3.060  1.00 18.09  ? 163  VAL A CB  1 
ATOM   1097 C CG1 . VAL A 1 142 ? 8.099   4.308   -2.099  1.00 17.60  ? 163  VAL A CG1 1 
ATOM   1098 C CG2 . VAL A 1 142 ? 6.146   5.071   -3.506  1.00 15.92  ? 163  VAL A CG2 1 
ATOM   1099 N N   . ARG A 1 143 ? 10.002  7.335   -2.609  1.00 14.82  ? 164  ARG A N   1 
ATOM   1100 C CA  . ARG A 1 143 ? 11.328  7.564   -2.072  1.00 16.01  ? 164  ARG A CA  1 
ATOM   1101 C C   . ARG A 1 143 ? 11.350  8.848   -1.254  1.00 23.10  ? 164  ARG A C   1 
ATOM   1102 O O   . ARG A 1 143 ? 12.024  8.876   -0.231  1.00 19.98  ? 164  ARG A O   1 
ATOM   1103 C CB  . ARG A 1 143 ? 12.387  7.643   -3.177  1.00 21.09  ? 164  ARG A CB  1 
ATOM   1104 C CG  . ARG A 1 143 ? 12.521  6.315   -3.897  1.00 21.69  ? 164  ARG A CG  1 
ATOM   1105 C CD  A ARG A 1 143 ? 13.557  5.377   -3.343  0.54 31.74  ? 164  ARG A CD  1 
ATOM   1106 C CD  B ARG A 1 143 ? 13.819  6.254   -4.697  0.46 17.95  ? 164  ARG A CD  1 
ATOM   1107 N NE  A ARG A 1 143 ? 13.618  4.160   -4.171  0.54 36.32  ? 164  ARG A NE  1 
ATOM   1108 N NE  B ARG A 1 143 ? 13.572  6.947   -5.967  0.46 23.84  ? 164  ARG A NE  1 
ATOM   1109 C CZ  A ARG A 1 143 ? 13.849  2.978   -3.603  0.54 35.39  ? 164  ARG A CZ  1 
ATOM   1110 C CZ  B ARG A 1 143 ? 13.196  6.286   -7.058  0.46 25.69  ? 164  ARG A CZ  1 
ATOM   1111 N NH1 A ARG A 1 143 ? 14.029  2.918   -2.290  0.54 9.03   ? 164  ARG A NH1 1 
ATOM   1112 N NH1 B ARG A 1 143 ? 13.042  4.966   -7.019  0.46 12.38  ? 164  ARG A NH1 1 
ATOM   1113 N NH2 A ARG A 1 143 ? 13.898  1.901   -4.367  0.54 34.30  ? 164  ARG A NH2 1 
ATOM   1114 N NH2 B ARG A 1 143 ? 12.993  7.002   -8.150  0.46 17.02  ? 164  ARG A NH2 1 
ATOM   1115 N N   . LYS A 1 144 ? 10.619  9.862   -1.709  1.00 18.20  ? 165  LYS A N   1 
ATOM   1116 C CA  . LYS A 1 144 ? 10.525  11.067  -0.882  1.00 20.76  ? 165  LYS A CA  1 
ATOM   1117 C C   . LYS A 1 144 ? 10.006  10.725  0.511   1.00 20.50  ? 165  LYS A C   1 
ATOM   1118 O O   . LYS A 1 144 ? 10.471  11.234  1.519   1.00 19.64  ? 165  LYS A O   1 
ATOM   1119 C CB  . LYS A 1 144 ? 9.613   12.092  -1.568  1.00 21.77  ? 165  LYS A CB  1 
ATOM   1120 C CG  . LYS A 1 144 ? 9.417   13.358  -0.744  1.00 37.68  ? 165  LYS A CG  1 
ATOM   1121 C CD  . LYS A 1 144 ? 10.608  14.298  -0.900  1.00 49.34  ? 165  LYS A CD  1 
ATOM   1122 C CE  . LYS A 1 144 ? 10.452  15.522  -0.013  1.00 48.98  ? 165  LYS A CE  1 
ATOM   1123 N NZ  . LYS A 1 144 ? 11.732  15.900  0.641   1.00 67.07  ? 165  LYS A NZ  1 
ATOM   1124 N N   . ILE A 1 145 ? 9.013   9.841   0.599   1.00 15.39  ? 166  ILE A N   1 
ATOM   1125 C CA  . ILE A 1 145 ? 8.417   9.511   1.887   1.00 15.83  ? 166  ILE A CA  1 
ATOM   1126 C C   . ILE A 1 145 ? 9.420   8.692   2.680   1.00 17.33  ? 166  ILE A C   1 
ATOM   1127 O O   . ILE A 1 145 ? 9.642   8.914   3.870   1.00 16.23  ? 166  ILE A O   1 
ATOM   1128 C CB  . ILE A 1 145 ? 7.098   8.754   1.692   1.00 18.25  ? 166  ILE A CB  1 
ATOM   1129 C CG1 . ILE A 1 145 ? 6.017   9.631   1.046   1.00 14.49  ? 166  ILE A CG1 1 
ATOM   1130 C CG2 . ILE A 1 145 ? 6.613   8.144   3.001   1.00 15.48  ? 166  ILE A CG2 1 
ATOM   1131 C CD1 . ILE A 1 145 ? 4.882   8.849   0.410   1.00 17.15  ? 166  ILE A CD1 1 
ATOM   1132 N N   . GLU A 1 146 ? 10.045  7.752   1.965   1.00 15.68  ? 167  GLU A N   1 
ATOM   1133 C CA  . GLU A 1 146 ? 11.065  6.911   2.585   1.00 14.81  ? 167  GLU A CA  1 
ATOM   1134 C C   . GLU A 1 146 ? 12.156  7.706   3.298   1.00 19.24  ? 167  GLU A C   1 
ATOM   1135 O O   . GLU A 1 146 ? 12.683  7.307   4.338   1.00 17.79  ? 167  GLU A O   1 
ATOM   1136 C CB  . GLU A 1 146 ? 11.707  6.013   1.516   1.00 16.09  ? 167  GLU A CB  1 
ATOM   1137 C CG  . GLU A 1 146 ? 12.663  4.977   2.091   1.00 16.14  ? 167  GLU A CG  1 
ATOM   1138 C CD  . GLU A 1 146 ? 13.410  4.210   1.014   1.00 20.05  ? 167  GLU A CD  1 
ATOM   1139 O OE1 . GLU A 1 146 ? 13.437  4.641   -0.163  1.00 19.17  ? 167  GLU A OE1 1 
ATOM   1140 O OE2 . GLU A 1 146 ? 13.983  3.140   1.320   1.00 16.89  ? 167  GLU A OE2 1 
ATOM   1141 N N   . GLN A 1 147 ? 12.512  8.864   2.742   1.00 16.02  ? 168  GLN A N   1 
ATOM   1142 C CA  . GLN A 1 147 ? 13.613  9.661   3.267   1.00 15.42  ? 168  GLN A CA  1 
ATOM   1143 C C   . GLN A 1 147 ? 13.160  10.801  4.162   1.00 18.07  ? 168  GLN A C   1 
ATOM   1144 O O   . GLN A 1 147 ? 13.973  11.586  4.676   1.00 17.79  ? 168  GLN A O   1 
ATOM   1145 C CB  . GLN A 1 147 ? 14.427  10.206  2.077   1.00 18.58  ? 168  GLN A CB  1 
ATOM   1146 C CG  . GLN A 1 147 ? 15.165  9.146   1.293   1.00 21.85  ? 168  GLN A CG  1 
ATOM   1147 C CD  . GLN A 1 147 ? 15.976  8.164   2.115   1.00 28.47  ? 168  GLN A CD  1 
ATOM   1148 O OE1 . GLN A 1 147 ? 16.187  7.009   1.717   1.00 30.86  ? 168  GLN A OE1 1 
ATOM   1149 N NE2 . GLN A 1 147 ? 16.471  8.541   3.289   1.00 26.10  ? 168  GLN A NE2 1 
ATOM   1150 N N   . THR A 1 148 ? 11.866  10.937  4.411   1.00 15.87  ? 169  THR A N   1 
ATOM   1151 C CA  . THR A 1 148 ? 11.379  12.043  5.237   1.00 20.44  ? 169  THR A CA  1 
ATOM   1152 C C   . THR A 1 148 ? 11.919  11.994  6.656   1.00 23.67  ? 169  THR A C   1 
ATOM   1153 O O   . THR A 1 148 ? 12.201  10.932  7.227   1.00 18.14  ? 169  THR A O   1 
ATOM   1154 C CB  . THR A 1 148 ? 9.839   12.025  5.226   1.00 24.83  ? 169  THR A CB  1 
ATOM   1155 O OG1 . THR A 1 148 ? 9.375   13.327  5.636   1.00 17.67  ? 169  THR A OG1 1 
ATOM   1156 C CG2 . THR A 1 148 ? 9.278   10.999  6.196   1.00 14.64  ? 169  THR A CG2 1 
ATOM   1157 N N   . GLU A 1 149 ? 12.095  13.165  7.280   1.00 18.77  ? 170  GLU A N   1 
ATOM   1158 C CA  . GLU A 1 149 ? 12.627  13.197  8.640   1.00 22.11  ? 170  GLU A CA  1 
ATOM   1159 C C   . GLU A 1 149 ? 11.775  12.356  9.590   1.00 17.55  ? 170  GLU A C   1 
ATOM   1160 O O   . GLU A 1 149 ? 10.547  12.408  9.479   1.00 18.94  ? 170  GLU A O   1 
ATOM   1161 C CB  . GLU A 1 149 ? 12.691  14.646  9.156   1.00 22.81  ? 170  GLU A CB  1 
ATOM   1162 C CG  . GLU A 1 149 ? 13.258  14.719  10.564  1.00 36.35  ? 170  GLU A CG  1 
ATOM   1163 C CD  . GLU A 1 149 ? 13.631  16.117  11.022  1.00 41.29  ? 170  GLU A CD  1 
ATOM   1164 O OE1 . GLU A 1 149 ? 13.410  17.092  10.278  1.00 37.99  ? 170  GLU A OE1 1 
ATOM   1165 O OE2 . GLU A 1 149 ? 14.150  16.234  12.156  1.00 47.36  ? 170  GLU A OE2 1 
ATOM   1166 N N   . LYS A 1 150 ? 12.401  11.593  10.479  1.00 18.98  ? 171  LYS A N   1 
ATOM   1167 C CA  . LYS A 1 150 ? 11.669  10.721  11.388  1.00 22.60  ? 171  LYS A CA  1 
ATOM   1168 C C   . LYS A 1 150 ? 11.856  11.099  12.855  1.00 22.61  ? 171  LYS A C   1 
ATOM   1169 O O   . LYS A 1 150 ? 12.819  11.759  13.237  1.00 19.44  ? 171  LYS A O   1 
ATOM   1170 C CB  . LYS A 1 150 ? 12.114  9.267   11.153  1.00 30.25  ? 171  LYS A CB  1 
ATOM   1171 C CG  . LYS A 1 150 ? 11.410  8.646   9.948   1.00 36.72  ? 171  LYS A CG  1 
ATOM   1172 C CD  . LYS A 1 150 ? 12.283  7.662   9.200   1.00 40.88  ? 171  LYS A CD  1 
ATOM   1173 C CE  . LYS A 1 150 ? 11.971  7.659   7.715   1.00 28.58  ? 171  LYS A CE  1 
ATOM   1174 N NZ  . LYS A 1 150 ? 13.023  8.302   6.883   1.00 19.75  ? 171  LYS A NZ  1 
ATOM   1175 N N   . LEU A 1 151 ? 10.905  10.679  13.668  1.00 17.16  ? 172  LEU A N   1 
ATOM   1176 C CA  . LEU A 1 151 ? 10.920  10.604  15.108  1.00 14.65  ? 172  LEU A CA  1 
ATOM   1177 C C   . LEU A 1 151 ? 11.285  9.177   15.514  1.00 20.26  ? 172  LEU A C   1 
ATOM   1178 O O   . LEU A 1 151 ? 11.069  8.277   14.695  1.00 19.54  ? 172  LEU A O   1 
ATOM   1179 C CB  . LEU A 1 151 ? 9.560   10.948  15.709  1.00 15.94  ? 172  LEU A CB  1 
ATOM   1180 C CG  . LEU A 1 151 ? 9.073   12.366  15.386  1.00 22.13  ? 172  LEU A CG  1 
ATOM   1181 C CD1 . LEU A 1 151 ? 7.650   12.568  15.871  1.00 33.36  ? 172  LEU A CD1 1 
ATOM   1182 C CD2 . LEU A 1 151 ? 10.031  13.387  15.977  1.00 32.64  ? 172  LEU A CD2 1 
ATOM   1183 N N   . PRO A 1 152 ? 11.784  8.971   16.713  1.00 23.42  ? 173  PRO A N   1 
ATOM   1184 C CA  . PRO A 1 152 ? 11.915  7.592   17.217  1.00 20.42  ? 173  PRO A CA  1 
ATOM   1185 C C   . PRO A 1 152 ? 10.585  6.866   17.103  1.00 17.97  ? 173  PRO A C   1 
ATOM   1186 O O   . PRO A 1 152 ? 9.503   7.442   17.214  1.00 16.29  ? 173  PRO A O   1 
ATOM   1187 C CB  . PRO A 1 152 ? 12.329  7.793   18.677  1.00 19.61  ? 173  PRO A CB  1 
ATOM   1188 C CG  . PRO A 1 152 ? 13.111  9.077   18.612  1.00 19.94  ? 173  PRO A CG  1 
ATOM   1189 C CD  . PRO A 1 152 ? 12.280  9.946   17.705  1.00 24.92  ? 173  PRO A CD  1 
ATOM   1190 N N   . GLY A 1 153 ? 10.666  5.546   16.868  1.00 18.15  ? 174  GLY A N   1 
ATOM   1191 C CA  . GLY A 1 153 ? 9.474   4.747   16.651  1.00 18.71  ? 174  GLY A CA  1 
ATOM   1192 C C   . GLY A 1 153 ? 9.154   4.622   15.164  1.00 16.20  ? 174  GLY A C   1 
ATOM   1193 O O   . GLY A 1 153 ? 8.074   4.187   14.777  1.00 18.62  ? 174  GLY A O   1 
ATOM   1194 N N   . ASP A 1 154 ? 10.091  5.037   14.315  1.00 17.60  ? 175  ASP A N   1 
ATOM   1195 C CA  . ASP A 1 154 ? 9.877   4.984   12.869  1.00 25.67  ? 175  ASP A CA  1 
ATOM   1196 C C   . ASP A 1 154 ? 8.690   5.807   12.400  1.00 22.68  ? 175  ASP A C   1 
ATOM   1197 O O   . ASP A 1 154 ? 8.017   5.420   11.441  1.00 21.62  ? 175  ASP A O   1 
ATOM   1198 C CB  . ASP A 1 154 ? 9.719   3.507   12.430  1.00 21.03  ? 175  ASP A CB  1 
ATOM   1199 C CG  . ASP A 1 154 ? 10.953  2.715   12.832  1.00 23.04  ? 175  ASP A CG  1 
ATOM   1200 O OD1 . ASP A 1 154 ? 12.090  3.161   12.559  1.00 24.97  ? 175  ASP A OD1 1 
ATOM   1201 O OD2 . ASP A 1 154 ? 10.789  1.634   13.432  1.00 30.04  ? 175  ASP A OD2 1 
ATOM   1202 N N   . ARG A 1 155 ? 8.388   6.947   13.023  1.00 18.11  ? 176  ARG A N   1 
ATOM   1203 C CA  . ARG A 1 155 ? 7.251   7.780   12.678  1.00 15.88  ? 176  ARG A CA  1 
ATOM   1204 C C   . ARG A 1 155 ? 7.673   9.069   11.948  1.00 19.90  ? 176  ARG A C   1 
ATOM   1205 O O   . ARG A 1 155 ? 8.556   9.741   12.499  1.00 20.20  ? 176  ARG A O   1 
ATOM   1206 C CB  . ARG A 1 155 ? 6.462   8.181   13.929  1.00 16.71  ? 176  ARG A CB  1 
ATOM   1207 C CG  . ARG A 1 155 ? 6.069   7.011   14.828  1.00 19.82  ? 176  ARG A CG  1 
ATOM   1208 C CD  . ARG A 1 155 ? 5.537   7.549   16.154  1.00 24.28  ? 176  ARG A CD  1 
ATOM   1209 N NE  . ARG A 1 155 ? 6.618   8.033   17.012  1.00 16.75  ? 176  ARG A NE  1 
ATOM   1210 C CZ  . ARG A 1 155 ? 6.533   9.075   17.838  1.00 15.90  ? 176  ARG A CZ  1 
ATOM   1211 N NH1 . ARG A 1 155 ? 5.411   9.784   17.941  1.00 13.83  ? 176  ARG A NH1 1 
ATOM   1212 N NH2 . ARG A 1 155 ? 7.598   9.405   18.562  1.00 17.95  ? 176  ARG A NH2 1 
ATOM   1213 N N   . PRO A 1 156 ? 7.133   9.402   10.798  1.00 15.44  ? 177  PRO A N   1 
ATOM   1214 C CA  . PRO A 1 156 ? 7.502   10.678  10.140  1.00 17.68  ? 177  PRO A CA  1 
ATOM   1215 C C   . PRO A 1 156 ? 7.283   11.844  11.097  1.00 21.94  ? 177  PRO A C   1 
ATOM   1216 O O   . PRO A 1 156 ? 6.261   11.900  11.778  1.00 17.73  ? 177  PRO A O   1 
ATOM   1217 C CB  . PRO A 1 156 ? 6.525   10.772  8.961   1.00 15.13  ? 177  PRO A CB  1 
ATOM   1218 C CG  . PRO A 1 156 ? 6.371   9.315   8.603   1.00 17.03  ? 177  PRO A CG  1 
ATOM   1219 C CD  . PRO A 1 156 ? 6.166   8.668   9.963   1.00 12.72  ? 177  PRO A CD  1 
ATOM   1220 N N   . LYS A 1 157 ? 8.238   12.773  11.133  1.00 18.20  ? 178  LYS A N   1 
ATOM   1221 C CA  . LYS A 1 157 ? 8.091   13.937  12.023  1.00 18.47  ? 178  LYS A CA  1 
ATOM   1222 C C   . LYS A 1 157 ? 6.937   14.818  11.600  1.00 19.34  ? 178  LYS A C   1 
ATOM   1223 O O   . LYS A 1 157 ? 6.190   15.399  12.389  1.00 22.07  ? 178  LYS A O   1 
ATOM   1224 C CB  . LYS A 1 157 ? 9.409   14.723  12.041  1.00 16.24  ? 178  LYS A CB  1 
ATOM   1225 C CG  . LYS A 1 157 ? 9.323   16.022  12.839  1.00 21.75  ? 178  LYS A CG  1 
ATOM   1226 C CD  . LYS A 1 157 ? 10.728  16.568  13.060  1.00 33.79  ? 178  LYS A CD  1 
ATOM   1227 C CE  . LYS A 1 157 ? 10.751  17.740  14.026  1.00 40.39  ? 178  LYS A CE  1 
ATOM   1228 N NZ  . LYS A 1 157 ? 12.147  18.259  14.167  1.00 50.80  ? 178  LYS A NZ  1 
ATOM   1229 N N   . GLN A 1 158 ? 6.751   14.935  10.294  1.00 16.63  ? 179  GLN A N   1 
ATOM   1230 C CA  . GLN A 1 158 ? 5.615   15.636  9.731   1.00 20.22  ? 179  GLN A CA  1 
ATOM   1231 C C   . GLN A 1 158 ? 4.651   14.578  9.190   1.00 23.13  ? 179  GLN A C   1 
ATOM   1232 O O   . GLN A 1 158 ? 5.168   13.582  8.688   1.00 24.19  ? 179  GLN A O   1 
ATOM   1233 C CB  . GLN A 1 158 ? 6.007   16.587  8.603   1.00 23.83  ? 179  GLN A CB  1 
ATOM   1234 C CG  . GLN A 1 158 ? 7.133   17.560  8.956   1.00 27.36  ? 179  GLN A CG  1 
ATOM   1235 C CD  . GLN A 1 158 ? 7.242   18.619  7.865   1.00 38.77  ? 179  GLN A CD  1 
ATOM   1236 O OE1 . GLN A 1 158 ? 8.026   18.464  6.929   1.00 35.48  ? 179  GLN A OE1 1 
ATOM   1237 N NE2 . GLN A 1 158 ? 6.441   19.679  7.988   1.00 46.93  ? 179  GLN A NE2 1 
ATOM   1238 N N   . ASP A 1 159 ? 3.358   14.818  9.309   1.00 22.95  ? 180  ASP A N   1 
ATOM   1239 C CA  . ASP A 1 159 ? 2.397   13.827  8.804   1.00 22.89  ? 180  ASP A CA  1 
ATOM   1240 C C   . ASP A 1 159 ? 2.513   13.699  7.289   1.00 20.48  ? 180  ASP A C   1 
ATOM   1241 O O   . ASP A 1 159 ? 2.579   14.677  6.560   1.00 18.58  ? 180  ASP A O   1 
ATOM   1242 C CB  . ASP A 1 159 ? 0.986   14.196  9.233   1.00 19.35  ? 180  ASP A CB  1 
ATOM   1243 C CG  . ASP A 1 159 ? 0.790   13.962  10.722  1.00 26.38  ? 180  ASP A CG  1 
ATOM   1244 O OD1 . ASP A 1 159 ? 1.634   13.298  11.360  1.00 31.17  ? 180  ASP A OD1 1 
ATOM   1245 O OD2 . ASP A 1 159 ? -0.247  14.435  11.230  1.00 38.55  ? 180  ASP A OD2 1 
ATOM   1246 N N   . VAL A 1 160 ? 2.574   12.442  6.850   1.00 16.35  ? 181  VAL A N   1 
ATOM   1247 C CA  . VAL A 1 160 ? 2.642   12.027  5.466   1.00 14.66  ? 181  VAL A CA  1 
ATOM   1248 C C   . VAL A 1 160 ? 1.226   11.543  5.165   1.00 22.90  ? 181  VAL A C   1 
ATOM   1249 O O   . VAL A 1 160 ? 0.816   10.453  5.591   1.00 19.80  ? 181  VAL A O   1 
ATOM   1250 C CB  . VAL A 1 160 ? 3.650   10.878  5.208   1.00 11.77  ? 181  VAL A CB  1 
ATOM   1251 C CG1 . VAL A 1 160 ? 3.602   10.442  3.753   1.00 15.20  ? 181  VAL A CG1 1 
ATOM   1252 C CG2 . VAL A 1 160 ? 5.064   11.259  5.617   1.00 13.04  ? 181  VAL A CG2 1 
ATOM   1253 N N   . ILE A 1 161 ? 0.485   12.394  4.483   1.00 21.20  ? 182  ILE A N   1 
ATOM   1254 C CA  . ILE A 1 161 ? -0.944  12.218  4.308   1.00 16.90  ? 182  ILE A CA  1 
ATOM   1255 C C   . ILE A 1 161 ? -1.319  11.922  2.872   1.00 17.78  ? 182  ILE A C   1 
ATOM   1256 O O   . ILE A 1 161 ? -0.847  12.513  1.902   1.00 17.11  ? 182  ILE A O   1 
ATOM   1257 C CB  . ILE A 1 161 ? -1.699  13.499  4.748   1.00 20.86  ? 182  ILE A CB  1 
ATOM   1258 C CG1 . ILE A 1 161 ? -1.440  13.892  6.204   1.00 19.53  ? 182  ILE A CG1 1 
ATOM   1259 C CG2 . ILE A 1 161 ? -3.169  13.310  4.411   1.00 22.15  ? 182  ILE A CG2 1 
ATOM   1260 C CD1 . ILE A 1 161 ? -1.972  12.904  7.215   1.00 37.66  ? 182  ILE A CD1 1 
ATOM   1261 N N   . ILE A 1 162 ? -2.214  10.945  2.752   1.00 17.81  ? 183  ILE A N   1 
ATOM   1262 C CA  . ILE A 1 162 ? -2.888  10.641  1.510   1.00 16.74  ? 183  ILE A CA  1 
ATOM   1263 C C   . ILE A 1 162 ? -4.006  11.682  1.409   1.00 15.42  ? 183  ILE A C   1 
ATOM   1264 O O   . ILE A 1 162 ? -5.078  11.467  1.945   1.00 20.43  ? 183  ILE A O   1 
ATOM   1265 C CB  . ILE A 1 162 ? -3.478  9.220   1.498   1.00 19.34  ? 183  ILE A CB  1 
ATOM   1266 C CG1 . ILE A 1 162 ? -2.433  8.118   1.703   1.00 19.93  ? 183  ILE A CG1 1 
ATOM   1267 C CG2 . ILE A 1 162 ? -4.281  8.990   0.230   1.00 20.68  ? 183  ILE A CG2 1 
ATOM   1268 C CD1 . ILE A 1 162 ? -3.024  6.718   1.784   1.00 16.05  ? 183  ILE A CD1 1 
ATOM   1269 N N   . ALA A 1 163 ? -3.696  12.798  0.774   1.00 21.67  ? 184  ALA A N   1 
ATOM   1270 C CA  . ALA A 1 163 ? -4.631  13.913  0.716   1.00 18.30  ? 184  ALA A CA  1 
ATOM   1271 C C   . ALA A 1 163 ? -5.857  13.508  -0.089  1.00 24.66  ? 184  ALA A C   1 
ATOM   1272 O O   . ALA A 1 163 ? -6.970  13.917  0.217   1.00 25.33  ? 184  ALA A O   1 
ATOM   1273 C CB  . ALA A 1 163 ? -3.943  15.136  0.122   1.00 19.15  ? 184  ALA A CB  1 
ATOM   1274 N N   . ALA A 1 164 ? -5.620  12.694  -1.121  1.00 19.23  ? 185  ALA A N   1 
ATOM   1275 C CA  . ALA A 1 164 ? -6.707  12.226  -1.969  1.00 19.18  ? 185  ALA A CA  1 
ATOM   1276 C C   . ALA A 1 164 ? -6.414  10.841  -2.523  1.00 19.51  ? 185  ALA A C   1 
ATOM   1277 O O   . ALA A 1 164 ? -5.256  10.523  -2.797  1.00 22.44  ? 185  ALA A O   1 
ATOM   1278 C CB  . ALA A 1 164 ? -6.906  13.171  -3.150  1.00 21.22  ? 185  ALA A CB  1 
ATOM   1279 N N   . SER A 1 165 ? -7.461  10.044  -2.720  1.00 21.36  ? 186  SER A N   1 
ATOM   1280 C CA  . SER A 1 165 ? -7.199  8.751   -3.363  1.00 22.10  ? 186  SER A CA  1 
ATOM   1281 C C   . SER A 1 165 ? -8.398  8.333   -4.188  1.00 25.76  ? 186  SER A C   1 
ATOM   1282 O O   . SER A 1 165 ? -9.491  8.823   -3.912  1.00 22.20  ? 186  SER A O   1 
ATOM   1283 C CB  . SER A 1 165 ? -6.887  7.667   -2.331  1.00 19.72  ? 186  SER A CB  1 
ATOM   1284 O OG  . SER A 1 165 ? -7.983  7.468   -1.457  1.00 24.44  ? 186  SER A OG  1 
ATOM   1285 N N   . GLY A 1 166 ? -8.167  7.442   -5.138  1.00 22.20  ? 187  GLY A N   1 
ATOM   1286 C CA  . GLY A 1 166 ? -9.294  6.975   -5.940  1.00 22.24  ? 187  GLY A CA  1 
ATOM   1287 C C   . GLY A 1 166 ? -8.837  5.838   -6.837  1.00 24.19  ? 187  GLY A C   1 
ATOM   1288 O O   . GLY A 1 166 ? -7.664  5.469   -6.824  1.00 21.20  ? 187  GLY A O   1 
ATOM   1289 N N   . HIS A 1 167 ? -9.787  5.323   -7.597  1.00 24.56  ? 188  HIS A N   1 
ATOM   1290 C CA  . HIS A 1 167 ? -9.577  4.182   -8.477  1.00 22.72  ? 188  HIS A CA  1 
ATOM   1291 C C   . HIS A 1 167 ? -9.739  4.572   -9.937  1.00 30.32  ? 188  HIS A C   1 
ATOM   1292 O O   . HIS A 1 167 ? -10.798 5.061   -10.321 1.00 40.84  ? 188  HIS A O   1 
ATOM   1293 C CB  . HIS A 1 167 ? -10.567 3.077   -8.074  1.00 28.04  ? 188  HIS A CB  1 
ATOM   1294 C CG  . HIS A 1 167 ? -10.646 1.981   -9.094  1.00 44.40  ? 188  HIS A CG  1 
ATOM   1295 N ND1 . HIS A 1 167 ? -11.478 2.044   -10.191 1.00 59.95  ? 188  HIS A ND1 1 
ATOM   1296 C CD2 . HIS A 1 167 ? -9.995  0.801   -9.206  1.00 40.02  ? 188  HIS A CD2 1 
ATOM   1297 C CE1 . HIS A 1 167 ? -11.339 0.950   -10.924 1.00 55.68  ? 188  HIS A CE1 1 
ATOM   1298 N NE2 . HIS A 1 167 ? -10.442 0.170   -10.345 1.00 41.64  ? 188  HIS A NE2 1 
ATOM   1299 N N   . ILE A 1 168 ? -8.707  4.375   -10.733 1.00 33.69  ? 189  ILE A N   1 
ATOM   1300 C CA  . ILE A 1 168 ? -8.707  4.492   -12.183 1.00 39.55  ? 189  ILE A CA  1 
ATOM   1301 C C   . ILE A 1 168 ? -8.936  3.116   -12.804 1.00 51.06  ? 189  ILE A C   1 
ATOM   1302 O O   . ILE A 1 168 ? -8.222  2.145   -12.509 1.00 29.54  ? 189  ILE A O   1 
ATOM   1303 C CB  . ILE A 1 168 ? -7.382  5.066   -12.705 1.00 43.27  ? 189  ILE A CB  1 
ATOM   1304 C CG1 . ILE A 1 168 ? -6.996  6.392   -12.032 1.00 51.58  ? 189  ILE A CG1 1 
ATOM   1305 C CG2 . ILE A 1 168 ? -7.377  5.222   -14.218 1.00 55.37  ? 189  ILE A CG2 1 
ATOM   1306 C CD1 . ILE A 1 168 ? -5.509  6.669   -12.064 1.00 36.09  ? 189  ILE A CD1 1 
ATOM   1307 N N   . ALA A 1 169 ? -9.938  3.004   -13.668 1.00 50.37  ? 190  ALA A N   1 
ATOM   1308 C CA  . ALA A 1 169 ? -10.239 1.685   -14.234 1.00 52.41  ? 190  ALA A CA  1 
ATOM   1309 C C   . ALA A 1 169 ? -9.166  1.271   -15.231 1.00 48.35  ? 190  ALA A C   1 
ATOM   1310 O O   . ALA A 1 169 ? -8.371  2.107   -15.671 1.00 48.25  ? 190  ALA A O   1 
ATOM   1311 C CB  . ALA A 1 169 ? -11.626 1.694   -14.854 1.00 75.13  ? 190  ALA A CB  1 
ATOM   1312 N N   . VAL A 1 170 ? -9.115  -0.025  -15.571 1.00 50.10  ? 191  VAL A N   1 
ATOM   1313 C CA  . VAL A 1 170 ? -8.085  -0.446  -16.521 1.00 51.11  ? 191  VAL A CA  1 
ATOM   1314 C C   . VAL A 1 170 ? -8.706  -1.120  -17.752 1.00 61.74  ? 191  VAL A C   1 
ATOM   1315 O O   . VAL A 1 170 ? -9.383  -2.136  -17.626 1.00 48.52  ? 191  VAL A O   1 
ATOM   1316 C CB  . VAL A 1 170 ? -7.040  -1.393  -15.904 1.00 39.82  ? 191  VAL A CB  1 
ATOM   1317 C CG1 . VAL A 1 170 ? -6.198  -2.077  -16.972 1.00 28.08  ? 191  VAL A CG1 1 
ATOM   1318 C CG2 . VAL A 1 170 ? -6.142  -0.611  -14.955 1.00 35.40  ? 191  VAL A CG2 1 
ATOM   1319 N N   . ASP A 1 171 ? -8.419  -0.490  -18.876 1.00 70.86  ? 192  ASP A N   1 
ATOM   1320 C CA  . ASP A 1 171 ? -8.699  -0.829  -20.248 1.00 75.13  ? 192  ASP A CA  1 
ATOM   1321 C C   . ASP A 1 171 ? -8.911  -2.344  -20.371 1.00 70.10  ? 192  ASP A C   1 
ATOM   1322 O O   . ASP A 1 171 ? -10.010 -2.874  -20.516 1.00 79.08  ? 192  ASP A O   1 
ATOM   1323 C CB  . ASP A 1 171 ? -7.526  -0.412  -21.141 1.00 74.74  ? 192  ASP A CB  1 
ATOM   1324 C CG  . ASP A 1 171 ? -7.855  0.157   -22.496 1.00 84.37  ? 192  ASP A CG  1 
ATOM   1325 O OD1 . ASP A 1 171 ? -8.135  1.367   -22.602 1.00 86.11  ? 192  ASP A OD1 1 
ATOM   1326 O OD2 . ASP A 1 171 ? -7.826  -0.590  -23.509 1.00 99.20  ? 192  ASP A OD2 1 
ATOM   1327 N N   . THR A 1 172 ? -7.745  -2.950  -20.272 1.00 59.73  ? 193  THR A N   1 
ATOM   1328 C CA  . THR A 1 172 ? -7.223  -4.220  -20.660 1.00 45.15  ? 193  THR A CA  1 
ATOM   1329 C C   . THR A 1 172 ? -6.073  -4.605  -19.738 1.00 34.05  ? 193  THR A C   1 
ATOM   1330 O O   . THR A 1 172 ? -5.016  -3.981  -19.862 1.00 26.91  ? 193  THR A O   1 
ATOM   1331 C CB  . THR A 1 172 ? -6.683  -4.114  -22.107 1.00 43.65  ? 193  THR A CB  1 
ATOM   1332 O OG1 . THR A 1 172 ? -7.663  -3.412  -22.886 1.00 44.96  ? 193  THR A OG1 1 
ATOM   1333 C CG2 . THR A 1 172 ? -6.478  -5.472  -22.740 1.00 34.63  ? 193  THR A CG2 1 
ATOM   1334 N N   . PRO A 1 173 ? -6.303  -5.575  -18.868 1.00 35.26  ? 194  PRO A N   1 
ATOM   1335 C CA  . PRO A 1 173 ? -5.264  -6.021  -17.932 1.00 29.71  ? 194  PRO A CA  1 
ATOM   1336 C C   . PRO A 1 173 ? -3.933  -6.240  -18.633 1.00 32.06  ? 194  PRO A C   1 
ATOM   1337 O O   . PRO A 1 173 ? -3.856  -6.772  -19.741 1.00 35.67  ? 194  PRO A O   1 
ATOM   1338 C CB  . PRO A 1 173 ? -5.826  -7.346  -17.417 1.00 28.70  ? 194  PRO A CB  1 
ATOM   1339 C CG  . PRO A 1 173 ? -7.306  -7.156  -17.474 1.00 31.42  ? 194  PRO A CG  1 
ATOM   1340 C CD  . PRO A 1 173 ? -7.563  -6.319  -18.694 1.00 29.95  ? 194  PRO A CD  1 
ATOM   1341 N N   . PHE A 1 174 ? -2.841  -5.815  -18.008 1.00 22.94  ? 195  PHE A N   1 
ATOM   1342 C CA  . PHE A 1 174 ? -1.535  -6.020  -18.608 1.00 18.55  ? 195  PHE A CA  1 
ATOM   1343 C C   . PHE A 1 174 ? -0.580  -6.658  -17.605 1.00 23.52  ? 195  PHE A C   1 
ATOM   1344 O O   . PHE A 1 174 ? -0.622  -6.316  -16.415 1.00 22.25  ? 195  PHE A O   1 
ATOM   1345 C CB  . PHE A 1 174 ? -0.935  -4.685  -19.070 1.00 19.31  ? 195  PHE A CB  1 
ATOM   1346 C CG  . PHE A 1 174 ? -0.943  -3.583  -18.017 1.00 17.95  ? 195  PHE A CG  1 
ATOM   1347 C CD1 . PHE A 1 174 ? 0.170   -3.367  -17.206 1.00 20.18  ? 195  PHE A CD1 1 
ATOM   1348 C CD2 . PHE A 1 174 ? -2.055  -2.780  -17.849 1.00 20.82  ? 195  PHE A CD2 1 
ATOM   1349 C CE1 . PHE A 1 174 ? 0.166   -2.344  -16.251 1.00 20.88  ? 195  PHE A CE1 1 
ATOM   1350 C CE2 . PHE A 1 174 ? -2.081  -1.756  -16.911 1.00 20.45  ? 195  PHE A CE2 1 
ATOM   1351 C CZ  . PHE A 1 174 ? -0.966  -1.558  -16.103 1.00 15.14  ? 195  PHE A CZ  1 
ATOM   1352 N N   . SER A 1 175 ? 0.280   -7.531  -18.107 1.00 21.31  ? 196  SER A N   1 
ATOM   1353 C CA  . SER A 1 175 ? 1.288   -8.189  -17.297 1.00 20.23  ? 196  SER A CA  1 
ATOM   1354 C C   . SER A 1 175 ? 2.402   -7.223  -16.897 1.00 26.48  ? 196  SER A C   1 
ATOM   1355 O O   . SER A 1 175 ? 2.764   -6.391  -17.733 1.00 26.10  ? 196  SER A O   1 
ATOM   1356 C CB  . SER A 1 175 ? 1.907   -9.372  -18.058 1.00 25.89  ? 196  SER A CB  1 
ATOM   1357 O OG  . SER A 1 175 ? 0.997   -10.464 -18.031 1.00 37.79  ? 196  SER A OG  1 
ATOM   1358 N N   . VAL A 1 176 ? 2.917   -7.340  -15.680 1.00 20.57  ? 197  VAL A N   1 
ATOM   1359 C CA  . VAL A 1 176 ? 4.118   -6.595  -15.290 1.00 20.77  ? 197  VAL A CA  1 
ATOM   1360 C C   . VAL A 1 176 ? 5.214   -7.533  -14.811 1.00 25.62  ? 197  VAL A C   1 
ATOM   1361 O O   . VAL A 1 176 ? 4.936   -8.598  -14.260 1.00 25.81  ? 197  VAL A O   1 
ATOM   1362 C CB  . VAL A 1 176 ? 3.817   -5.551  -14.195 1.00 19.88  ? 197  VAL A CB  1 
ATOM   1363 C CG1 . VAL A 1 176 ? 2.907   -4.450  -14.712 1.00 22.17  ? 197  VAL A CG1 1 
ATOM   1364 C CG2 . VAL A 1 176 ? 3.189   -6.234  -12.986 1.00 18.95  ? 197  VAL A CG2 1 
ATOM   1365 N N   . GLU A 1 177 ? 6.485   -7.186  -14.998 1.00 23.82  ? 198  GLU A N   1 
ATOM   1366 C CA  . GLU A 1 177 ? 7.563   -8.062  -14.563 1.00 23.76  ? 198  GLU A CA  1 
ATOM   1367 C C   . GLU A 1 177 ? 7.601   -8.188  -13.036 1.00 26.91  ? 198  GLU A C   1 
ATOM   1368 O O   . GLU A 1 177 ? 7.274   -7.224  -12.340 1.00 24.37  ? 198  GLU A O   1 
ATOM   1369 C CB  . GLU A 1 177 ? 8.927   -7.571  -15.060 1.00 25.39  ? 198  GLU A CB  1 
ATOM   1370 C CG  . GLU A 1 177 ? 9.284   -6.150  -14.668 1.00 38.78  ? 198  GLU A CG  1 
ATOM   1371 C CD  . GLU A 1 177 ? 10.582  -5.662  -15.286 1.00 50.02  ? 198  GLU A CD  1 
ATOM   1372 O OE1 . GLU A 1 177 ? 11.022  -6.225  -16.310 1.00 33.70  ? 198  GLU A OE1 1 
ATOM   1373 O OE2 . GLU A 1 177 ? 11.202  -4.707  -14.763 1.00 52.40  ? 198  GLU A OE2 1 
ATOM   1374 N N   . ARG A 1 178 ? 8.010   -9.350  -12.556 1.00 22.93  ? 199  ARG A N   1 
ATOM   1375 C CA  . ARG A 1 178 ? 8.295   -9.634  -11.161 1.00 21.05  ? 199  ARG A CA  1 
ATOM   1376 C C   . ARG A 1 178 ? 9.685   -9.108  -10.807 1.00 22.39  ? 199  ARG A C   1 
ATOM   1377 O O   . ARG A 1 178 ? 10.597  -9.885  -10.549 1.00 21.69  ? 199  ARG A O   1 
ATOM   1378 C CB  . ARG A 1 178 ? 8.240   -11.131 -10.825 1.00 23.21  ? 199  ARG A CB  1 
ATOM   1379 C CG  . ARG A 1 178 ? 6.871   -11.745 -11.062 1.00 21.49  ? 199  ARG A CG  1 
ATOM   1380 C CD  . ARG A 1 178 ? 6.978   -13.258 -11.274 1.00 32.22  ? 199  ARG A CD  1 
ATOM   1381 N NE  . ARG A 1 178 ? 5.713   -13.868 -10.844 1.00 44.20  ? 199  ARG A NE  1 
ATOM   1382 C CZ  . ARG A 1 178 ? 4.709   -14.013 -11.706 1.00 44.87  ? 199  ARG A CZ  1 
ATOM   1383 N NH1 . ARG A 1 178 ? 4.874   -13.605 -12.959 1.00 51.54  ? 199  ARG A NH1 1 
ATOM   1384 N NH2 . ARG A 1 178 ? 3.564   -14.556 -11.324 1.00 38.92  ? 199  ARG A NH2 1 
ATOM   1385 N N   . GLU A 1 179 ? 9.798   -7.779  -10.810 1.00 18.27  ? 200  GLU A N   1 
ATOM   1386 C CA  . GLU A 1 179 ? 11.057  -7.106  -10.558 1.00 19.28  ? 200  GLU A CA  1 
ATOM   1387 C C   . GLU A 1 179 ? 10.808  -5.809  -9.773  1.00 15.88  ? 200  GLU A C   1 
ATOM   1388 O O   . GLU A 1 179 ? 9.672   -5.331  -9.830  1.00 17.34  ? 200  GLU A O   1 
ATOM   1389 C CB  . GLU A 1 179 ? 11.749  -6.714  -11.860 1.00 20.76  ? 200  GLU A CB  1 
ATOM   1390 C CG  . GLU A 1 179 ? 12.133  -7.842  -12.790 1.00 40.77  ? 200  GLU A CG  1 
ATOM   1391 C CD  . GLU A 1 179 ? 12.974  -8.923  -12.144 1.00 51.06  ? 200  GLU A CD  1 
ATOM   1392 O OE1 . GLU A 1 179 ? 13.837  -8.634  -11.288 1.00 36.33  ? 200  GLU A OE1 1 
ATOM   1393 O OE2 . GLU A 1 179 ? 12.763  -10.104 -12.506 1.00 77.95  ? 200  GLU A OE2 1 
ATOM   1394 N N   . ALA A 1 180 ? 11.865  -5.332  -9.151  1.00 21.39  ? 201  ALA A N   1 
ATOM   1395 C CA  . ALA A 1 180 ? 11.888  -4.053  -8.474  1.00 20.64  ? 201  ALA A CA  1 
ATOM   1396 C C   . ALA A 1 180 ? 11.367  -2.961  -9.407  1.00 18.83  ? 201  ALA A C   1 
ATOM   1397 O O   . ALA A 1 180 ? 11.566  -3.000  -10.618 1.00 21.73  ? 201  ALA A O   1 
ATOM   1398 C CB  . ALA A 1 180 ? 13.289  -3.708  -7.992  1.00 19.45  ? 201  ALA A CB  1 
ATOM   1399 N N   . VAL A 1 181 ? 10.695  -1.990  -8.812  1.00 20.00  ? 202  VAL A N   1 
ATOM   1400 C CA  . VAL A 1 181 ? 10.218  -0.816  -9.519  1.00 22.49  ? 202  VAL A CA  1 
ATOM   1401 C C   . VAL A 1 181 ? 11.350  0.214   -9.522  1.00 30.90  ? 202  VAL A C   1 
ATOM   1402 O O   . VAL A 1 181 ? 11.938  0.532   -8.483  1.00 24.14  ? 202  VAL A O   1 
ATOM   1403 C CB  . VAL A 1 181 ? 8.958   -0.211  -8.898  1.00 19.45  ? 202  VAL A CB  1 
ATOM   1404 C CG1 . VAL A 1 181 ? 8.575   1.070   -9.653  1.00 24.26  ? 202  VAL A CG1 1 
ATOM   1405 C CG2 . VAL A 1 181 ? 7.777   -1.174  -8.897  1.00 16.67  ? 202  VAL A CG2 1 
ATOM   1406 N N   . VAL A 1 182 ? 11.630  0.698   -10.721 1.00 31.06  ? 203  VAL A N   1 
ATOM   1407 C CA  . VAL A 1 182 ? 12.698  1.652   -10.966 1.00 38.35  ? 203  VAL A CA  1 
ATOM   1408 C C   . VAL A 1 182 ? 12.279  3.070   -10.588 1.00 44.24  ? 203  VAL A C   1 
ATOM   1409 O O   . VAL A 1 182 ? 12.926  3.660   -9.709  1.00 43.71  ? 203  VAL A O   1 
ATOM   1410 C CB  . VAL A 1 182 ? 13.111  1.587   -12.450 1.00 44.27  ? 203  VAL A CB  1 
ATOM   1411 C CG1 . VAL A 1 182 ? 13.552  2.943   -12.957 1.00 52.46  ? 203  VAL A CG1 1 
ATOM   1412 C CG2 . VAL A 1 182 ? 14.209  0.542   -12.596 1.00 33.31  ? 203  VAL A CG2 1 
HETATM 1413 S S1  . DTT B 2 .   ? 6.619   -5.665  9.472   0.66 61.57  ? 1204 DTT A S1  1 
HETATM 1414 C C1  . DTT B 2 .   ? 6.271   -7.257  10.227  0.66 52.04  ? 1204 DTT A C1  1 
HETATM 1415 C C2  . DTT B 2 .   ? 5.534   -8.380  9.943   0.66 43.92  ? 1204 DTT A C2  1 
HETATM 1416 O O2  . DTT B 2 .   ? 4.198   -8.417  10.782  0.66 49.44  ? 1204 DTT A O2  1 
HETATM 1417 C C3  . DTT B 2 .   ? 6.281   -9.704  9.877   0.66 40.24  ? 1204 DTT A C3  1 
HETATM 1418 O O3  . DTT B 2 .   ? 6.112   -10.659 8.866   0.66 29.53  ? 1204 DTT A O3  1 
HETATM 1419 C C4  . DTT B 2 .   ? 7.644   -9.260  9.478   0.66 48.72  ? 1204 DTT A C4  1 
HETATM 1420 S S4  . DTT B 2 .   ? 8.954   -9.839  10.507  0.66 81.35  ? 1204 DTT A S4  1 
HETATM 1421 O O   . HOH C 3 .   ? -4.081  -10.133 -11.445 1.00 19.56  ? 2001 HOH A O   1 
HETATM 1422 O O   . HOH C 3 .   ? 0.218   -7.525  -21.174 1.00 22.09  ? 2002 HOH A O   1 
HETATM 1423 O O   . HOH C 3 .   ? -2.570  -12.349 -13.184 1.00 24.79  ? 2003 HOH A O   1 
HETATM 1424 O O   . HOH C 3 .   ? -9.808  -4.297  -15.551 1.00 46.44  ? 2004 HOH A O   1 
HETATM 1425 O O   . HOH C 3 .   ? -11.127 -5.328  -12.295 1.00 58.32  ? 2005 HOH A O   1 
HETATM 1426 O O   . HOH C 3 .   ? -10.385 -5.715  -8.707  1.00 45.96  ? 2006 HOH A O   1 
HETATM 1427 O O   . HOH C 3 .   ? -4.133  0.922   -19.062 1.00 28.69  ? 2007 HOH A O   1 
HETATM 1428 O O   . HOH C 3 .   ? -11.357 9.158   -8.739  1.00 45.95  ? 2008 HOH A O   1 
HETATM 1429 O O   . HOH C 3 .   ? -10.236 11.798  -4.694  1.00 38.99  ? 2009 HOH A O   1 
HETATM 1430 O O   . HOH C 3 .   ? -0.461  14.722  -6.400  1.00 32.38  ? 2010 HOH A O   1 
HETATM 1431 O O   . HOH C 3 .   ? -2.982  14.840  -8.852  1.00 38.35  ? 2011 HOH A O   1 
HETATM 1432 O O   . HOH C 3 .   ? -5.250  16.697  -3.379  1.00 44.48  ? 2012 HOH A O   1 
HETATM 1433 O O   . HOH C 3 .   ? -2.257  19.758  -4.254  1.00 53.18  ? 2013 HOH A O   1 
HETATM 1434 O O   . HOH C 3 .   ? 0.103   15.635  -3.990  1.00 29.55  ? 2014 HOH A O   1 
HETATM 1435 O O   . HOH C 3 .   ? -2.390  21.237  -1.593  1.00 33.07  ? 2015 HOH A O   1 
HETATM 1436 O O   . HOH C 3 .   ? -2.332  17.189  -2.781  1.00 45.66  ? 2016 HOH A O   1 
HETATM 1437 O O   . HOH C 3 .   ? -2.156  16.975  4.150   1.00 32.48  ? 2017 HOH A O   1 
HETATM 1438 O O   . HOH C 3 .   ? 7.173   18.920  3.826   1.00 25.71  ? 2018 HOH A O   1 
HETATM 1439 O O   . HOH C 3 .   ? 2.622   21.304  9.330   1.00 43.32  ? 2019 HOH A O   1 
HETATM 1440 O O   . HOH C 3 .   ? 5.277   21.983  6.182   1.00 22.04  ? 2020 HOH A O   1 
HETATM 1441 O O   . HOH C 3 .   ? 0.474   16.439  5.109   1.00 21.03  ? 2021 HOH A O   1 
HETATM 1442 O O   . HOH C 3 .   ? -1.957  21.129  1.534   1.00 42.12  ? 2022 HOH A O   1 
HETATM 1443 O O   . HOH C 3 .   ? 4.696   21.352  -3.260  1.00 68.85  ? 2023 HOH A O   1 
HETATM 1444 O O   . HOH C 3 .   ? 3.750   18.289  -6.544  1.00 44.53  ? 2024 HOH A O   1 
HETATM 1445 O O   . HOH C 3 .   ? 8.622   17.553  -3.421  1.00 40.78  ? 2025 HOH A O   1 
HETATM 1446 O O   . HOH C 3 .   ? 6.527   14.764  -7.894  1.00 45.14  ? 2026 HOH A O   1 
HETATM 1447 O O   . HOH C 3 .   ? 3.236   13.169  -9.267  1.00 34.75  ? 2027 HOH A O   1 
HETATM 1448 O O   . HOH C 3 .   ? -2.407  9.854   -12.942 1.00 33.92  ? 2028 HOH A O   1 
HETATM 1449 O O   . HOH C 3 .   ? 3.935   10.846  -9.796  1.00 32.62  ? 2029 HOH A O   1 
HETATM 1450 O O   . HOH C 3 .   ? -7.596  12.489  -10.400 1.00 34.78  ? 2030 HOH A O   1 
HETATM 1451 O O   . HOH C 3 .   ? -17.241 -4.364  -3.085  1.00 31.59  ? 2031 HOH A O   1 
HETATM 1452 O O   . HOH C 3 .   ? -10.137 -8.622  -11.913 1.00 44.76  ? 2032 HOH A O   1 
HETATM 1453 O O   . HOH C 3 .   ? -10.325 -8.416  -9.051  1.00 72.17  ? 2033 HOH A O   1 
HETATM 1454 O O   . HOH C 3 .   ? -4.103  15.604  9.088   1.00 61.62  ? 2034 HOH A O   1 
HETATM 1455 O O   . HOH C 3 .   ? -6.606  15.199  4.887   1.00 43.73  ? 2035 HOH A O   1 
HETATM 1456 O O   . HOH C 3 .   ? -5.891  8.893   10.100  1.00 50.37  ? 2036 HOH A O   1 
HETATM 1457 O O   . HOH C 3 .   ? -9.196  -14.754 -10.144 1.00 37.28  ? 2037 HOH A O   1 
HETATM 1458 O O   . HOH C 3 .   ? 4.528   1.155   13.852  1.00 46.37  ? 2038 HOH A O   1 
HETATM 1459 O O   . HOH C 3 .   ? 2.077   7.259   15.013  1.00 26.08  ? 2039 HOH A O   1 
HETATM 1460 O O   . HOH C 3 .   ? -1.559  -14.502 -11.015 1.00 40.98  ? 2040 HOH A O   1 
HETATM 1461 O O   . HOH C 3 .   ? 14.484  6.506   12.119  1.00 39.02  ? 2041 HOH A O   1 
HETATM 1462 O O   . HOH C 3 .   ? 18.728  5.519   5.148   1.00 45.24  ? 2042 HOH A O   1 
HETATM 1463 O O   . HOH C 3 .   ? -1.564  -4.956  11.360  1.00 41.52  ? 2043 HOH A O   1 
HETATM 1464 O O   . HOH C 3 .   ? -5.533  -11.431 1.893   1.00 20.89  ? 2044 HOH A O   1 
HETATM 1465 O O   . HOH C 3 .   ? -6.649  -5.278  0.801   1.00 18.64  ? 2045 HOH A O   1 
HETATM 1466 O O   . HOH C 3 .   ? -6.970  8.782   13.045  1.00 55.82  ? 2046 HOH A O   1 
HETATM 1467 O O   . HOH C 3 .   ? -12.449 -4.862  -7.042  1.00 45.98  ? 2047 HOH A O   1 
HETATM 1468 O O   . HOH C 3 .   ? -13.935 -2.961  -6.708  1.00 36.89  ? 2048 HOH A O   1 
HETATM 1469 O O   . HOH C 3 .   ? -16.762 -2.255  -0.960  1.00 51.58  ? 2049 HOH A O   1 
HETATM 1470 O O   . HOH C 3 .   ? -15.839 2.087   -1.538  1.00 28.56  ? 2050 HOH A O   1 
HETATM 1471 O O   . HOH C 3 .   ? -9.561  -16.218 1.175   1.00 33.03  ? 2051 HOH A O   1 
HETATM 1472 O O   . HOH C 3 .   ? -2.794  -19.226 4.509   1.00 30.44  ? 2052 HOH A O   1 
HETATM 1473 O O   . HOH C 3 .   ? -11.835 8.648   -1.857  1.00 29.73  ? 2053 HOH A O   1 
HETATM 1474 O O   . HOH C 3 .   ? 16.154  -5.500  -5.870  1.00 58.27  ? 2054 HOH A O   1 
HETATM 1475 O O   . HOH C 3 .   ? 15.882  -1.217  -6.085  1.00 50.37  ? 2055 HOH A O   1 
HETATM 1476 O O   . HOH C 3 .   ? -13.258 12.301  0.805   1.00 46.00  ? 2056 HOH A O   1 
HETATM 1477 O O   . HOH C 3 .   ? -9.361  8.394   6.731   1.00 25.41  ? 2057 HOH A O   1 
HETATM 1478 O O   . HOH C 3 .   ? -5.401  -13.794 15.242  1.00 53.29  ? 2058 HOH A O   1 
HETATM 1479 O O   . HOH C 3 .   ? -9.097  -12.038 14.042  1.00 55.25  ? 2059 HOH A O   1 
HETATM 1480 O O   . HOH C 3 .   ? -10.181 -16.086 8.899   1.00 42.99  ? 2060 HOH A O   1 
HETATM 1481 O O   . HOH C 3 .   ? -6.121  13.863  7.413   1.00 33.87  ? 2061 HOH A O   1 
HETATM 1482 O O   . HOH C 3 .   ? -4.238  11.340  9.224   1.00 69.41  ? 2062 HOH A O   1 
HETATM 1483 O O   . HOH C 3 .   ? -3.832  7.406   9.367   1.00 26.74  ? 2063 HOH A O   1 
HETATM 1484 O O   . HOH C 3 .   ? -1.807  4.724   8.921   1.00 18.17  ? 2064 HOH A O   1 
HETATM 1485 O O   . HOH C 3 .   ? 17.647  -9.595  1.528   1.00 24.22  ? 2065 HOH A O   1 
HETATM 1486 O O   . HOH C 3 .   ? 5.244   3.975   13.588  1.00 26.18  ? 2066 HOH A O   1 
HETATM 1487 O O   . HOH C 3 .   ? 3.418   8.270   12.854  1.00 23.30  ? 2067 HOH A O   1 
HETATM 1488 O O   . HOH C 3 .   ? 2.587   -0.252  12.525  1.00 24.39  ? 2068 HOH A O   1 
HETATM 1489 O O   . HOH C 3 .   ? 4.826   -19.459 1.151   1.00 26.03  ? 2069 HOH A O   1 
HETATM 1490 O O   . HOH C 3 .   ? 10.443  -2.369  13.009  1.00 37.03  ? 2070 HOH A O   1 
HETATM 1491 O O   . HOH C 3 .   ? 9.904   -5.521  11.136  1.00 38.50  ? 2071 HOH A O   1 
HETATM 1492 O O   . HOH C 3 .   ? 12.554  5.139   10.656  1.00 27.07  ? 2072 HOH A O   1 
HETATM 1493 O O   . HOH C 3 .   ? 16.382  2.973   8.124   1.00 25.54  ? 2073 HOH A O   1 
HETATM 1494 O O   . HOH C 3 .   ? 14.231  5.136   8.537   1.00 25.53  ? 2074 HOH A O   1 
HETATM 1495 O O   . HOH C 3 .   ? 12.253  13.544  -6.030  1.00 43.81  ? 2075 HOH A O   1 
HETATM 1496 O O   . HOH C 3 .   ? 16.326  2.544   0.135   1.00 28.80  ? 2076 HOH A O   1 
HETATM 1497 O O   . HOH C 3 .   ? 18.287  4.666   2.525   1.00 29.71  ? 2077 HOH A O   1 
HETATM 1498 O O   . HOH C 3 .   ? 20.278  1.494   5.903   1.00 34.23  ? 2078 HOH A O   1 
HETATM 1499 O O   . HOH C 3 .   ? 18.569  3.571   7.007   1.00 39.58  ? 2079 HOH A O   1 
HETATM 1500 O O   . HOH C 3 .   ? 14.664  13.034  -0.504  1.00 47.48  ? 2080 HOH A O   1 
HETATM 1501 O O   . HOH C 3 .   ? 15.803  8.784   -2.139  1.00 27.79  ? 2081 HOH A O   1 
HETATM 1502 O O   . HOH C 3 .   ? 4.174   -4.298  7.626   1.00 39.13  ? 2082 HOH A O   1 
HETATM 1503 O O   . HOH C 3 .   ? 1.519   -4.253  10.874  1.00 39.41  ? 2083 HOH A O   1 
HETATM 1504 O O   . HOH C 3 .   ? 15.599  7.206   16.080  1.00 53.40  ? 2084 HOH A O   1 
HETATM 1505 O O   . HOH C 3 .   ? -2.415  5.684   5.041   1.00 19.42  ? 2085 HOH A O   1 
HETATM 1506 O O   . HOH C 3 .   ? 13.790  13.368  16.552  1.00 62.66  ? 2086 HOH A O   1 
HETATM 1507 O O   . HOH C 3 .   ? -8.848  8.846   9.098   1.00 50.67  ? 2087 HOH A O   1 
HETATM 1508 O O   . HOH C 3 .   ? -7.526  8.583   16.049  1.00 53.43  ? 2088 HOH A O   1 
HETATM 1509 O O   . HOH C 3 .   ? -9.962  0.361   15.187  1.00 35.05  ? 2089 HOH A O   1 
HETATM 1510 O O   . HOH C 3 .   ? -3.819  -5.569  -24.922 1.00 50.45  ? 2090 HOH A O   1 
HETATM 1511 O O   . HOH C 3 .   ? -0.275  6.478   19.137  1.00 35.24  ? 2091 HOH A O   1 
HETATM 1512 O O   . HOH C 3 .   ? 2.794   4.794   15.166  1.00 25.43  ? 2092 HOH A O   1 
HETATM 1513 O O   . HOH C 3 .   ? 0.270   -3.178  12.459  1.00 46.26  ? 2093 HOH A O   1 
HETATM 1514 O O   . HOH C 3 .   ? -5.408  1.452   19.805  1.00 56.11  ? 2094 HOH A O   1 
HETATM 1515 O O   . HOH C 3 .   ? 9.424   4.707   -14.408 1.00 46.77  ? 2095 HOH A O   1 
HETATM 1516 O O   . HOH C 3 .   ? -9.463  -2.040  13.945  1.00 39.99  ? 2096 HOH A O   1 
HETATM 1517 O O   . HOH C 3 .   ? -15.297 -0.574  5.576   1.00 62.29  ? 2097 HOH A O   1 
HETATM 1518 O O   . HOH C 3 .   ? -14.219 -9.231  -2.799  1.00 27.82  ? 2098 HOH A O   1 
HETATM 1519 O O   . HOH C 3 .   ? -17.214 -9.807  9.378   1.00 22.59  ? 2099 HOH A O   1 
HETATM 1520 O O   . HOH C 3 .   ? -15.779 -7.352  12.541  1.00 29.15  ? 2100 HOH A O   1 
HETATM 1521 O O   . HOH C 3 .   ? -12.218 -9.566  14.599  1.00 59.80  ? 2101 HOH A O   1 
HETATM 1522 O O   . HOH C 3 .   ? -13.734 -10.952 7.174   1.00 26.25  ? 2102 HOH A O   1 
HETATM 1523 O O   . HOH C 3 .   ? -12.784 -9.536  11.944  1.00 43.02  ? 2103 HOH A O   1 
HETATM 1524 O O   . HOH C 3 .   ? -11.763 -14.229 5.680   1.00 24.76  ? 2104 HOH A O   1 
HETATM 1525 O O   . HOH C 3 .   ? -9.553  -13.848 2.606   1.00 20.60  ? 2105 HOH A O   1 
HETATM 1526 O O   . HOH C 3 .   ? -7.378  -17.748 1.899   1.00 41.45  ? 2106 HOH A O   1 
HETATM 1527 O O   . HOH C 3 .   ? -3.827  -18.478 1.864   1.00 30.93  ? 2107 HOH A O   1 
HETATM 1528 O O   . HOH C 3 .   ? -2.302  -17.515 6.453   1.00 34.69  ? 2108 HOH A O   1 
HETATM 1529 O O   . HOH C 3 .   ? -10.074 -15.533 -3.462  1.00 45.18  ? 2109 HOH A O   1 
HETATM 1530 O O   . HOH C 3 .   ? -0.316  -13.010 -3.783  1.00 16.82  ? 2110 HOH A O   1 
HETATM 1531 O O   . HOH C 3 .   ? -6.924  -17.250 -4.142  1.00 32.37  ? 2111 HOH A O   1 
HETATM 1532 O O   . HOH C 3 .   ? 5.267   -16.198 -1.747  1.00 34.33  ? 2112 HOH A O   1 
HETATM 1533 O O   . HOH C 3 .   ? -3.490  -16.369 -10.493 1.00 39.28  ? 2113 HOH A O   1 
HETATM 1534 O O   . HOH C 3 .   ? 1.465   -12.998 -1.642  1.00 14.47  ? 2114 HOH A O   1 
HETATM 1535 O O   . HOH C 3 .   ? 14.746  -7.347  -6.818  1.00 38.05  ? 2115 HOH A O   1 
HETATM 1536 O O   . HOH C 3 .   ? 7.081   -15.876 -7.935  1.00 37.03  ? 2116 HOH A O   1 
HETATM 1537 O O   . HOH C 3 .   ? 13.066  -10.816 -7.054  1.00 45.53  ? 2117 HOH A O   1 
HETATM 1538 O O   . HOH C 3 .   ? 14.829  -3.212  -4.920  1.00 20.49  ? 2118 HOH A O   1 
HETATM 1539 O O   . HOH C 3 .   ? -3.866  -4.978  7.230   1.00 18.90  ? 2119 HOH A O   1 
HETATM 1540 O O   . HOH C 3 .   ? 3.217   -11.925 9.632   1.00 39.42  ? 2120 HOH A O   1 
HETATM 1541 O O   . HOH C 3 .   ? 2.894   -5.798  9.252   1.00 22.01  ? 2121 HOH A O   1 
HETATM 1542 O O   . HOH C 3 .   ? -3.300  -15.222 13.656  1.00 29.19  ? 2122 HOH A O   1 
HETATM 1543 O O   . HOH C 3 .   ? 0.383   -16.461 12.813  1.00 36.65  ? 2123 HOH A O   1 
HETATM 1544 O O   . HOH C 3 .   ? -5.417  -18.741 11.262  1.00 48.60  ? 2124 HOH A O   1 
HETATM 1545 O O   . HOH C 3 .   ? -9.481  -13.286 9.387   1.00 38.95  ? 2125 HOH A O   1 
HETATM 1546 O O   . HOH C 3 .   ? -7.858  -14.252 12.470  1.00 45.58  ? 2126 HOH A O   1 
HETATM 1547 O O   . HOH C 3 .   ? -3.858  -19.356 7.914   1.00 30.74  ? 2127 HOH A O   1 
HETATM 1548 O O   . HOH C 3 .   ? -5.804  -18.086 4.864   1.00 31.63  ? 2128 HOH A O   1 
HETATM 1549 O O   . HOH C 3 .   ? -2.748  -11.857 7.919   1.00 16.93  ? 2129 HOH A O   1 
HETATM 1550 O O   . HOH C 3 .   ? -1.297  -10.664 4.866   1.00 18.98  ? 2130 HOH A O   1 
HETATM 1551 O O   . HOH C 3 .   ? -5.822  -2.789  9.523   1.00 21.30  ? 2131 HOH A O   1 
HETATM 1552 O O   . HOH C 3 .   ? -3.388  -4.359  9.861   1.00 40.67  ? 2132 HOH A O   1 
HETATM 1553 O O   . HOH C 3 .   ? 16.197  0.004   -2.953  1.00 48.93  ? 2133 HOH A O   1 
HETATM 1554 O O   . HOH C 3 .   ? 18.502  -11.545 -0.661  1.00 46.91  ? 2134 HOH A O   1 
HETATM 1555 O O   . HOH C 3 .   ? 16.903  -6.711  0.556   1.00 31.94  ? 2135 HOH A O   1 
HETATM 1556 O O   . HOH C 3 .   ? 16.730  -4.781  -2.713  1.00 29.70  ? 2136 HOH A O   1 
HETATM 1557 O O   . HOH C 3 .   ? 12.968  -16.300 1.226   1.00 49.00  ? 2137 HOH A O   1 
HETATM 1558 O O   . HOH C 3 .   ? 10.318  -7.576  9.124   1.00 18.16  ? 2138 HOH A O   1 
HETATM 1559 O O   . HOH C 3 .   ? 15.766  -12.788 3.736   1.00 32.73  ? 2139 HOH A O   1 
HETATM 1560 O O   . HOH C 3 .   ? 13.855  -15.196 4.132   1.00 40.81  ? 2140 HOH A O   1 
HETATM 1561 O O   . HOH C 3 .   ? 11.226  -11.686 -2.522  1.00 25.86  ? 2141 HOH A O   1 
HETATM 1562 O O   . HOH C 3 .   ? 9.786   -15.746 3.809   1.00 25.57  ? 2142 HOH A O   1 
HETATM 1563 O O   . HOH C 3 .   ? 11.254  -15.824 -0.619  1.00 26.61  ? 2143 HOH A O   1 
HETATM 1564 O O   . HOH C 3 .   ? 7.167   -17.946 4.485   1.00 34.13  ? 2144 HOH A O   1 
HETATM 1565 O O   . HOH C 3 .   ? 2.137   -17.595 6.707   1.00 42.52  ? 2145 HOH A O   1 
HETATM 1566 O O   . HOH C 3 .   ? 6.472   -17.523 -0.306  1.00 29.05  ? 2146 HOH A O   1 
HETATM 1567 O O   . HOH C 3 .   ? 0.205   -14.365 7.415   1.00 22.99  ? 2147 HOH A O   1 
HETATM 1568 O O   . HOH C 3 .   ? 10.179  -15.894 6.208   1.00 55.41  ? 2148 HOH A O   1 
HETATM 1569 O O   . HOH C 3 .   ? 4.178   -13.160 0.026   1.00 16.11  ? 2149 HOH A O   1 
HETATM 1570 O O   . HOH C 3 .   ? 9.642   -3.516  -12.838 1.00 24.09  ? 2150 HOH A O   1 
HETATM 1571 O O   . HOH C 3 .   ? 6.328   -0.178  -12.392 1.00 21.69  ? 2151 HOH A O   1 
HETATM 1572 O O   . HOH C 3 .   ? -0.094  3.885   -14.875 1.00 20.98  ? 2152 HOH A O   1 
HETATM 1573 O O   . HOH C 3 .   ? 6.573   7.967   -12.237 1.00 31.06  ? 2153 HOH A O   1 
HETATM 1574 O O   . HOH C 3 .   ? 7.746   6.123   -10.998 1.00 36.35  ? 2154 HOH A O   1 
HETATM 1575 O O   . HOH C 3 .   ? 8.897   8.057   -10.223 1.00 39.33  ? 2155 HOH A O   1 
HETATM 1576 O O   . HOH C 3 .   ? 12.421  11.197  -4.753  1.00 24.88  ? 2156 HOH A O   1 
HETATM 1577 O O   . HOH C 3 .   ? 11.284  6.321   -10.584 1.00 36.87  ? 2157 HOH A O   1 
HETATM 1578 O O   . HOH C 3 .   ? 13.899  9.497   -6.382  1.00 33.75  ? 2158 HOH A O   1 
HETATM 1579 O O   . HOH C 3 .   ? 17.170  4.282   -1.350  1.00 39.41  ? 2159 HOH A O   1 
HETATM 1580 O O   . HOH C 3 .   ? 13.883  10.959  -2.174  1.00 41.15  ? 2160 HOH A O   1 
HETATM 1581 O O   . HOH C 3 .   ? 8.834   17.414  2.166   1.00 44.21  ? 2161 HOH A O   1 
HETATM 1582 O O   . HOH C 3 .   ? 11.794  13.411  2.001   1.00 29.19  ? 2162 HOH A O   1 
HETATM 1583 O O   . HOH C 3 .   ? 15.253  6.305   -0.801  1.00 24.37  ? 2163 HOH A O   1 
HETATM 1584 O O   . HOH C 3 .   ? 10.176  15.230  3.721   1.00 23.10  ? 2164 HOH A O   1 
HETATM 1585 O O   . HOH C 3 .   ? 8.858   14.116  8.209   1.00 18.39  ? 2165 HOH A O   1 
HETATM 1586 O O   . HOH C 3 .   ? 12.024  15.528  6.046   1.00 25.40  ? 2166 HOH A O   1 
HETATM 1587 O O   . HOH C 3 .   ? 10.352  18.863  10.185  1.00 51.81  ? 2167 HOH A O   1 
HETATM 1588 O O   . HOH C 3 .   ? 15.301  11.010  10.205  1.00 28.33  ? 2168 HOH A O   1 
HETATM 1589 O O   . HOH C 3 .   ? 15.516  7.619   7.620   1.00 31.67  ? 2169 HOH A O   1 
HETATM 1590 O O   . HOH C 3 .   ? 12.644  6.315   14.025  1.00 26.31  ? 2170 HOH A O   1 
HETATM 1591 O O   . HOH C 3 .   ? 13.271  4.457   17.557  1.00 28.68  ? 2171 HOH A O   1 
HETATM 1592 O O   . HOH C 3 .   ? 10.341  1.414   16.091  1.00 29.37  ? 2172 HOH A O   1 
HETATM 1593 O O   . HOH C 3 .   ? 8.611   0.247   13.467  1.00 30.95  ? 2173 HOH A O   1 
HETATM 1594 O O   . HOH C 3 .   ? 2.740   8.598   17.644  1.00 31.33  ? 2174 HOH A O   1 
HETATM 1595 O O   . HOH C 3 .   ? 3.796   10.759  11.401  1.00 23.38  ? 2175 HOH A O   1 
HETATM 1596 O O   . HOH C 3 .   ? 12.300  15.968  16.586  1.00 51.62  ? 2176 HOH A O   1 
HETATM 1597 O O   . HOH C 3 .   ? 9.522   16.765  7.731   1.00 26.74  ? 2177 HOH A O   1 
HETATM 1598 O O   . HOH C 3 .   ? 7.729   21.923  10.013  1.00 60.40  ? 2178 HOH A O   1 
HETATM 1599 O O   . HOH C 3 .   ? 9.077   20.871  6.327   1.00 68.94  ? 2179 HOH A O   1 
HETATM 1600 O O   . HOH C 3 .   ? 2.716   17.511  10.081  1.00 29.57  ? 2180 HOH A O   1 
HETATM 1601 O O   . HOH C 3 .   ? -3.128  13.642  10.782  1.00 42.85  ? 2181 HOH A O   1 
HETATM 1602 O O   . HOH C 3 .   ? 2.809   10.354  8.738   1.00 19.40  ? 2182 HOH A O   1 
HETATM 1603 O O   . HOH C 3 .   ? -10.131 11.305  -2.226  1.00 25.62  ? 2183 HOH A O   1 
HETATM 1604 O O   . HOH C 3 .   ? -12.166 8.393   -5.057  1.00 42.88  ? 2184 HOH A O   1 
HETATM 1605 O O   . HOH C 3 .   ? -12.171 6.888   -7.490  1.00 32.94  ? 2185 HOH A O   1 
HETATM 1606 O O   . HOH C 3 .   ? -7.429  -0.832  -26.522 1.00 53.35  ? 2186 HOH A O   1 
HETATM 1607 O O   . HOH C 3 .   ? -9.081  1.404   -26.132 1.00 57.09  ? 2187 HOH A O   1 
HETATM 1608 O O   . HOH C 3 .   ? -4.520  -1.159  -20.194 1.00 29.22  ? 2188 HOH A O   1 
HETATM 1609 O O   . HOH C 3 .   ? -2.985  -4.472  -21.977 1.00 42.49  ? 2189 HOH A O   1 
HETATM 1610 O O   . HOH C 3 .   ? 3.356   -4.434  -19.305 1.00 26.50  ? 2190 HOH A O   1 
HETATM 1611 O O   . HOH C 3 .   ? 6.868   -4.543  -15.980 1.00 38.77  ? 2191 HOH A O   1 
HETATM 1612 O O   . HOH C 3 .   ? 11.445  -8.566  -17.132 1.00 52.62  ? 2192 HOH A O   1 
HETATM 1613 O O   . HOH C 3 .   ? 11.593  -12.432 -10.175 1.00 44.26  ? 2193 HOH A O   1 
HETATM 1614 O O   . HOH C 3 .   ? 8.817   -11.508 -14.582 1.00 33.73  ? 2194 HOH A O   1 
HETATM 1615 O O   . HOH C 3 .   ? 6.927   -13.572 -14.491 1.00 44.77  ? 2195 HOH A O   1 
HETATM 1616 O O   . HOH C 3 .   ? 0.748   -14.455 -12.431 1.00 53.49  ? 2196 HOH A O   1 
HETATM 1617 O O   . HOH C 3 .   ? 14.435  -6.904  -9.337  1.00 36.29  ? 2197 HOH A O   1 
HETATM 1618 O O   . HOH C 3 .   ? 15.901  -10.185 -9.514  1.00 60.78  ? 2198 HOH A O   1 
HETATM 1619 O O   . HOH C 3 .   ? 13.900  -3.601  -12.054 1.00 37.90  ? 2199 HOH A O   1 
HETATM 1620 O O   . HOH C 3 .   ? 11.055  -0.538  -12.888 1.00 39.14  ? 2200 HOH A O   1 
HETATM 1621 O O   . HOH C 3 .   ? 9.692   2.957   -12.441 1.00 42.65  ? 2201 HOH A O   1 
# 
loop_
_pdbx_poly_seq_scheme.asym_id 
_pdbx_poly_seq_scheme.entity_id 
_pdbx_poly_seq_scheme.seq_id 
_pdbx_poly_seq_scheme.mon_id 
_pdbx_poly_seq_scheme.ndb_seq_num 
_pdbx_poly_seq_scheme.pdb_seq_num 
_pdbx_poly_seq_scheme.auth_seq_num 
_pdbx_poly_seq_scheme.pdb_mon_id 
_pdbx_poly_seq_scheme.auth_mon_id 
_pdbx_poly_seq_scheme.pdb_strand_id 
_pdbx_poly_seq_scheme.pdb_ins_code 
_pdbx_poly_seq_scheme.hetero 
A 1 1   LYS 1   22  22  LYS LYS A . n 
A 1 2   GLY 2   23  23  GLY GLY A . n 
A 1 3   PRO 3   24  24  PRO PRO A . n 
A 1 4   LYS 4   25  25  LYS LYS A . n 
A 1 5   VAL 5   26  26  VAL VAL A . n 
A 1 6   THR 6   27  27  THR THR A . n 
A 1 7   ASP 7   28  28  ASP ASP A . n 
A 1 8   ARG 8   29  29  ARG ARG A . n 
A 1 9   VAL 9   30  30  VAL VAL A . n 
A 1 10  TYR 10  31  31  TYR TYR A . n 
A 1 11  PHE 11  32  32  PHE PHE A . n 
A 1 12  ASP 12  33  33  ASP ASP A . n 
A 1 13  MET 13  34  34  MET MET A . n 
A 1 14  GLU 14  35  35  GLU GLU A . n 
A 1 15  ILE 15  36  36  ILE ILE A . n 
A 1 16  GLY 16  37  37  GLY GLY A . n 
A 1 17  GLY 17  38  38  GLY GLY A . n 
A 1 18  LYS 18  39  39  LYS LYS A . n 
A 1 19  PRO 19  40  40  PRO PRO A . n 
A 1 20  ILE 20  41  41  ILE ILE A . n 
A 1 21  GLY 21  42  42  GLY GLY A . n 
A 1 22  ARG 22  43  43  ARG ARG A . n 
A 1 23  ILE 23  44  44  ILE ILE A . n 
A 1 24  VAL 24  45  45  VAL VAL A . n 
A 1 25  ILE 25  46  46  ILE ILE A . n 
A 1 26  GLY 26  47  47  GLY GLY A . n 
A 1 27  LEU 27  48  48  LEU LEU A . n 
A 1 28  PHE 28  49  49  PHE PHE A . n 
A 1 29  GLY 29  50  50  GLY GLY A . n 
A 1 30  LYS 30  51  51  LYS LYS A . n 
A 1 31  THR 31  52  52  THR THR A . n 
A 1 32  VAL 32  53  53  VAL VAL A . n 
A 1 33  PRO 33  54  54  PRO PRO A . n 
A 1 34  LYS 34  55  55  LYS LYS A . n 
A 1 35  THR 35  56  56  THR THR A . n 
A 1 36  ALA 36  57  57  ALA ALA A . n 
A 1 37  THR 37  58  58  THR THR A . n 
A 1 38  ASN 38  59  59  ASN ASN A . n 
A 1 39  PHE 39  60  60  PHE PHE A . n 
A 1 40  ILE 40  61  61  ILE ILE A . n 
A 1 41  GLU 41  62  62  GLU GLU A . n 
A 1 42  LEU 42  63  63  LEU LEU A . n 
A 1 43  ALA 43  64  64  ALA ALA A . n 
A 1 44  LYS 44  65  65  LYS LYS A . n 
A 1 45  LYS 45  66  66  LYS LYS A . n 
A 1 46  PRO 46  67  67  PRO PRO A . n 
A 1 47  LYS 47  68  68  LYS LYS A . n 
A 1 48  GLY 48  69  69  GLY GLY A . n 
A 1 49  GLU 49  70  70  GLU GLU A . n 
A 1 50  GLY 50  71  71  GLY GLY A . n 
A 1 51  TYR 51  72  72  TYR TYR A . n 
A 1 52  PRO 52  73  73  PRO PRO A . n 
A 1 53  GLY 53  74  74  GLY GLY A . n 
A 1 54  SER 54  75  75  SER SER A . n 
A 1 55  LYS 55  76  76  LYS LYS A . n 
A 1 56  PHE 56  77  77  PHE PHE A . n 
A 1 57  HIS 57  78  78  HIS HIS A . n 
A 1 58  ARG 58  79  79  ARG ARG A . n 
A 1 59  VAL 59  80  80  VAL VAL A . n 
A 1 60  ILE 60  81  81  ILE ILE A . n 
A 1 61  ALA 61  82  82  ALA ALA A . n 
A 1 62  ASP 62  83  83  ASP ASP A . n 
A 1 63  PHE 63  84  84  PHE PHE A . n 
A 1 64  MET 64  85  85  MET MET A . n 
A 1 65  ILE 65  86  86  ILE ILE A . n 
A 1 66  GLN 66  87  87  GLN GLN A . n 
A 1 67  GLY 67  88  88  GLY GLY A . n 
A 1 68  GLY 68  89  89  GLY GLY A . n 
A 1 69  ASP 69  90  90  ASP ASP A . n 
A 1 70  PHE 70  91  91  PHE PHE A . n 
A 1 71  THR 71  92  92  THR THR A . n 
A 1 72  ARG 72  93  93  ARG ARG A . n 
A 1 73  GLY 73  94  94  GLY GLY A . n 
A 1 74  ASP 74  95  95  ASP ASP A . n 
A 1 75  GLY 75  96  96  GLY GLY A . n 
A 1 76  THR 76  97  97  THR THR A . n 
A 1 77  GLY 77  98  98  GLY GLY A . n 
A 1 78  GLY 78  99  99  GLY GLY A . n 
A 1 79  ARG 79  100 100 ARG ARG A . n 
A 1 80  SER 80  101 101 SER SER A . n 
A 1 81  ILE 81  102 102 ILE ILE A . n 
A 1 82  TYR 82  103 103 TYR TYR A . n 
A 1 83  GLY 83  104 104 GLY GLY A . n 
A 1 84  GLU 84  105 105 GLU GLU A . n 
A 1 85  LYS 85  106 106 LYS LYS A . n 
A 1 86  PHE 86  107 107 PHE PHE A . n 
A 1 87  ALA 87  108 108 ALA ALA A . n 
A 1 88  ASP 88  109 109 ASP ASP A . n 
A 1 89  GLU 89  110 110 GLU GLU A . n 
A 1 90  ASN 90  111 111 ASN ASN A . n 
A 1 91  PHE 91  112 112 PHE PHE A . n 
A 1 92  LYS 92  113 113 LYS LYS A . n 
A 1 93  LEU 93  114 114 LEU LEU A . n 
A 1 94  LYS 94  115 115 LYS LYS A . n 
A 1 95  HIS 95  116 116 HIS HIS A . n 
A 1 96  TYR 96  117 117 TYR TYR A . n 
A 1 97  GLY 97  118 118 GLY GLY A . n 
A 1 98  ALA 98  119 119 ALA ALA A . n 
A 1 99  GLY 99  120 120 GLY GLY A . n 
A 1 100 TRP 100 121 121 TRP TRP A . n 
A 1 101 LEU 101 122 122 LEU LEU A . n 
A 1 102 SER 102 123 123 SER SER A . n 
A 1 103 MET 103 124 124 MET MET A . n 
A 1 104 ALA 104 125 125 ALA ALA A . n 
A 1 105 ASN 105 126 126 ASN ASN A . n 
A 1 106 ALA 106 127 127 ALA ALA A . n 
A 1 107 GLY 107 128 128 GLY GLY A . n 
A 1 108 ALA 108 129 129 ALA ALA A . n 
A 1 109 ASP 109 130 130 ASP ASP A . n 
A 1 110 THR 110 131 131 THR THR A . n 
A 1 111 ASN 111 132 132 ASN ASN A . n 
A 1 112 GLY 112 133 133 GLY GLY A . n 
A 1 113 SER 113 134 134 SER SER A . n 
A 1 114 GLN 114 135 135 GLN GLN A . n 
A 1 115 PHE 115 136 136 PHE PHE A . n 
A 1 116 PHE 116 137 137 PHE PHE A . n 
A 1 117 ILE 117 138 138 ILE ILE A . n 
A 1 118 THR 118 139 139 THR THR A . n 
A 1 119 THR 119 140 140 THR THR A . n 
A 1 120 VAL 120 141 141 VAL VAL A . n 
A 1 121 LYS 121 142 142 LYS LYS A . n 
A 1 122 THR 122 143 143 THR THR A . n 
A 1 123 PRO 123 144 144 PRO PRO A . n 
A 1 124 TRP 124 145 145 TRP TRP A . n 
A 1 125 LEU 125 146 146 LEU LEU A . n 
A 1 126 ASP 126 147 147 ASP ASP A . n 
A 1 127 GLY 127 148 148 GLY GLY A . n 
A 1 128 ARG 128 149 149 ARG ARG A . n 
A 1 129 HIS 129 150 150 HIS HIS A . n 
A 1 130 VAL 130 151 151 VAL VAL A . n 
A 1 131 VAL 131 152 152 VAL VAL A . n 
A 1 132 PHE 132 153 153 PHE PHE A . n 
A 1 133 GLY 133 154 154 GLY GLY A . n 
A 1 134 LYS 134 155 155 LYS LYS A . n 
A 1 135 ILE 135 156 156 ILE ILE A . n 
A 1 136 LEU 136 157 157 LEU LEU A . n 
A 1 137 GLU 137 158 158 GLU GLU A . n 
A 1 138 GLY 138 159 159 GLY GLY A . n 
A 1 139 MET 139 160 160 MET MET A . n 
A 1 140 ASP 140 161 161 ASP ASP A . n 
A 1 141 VAL 141 162 162 VAL VAL A . n 
A 1 142 VAL 142 163 163 VAL VAL A . n 
A 1 143 ARG 143 164 164 ARG ARG A . n 
A 1 144 LYS 144 165 165 LYS LYS A . n 
A 1 145 ILE 145 166 166 ILE ILE A . n 
A 1 146 GLU 146 167 167 GLU GLU A . n 
A 1 147 GLN 147 168 168 GLN GLN A . n 
A 1 148 THR 148 169 169 THR THR A . n 
A 1 149 GLU 149 170 170 GLU GLU A . n 
A 1 150 LYS 150 171 171 LYS LYS A . n 
A 1 151 LEU 151 172 172 LEU LEU A . n 
A 1 152 PRO 152 173 173 PRO PRO A . n 
A 1 153 GLY 153 174 174 GLY GLY A . n 
A 1 154 ASP 154 175 175 ASP ASP A . n 
A 1 155 ARG 155 176 176 ARG ARG A . n 
A 1 156 PRO 156 177 177 PRO PRO A . n 
A 1 157 LYS 157 178 178 LYS LYS A . n 
A 1 158 GLN 158 179 179 GLN GLN A . n 
A 1 159 ASP 159 180 180 ASP ASP A . n 
A 1 160 VAL 160 181 181 VAL VAL A . n 
A 1 161 ILE 161 182 182 ILE ILE A . n 
A 1 162 ILE 162 183 183 ILE ILE A . n 
A 1 163 ALA 163 184 184 ALA ALA A . n 
A 1 164 ALA 164 185 185 ALA ALA A . n 
A 1 165 SER 165 186 186 SER SER A . n 
A 1 166 GLY 166 187 187 GLY GLY A . n 
A 1 167 HIS 167 188 188 HIS HIS A . n 
A 1 168 ILE 168 189 189 ILE ILE A . n 
A 1 169 ALA 169 190 190 ALA ALA A . n 
A 1 170 VAL 170 191 191 VAL VAL A . n 
A 1 171 ASP 171 192 192 ASP ASP A . n 
A 1 172 THR 172 193 193 THR THR A . n 
A 1 173 PRO 173 194 194 PRO PRO A . n 
A 1 174 PHE 174 195 195 PHE PHE A . n 
A 1 175 SER 175 196 196 SER SER A . n 
A 1 176 VAL 176 197 197 VAL VAL A . n 
A 1 177 GLU 177 198 198 GLU GLU A . n 
A 1 178 ARG 178 199 199 ARG ARG A . n 
A 1 179 GLU 179 200 200 GLU GLU A . n 
A 1 180 ALA 180 201 201 ALA ALA A . n 
A 1 181 VAL 181 202 202 VAL VAL A . n 
A 1 182 VAL 182 203 203 VAL VAL A . n 
# 
loop_
_pdbx_nonpoly_scheme.asym_id 
_pdbx_nonpoly_scheme.entity_id 
_pdbx_nonpoly_scheme.mon_id 
_pdbx_nonpoly_scheme.ndb_seq_num 
_pdbx_nonpoly_scheme.pdb_seq_num 
_pdbx_nonpoly_scheme.auth_seq_num 
_pdbx_nonpoly_scheme.pdb_mon_id 
_pdbx_nonpoly_scheme.auth_mon_id 
_pdbx_nonpoly_scheme.pdb_strand_id 
_pdbx_nonpoly_scheme.pdb_ins_code 
B 2 DTT 1   1204 1204 DTT DTT A . 
C 3 HOH 1   2001 2001 HOH HOH A . 
C 3 HOH 2   2002 2002 HOH HOH A . 
C 3 HOH 3   2003 2003 HOH HOH A . 
C 3 HOH 4   2004 2004 HOH HOH A . 
C 3 HOH 5   2005 2005 HOH HOH A . 
C 3 HOH 6   2006 2006 HOH HOH A . 
C 3 HOH 7   2007 2007 HOH HOH A . 
C 3 HOH 8   2008 2008 HOH HOH A . 
C 3 HOH 9   2009 2009 HOH HOH A . 
C 3 HOH 10  2010 2010 HOH HOH A . 
C 3 HOH 11  2011 2011 HOH HOH A . 
C 3 HOH 12  2012 2012 HOH HOH A . 
C 3 HOH 13  2013 2013 HOH HOH A . 
C 3 HOH 14  2014 2014 HOH HOH A . 
C 3 HOH 15  2015 2015 HOH HOH A . 
C 3 HOH 16  2016 2016 HOH HOH A . 
C 3 HOH 17  2017 2017 HOH HOH A . 
C 3 HOH 18  2018 2018 HOH HOH A . 
C 3 HOH 19  2019 2019 HOH HOH A . 
C 3 HOH 20  2020 2020 HOH HOH A . 
C 3 HOH 21  2021 2021 HOH HOH A . 
C 3 HOH 22  2022 2022 HOH HOH A . 
C 3 HOH 23  2023 2023 HOH HOH A . 
C 3 HOH 24  2024 2024 HOH HOH A . 
C 3 HOH 25  2025 2025 HOH HOH A . 
C 3 HOH 26  2026 2026 HOH HOH A . 
C 3 HOH 27  2027 2027 HOH HOH A . 
C 3 HOH 28  2028 2028 HOH HOH A . 
C 3 HOH 29  2029 2029 HOH HOH A . 
C 3 HOH 30  2030 2030 HOH HOH A . 
C 3 HOH 31  2031 2031 HOH HOH A . 
C 3 HOH 32  2032 2032 HOH HOH A . 
C 3 HOH 33  2033 2033 HOH HOH A . 
C 3 HOH 34  2034 2034 HOH HOH A . 
C 3 HOH 35  2035 2035 HOH HOH A . 
C 3 HOH 36  2036 2036 HOH HOH A . 
C 3 HOH 37  2037 2037 HOH HOH A . 
C 3 HOH 38  2038 2038 HOH HOH A . 
C 3 HOH 39  2039 2039 HOH HOH A . 
C 3 HOH 40  2040 2040 HOH HOH A . 
C 3 HOH 41  2041 2041 HOH HOH A . 
C 3 HOH 42  2042 2042 HOH HOH A . 
C 3 HOH 43  2043 2043 HOH HOH A . 
C 3 HOH 44  2044 2044 HOH HOH A . 
C 3 HOH 45  2045 2045 HOH HOH A . 
C 3 HOH 46  2046 2046 HOH HOH A . 
C 3 HOH 47  2047 2047 HOH HOH A . 
C 3 HOH 48  2048 2048 HOH HOH A . 
C 3 HOH 49  2049 2049 HOH HOH A . 
C 3 HOH 50  2050 2050 HOH HOH A . 
C 3 HOH 51  2051 2051 HOH HOH A . 
C 3 HOH 52  2052 2052 HOH HOH A . 
C 3 HOH 53  2053 2053 HOH HOH A . 
C 3 HOH 54  2054 2054 HOH HOH A . 
C 3 HOH 55  2055 2055 HOH HOH A . 
C 3 HOH 56  2056 2056 HOH HOH A . 
C 3 HOH 57  2057 2057 HOH HOH A . 
C 3 HOH 58  2058 2058 HOH HOH A . 
C 3 HOH 59  2059 2059 HOH HOH A . 
C 3 HOH 60  2060 2060 HOH HOH A . 
C 3 HOH 61  2061 2061 HOH HOH A . 
C 3 HOH 62  2062 2062 HOH HOH A . 
C 3 HOH 63  2063 2063 HOH HOH A . 
C 3 HOH 64  2064 2064 HOH HOH A . 
C 3 HOH 65  2065 2065 HOH HOH A . 
C 3 HOH 66  2066 2066 HOH HOH A . 
C 3 HOH 67  2067 2067 HOH HOH A . 
C 3 HOH 68  2068 2068 HOH HOH A . 
C 3 HOH 69  2069 2069 HOH HOH A . 
C 3 HOH 70  2070 2070 HOH HOH A . 
C 3 HOH 71  2071 2071 HOH HOH A . 
C 3 HOH 72  2072 2072 HOH HOH A . 
C 3 HOH 73  2073 2073 HOH HOH A . 
C 3 HOH 74  2074 2074 HOH HOH A . 
C 3 HOH 75  2075 2075 HOH HOH A . 
C 3 HOH 76  2076 2076 HOH HOH A . 
C 3 HOH 77  2077 2077 HOH HOH A . 
C 3 HOH 78  2078 2078 HOH HOH A . 
C 3 HOH 79  2079 2079 HOH HOH A . 
C 3 HOH 80  2080 2080 HOH HOH A . 
C 3 HOH 81  2081 2081 HOH HOH A . 
C 3 HOH 82  2082 2082 HOH HOH A . 
C 3 HOH 83  2083 2083 HOH HOH A . 
C 3 HOH 84  2084 2084 HOH HOH A . 
C 3 HOH 85  2085 2085 HOH HOH A . 
C 3 HOH 86  2086 2086 HOH HOH A . 
C 3 HOH 87  2087 2087 HOH HOH A . 
C 3 HOH 88  2088 2088 HOH HOH A . 
C 3 HOH 89  2089 2089 HOH HOH A . 
C 3 HOH 90  2090 2090 HOH HOH A . 
C 3 HOH 91  2091 2091 HOH HOH A . 
C 3 HOH 92  2092 2092 HOH HOH A . 
C 3 HOH 93  2093 2093 HOH HOH A . 
C 3 HOH 94  2094 2094 HOH HOH A . 
C 3 HOH 95  2095 2095 HOH HOH A . 
C 3 HOH 96  2096 2096 HOH HOH A . 
C 3 HOH 97  2097 2097 HOH HOH A . 
C 3 HOH 98  2098 2098 HOH HOH A . 
C 3 HOH 99  2099 2099 HOH HOH A . 
C 3 HOH 100 2100 2100 HOH HOH A . 
C 3 HOH 101 2101 2101 HOH HOH A . 
C 3 HOH 102 2102 2102 HOH HOH A . 
C 3 HOH 103 2103 2103 HOH HOH A . 
C 3 HOH 104 2104 2104 HOH HOH A . 
C 3 HOH 105 2105 2105 HOH HOH A . 
C 3 HOH 106 2106 2106 HOH HOH A . 
C 3 HOH 107 2107 2107 HOH HOH A . 
C 3 HOH 108 2108 2108 HOH HOH A . 
C 3 HOH 109 2109 2109 HOH HOH A . 
C 3 HOH 110 2110 2110 HOH HOH A . 
C 3 HOH 111 2111 2111 HOH HOH A . 
C 3 HOH 112 2112 2112 HOH HOH A . 
C 3 HOH 113 2113 2113 HOH HOH A . 
C 3 HOH 114 2114 2114 HOH HOH A . 
C 3 HOH 115 2115 2115 HOH HOH A . 
C 3 HOH 116 2116 2116 HOH HOH A . 
C 3 HOH 117 2117 2117 HOH HOH A . 
C 3 HOH 118 2118 2118 HOH HOH A . 
C 3 HOH 119 2119 2119 HOH HOH A . 
C 3 HOH 120 2120 2120 HOH HOH A . 
C 3 HOH 121 2121 2121 HOH HOH A . 
C 3 HOH 122 2122 2122 HOH HOH A . 
C 3 HOH 123 2123 2123 HOH HOH A . 
C 3 HOH 124 2124 2124 HOH HOH A . 
C 3 HOH 125 2125 2125 HOH HOH A . 
C 3 HOH 126 2126 2126 HOH HOH A . 
C 3 HOH 127 2127 2127 HOH HOH A . 
C 3 HOH 128 2128 2128 HOH HOH A . 
C 3 HOH 129 2129 2129 HOH HOH A . 
C 3 HOH 130 2130 2130 HOH HOH A . 
C 3 HOH 131 2131 2131 HOH HOH A . 
C 3 HOH 132 2132 2132 HOH HOH A . 
C 3 HOH 133 2133 2133 HOH HOH A . 
C 3 HOH 134 2134 2134 HOH HOH A . 
C 3 HOH 135 2135 2135 HOH HOH A . 
C 3 HOH 136 2136 2136 HOH HOH A . 
C 3 HOH 137 2137 2137 HOH HOH A . 
C 3 HOH 138 2138 2138 HOH HOH A . 
C 3 HOH 139 2139 2139 HOH HOH A . 
C 3 HOH 140 2140 2140 HOH HOH A . 
C 3 HOH 141 2141 2141 HOH HOH A . 
C 3 HOH 142 2142 2142 HOH HOH A . 
C 3 HOH 143 2143 2143 HOH HOH A . 
C 3 HOH 144 2144 2144 HOH HOH A . 
C 3 HOH 145 2145 2145 HOH HOH A . 
C 3 HOH 146 2146 2146 HOH HOH A . 
C 3 HOH 147 2147 2147 HOH HOH A . 
C 3 HOH 148 2148 2148 HOH HOH A . 
C 3 HOH 149 2149 2149 HOH HOH A . 
C 3 HOH 150 2150 2150 HOH HOH A . 
C 3 HOH 151 2151 2151 HOH HOH A . 
C 3 HOH 152 2152 2152 HOH HOH A . 
C 3 HOH 153 2153 2153 HOH HOH A . 
C 3 HOH 154 2154 2154 HOH HOH A . 
C 3 HOH 155 2155 2155 HOH HOH A . 
C 3 HOH 156 2156 2156 HOH HOH A . 
C 3 HOH 157 2157 2157 HOH HOH A . 
C 3 HOH 158 2158 2158 HOH HOH A . 
C 3 HOH 159 2159 2159 HOH HOH A . 
C 3 HOH 160 2160 2160 HOH HOH A . 
C 3 HOH 161 2161 2161 HOH HOH A . 
C 3 HOH 162 2162 2162 HOH HOH A . 
C 3 HOH 163 2163 2163 HOH HOH A . 
C 3 HOH 164 2164 2164 HOH HOH A . 
C 3 HOH 165 2165 2165 HOH HOH A . 
C 3 HOH 166 2166 2166 HOH HOH A . 
C 3 HOH 167 2167 2167 HOH HOH A . 
C 3 HOH 168 2168 2168 HOH HOH A . 
C 3 HOH 169 2169 2169 HOH HOH A . 
C 3 HOH 170 2170 2170 HOH HOH A . 
C 3 HOH 171 2171 2171 HOH HOH A . 
C 3 HOH 172 2172 2172 HOH HOH A . 
C 3 HOH 173 2173 2173 HOH HOH A . 
C 3 HOH 174 2174 2174 HOH HOH A . 
C 3 HOH 175 2175 2175 HOH HOH A . 
C 3 HOH 176 2176 2176 HOH HOH A . 
C 3 HOH 177 2177 2177 HOH HOH A . 
C 3 HOH 178 2178 2178 HOH HOH A . 
C 3 HOH 179 2179 2179 HOH HOH A . 
C 3 HOH 180 2180 2180 HOH HOH A . 
C 3 HOH 181 2181 2181 HOH HOH A . 
C 3 HOH 182 2182 2182 HOH HOH A . 
C 3 HOH 183 2183 2183 HOH HOH A . 
C 3 HOH 184 2184 2184 HOH HOH A . 
C 3 HOH 185 2185 2185 HOH HOH A . 
C 3 HOH 186 2186 2186 HOH HOH A . 
C 3 HOH 187 2187 2187 HOH HOH A . 
C 3 HOH 188 2188 2188 HOH HOH A . 
C 3 HOH 189 2189 2189 HOH HOH A . 
C 3 HOH 190 2190 2190 HOH HOH A . 
C 3 HOH 191 2191 2191 HOH HOH A . 
C 3 HOH 192 2192 2192 HOH HOH A . 
C 3 HOH 193 2193 2193 HOH HOH A . 
C 3 HOH 194 2194 2194 HOH HOH A . 
C 3 HOH 195 2195 2195 HOH HOH A . 
C 3 HOH 196 2196 2196 HOH HOH A . 
C 3 HOH 197 2197 2197 HOH HOH A . 
C 3 HOH 198 2198 2198 HOH HOH A . 
C 3 HOH 199 2199 2199 HOH HOH A . 
C 3 HOH 200 2200 2200 HOH HOH A . 
C 3 HOH 201 2201 2201 HOH HOH A . 
# 
_pdbx_struct_assembly.id                   1 
_pdbx_struct_assembly.details              author_and_software_defined_assembly 
_pdbx_struct_assembly.method_details       PQS 
_pdbx_struct_assembly.oligomeric_details   monomeric 
_pdbx_struct_assembly.oligomeric_count     1 
# 
_pdbx_struct_assembly_gen.assembly_id       1 
_pdbx_struct_assembly_gen.oper_expression   1 
_pdbx_struct_assembly_gen.asym_id_list      A,B,C 
# 
_pdbx_struct_oper_list.id                   1 
_pdbx_struct_oper_list.type                 'identity operation' 
_pdbx_struct_oper_list.name                 1_555 
_pdbx_struct_oper_list.symmetry_operation   x,y,z 
_pdbx_struct_oper_list.matrix[1][1]         1.0000000000 
_pdbx_struct_oper_list.matrix[1][2]         0.0000000000 
_pdbx_struct_oper_list.matrix[1][3]         0.0000000000 
_pdbx_struct_oper_list.vector[1]            0.0000000000 
_pdbx_struct_oper_list.matrix[2][1]         0.0000000000 
_pdbx_struct_oper_list.matrix[2][2]         1.0000000000 
_pdbx_struct_oper_list.matrix[2][3]         0.0000000000 
_pdbx_struct_oper_list.vector[2]            0.0000000000 
_pdbx_struct_oper_list.matrix[3][1]         0.0000000000 
_pdbx_struct_oper_list.matrix[3][2]         0.0000000000 
_pdbx_struct_oper_list.matrix[3][3]         1.0000000000 
_pdbx_struct_oper_list.vector[3]            0.0000000000 
# 
loop_
_pdbx_audit_revision_history.ordinal 
_pdbx_audit_revision_history.data_content_type 
_pdbx_audit_revision_history.major_revision 
_pdbx_audit_revision_history.minor_revision 
_pdbx_audit_revision_history.revision_date 
1 'Structure model' 1 0 2002-09-12 
2 'Structure model' 1 1 2011-05-08 
3 'Structure model' 1 2 2011-07-13 
4 'Structure model' 1 3 2019-05-22 
5 'Structure model' 1 4 2023-12-13 
# 
_pdbx_audit_revision_details.ordinal             1 
_pdbx_audit_revision_details.revision_ordinal    1 
_pdbx_audit_revision_details.data_content_type   'Structure model' 
_pdbx_audit_revision_details.provider            repository 
_pdbx_audit_revision_details.type                'Initial release' 
_pdbx_audit_revision_details.description         ? 
_pdbx_audit_revision_details.details             ? 
# 
loop_
_pdbx_audit_revision_group.ordinal 
_pdbx_audit_revision_group.revision_ordinal 
_pdbx_audit_revision_group.data_content_type 
_pdbx_audit_revision_group.group 
1 2 'Structure model' 'Version format compliance' 
2 3 'Structure model' 'Version format compliance' 
3 4 'Structure model' 'Data collection'           
4 4 'Structure model' Other                       
5 4 'Structure model' 'Refinement description'    
6 5 'Structure model' 'Data collection'           
7 5 'Structure model' 'Database references'       
8 5 'Structure model' Other                       
9 5 'Structure model' 'Refinement description'    
# 
loop_
_pdbx_audit_revision_category.ordinal 
_pdbx_audit_revision_category.revision_ordinal 
_pdbx_audit_revision_category.data_content_type 
_pdbx_audit_revision_category.category 
1 4 'Structure model' pdbx_database_proc            
2 4 'Structure model' pdbx_database_status          
3 4 'Structure model' refine                        
4 5 'Structure model' chem_comp_atom                
5 5 'Structure model' chem_comp_bond                
6 5 'Structure model' database_2                    
7 5 'Structure model' pdbx_database_status          
8 5 'Structure model' pdbx_initial_refinement_model 
# 
loop_
_pdbx_audit_revision_item.ordinal 
_pdbx_audit_revision_item.revision_ordinal 
_pdbx_audit_revision_item.data_content_type 
_pdbx_audit_revision_item.item 
1 4 'Structure model' '_pdbx_database_status.recvd_author_approval' 
2 4 'Structure model' '_refine.pdbx_ls_cross_valid_method'          
3 5 'Structure model' '_database_2.pdbx_DOI'                        
4 5 'Structure model' '_database_2.pdbx_database_accession'         
5 5 'Structure model' '_pdbx_database_status.status_code_sf'        
# 
loop_
_software.name 
_software.classification 
_software.version 
_software.citation_id 
_software.pdbx_ordinal 
SHELXL-97 refinement       . ? 1 
DENZO     'data reduction' . ? 2 
SCALEPACK 'data scaling'   . ? 3 
MOLREP    phasing          . ? 4 
# 
loop_
_pdbx_validate_rmsd_angle.id 
_pdbx_validate_rmsd_angle.PDB_model_num 
_pdbx_validate_rmsd_angle.auth_atom_id_1 
_pdbx_validate_rmsd_angle.auth_asym_id_1 
_pdbx_validate_rmsd_angle.auth_comp_id_1 
_pdbx_validate_rmsd_angle.auth_seq_id_1 
_pdbx_validate_rmsd_angle.PDB_ins_code_1 
_pdbx_validate_rmsd_angle.label_alt_id_1 
_pdbx_validate_rmsd_angle.auth_atom_id_2 
_pdbx_validate_rmsd_angle.auth_asym_id_2 
_pdbx_validate_rmsd_angle.auth_comp_id_2 
_pdbx_validate_rmsd_angle.auth_seq_id_2 
_pdbx_validate_rmsd_angle.PDB_ins_code_2 
_pdbx_validate_rmsd_angle.label_alt_id_2 
_pdbx_validate_rmsd_angle.auth_atom_id_3 
_pdbx_validate_rmsd_angle.auth_asym_id_3 
_pdbx_validate_rmsd_angle.auth_comp_id_3 
_pdbx_validate_rmsd_angle.auth_seq_id_3 
_pdbx_validate_rmsd_angle.PDB_ins_code_3 
_pdbx_validate_rmsd_angle.label_alt_id_3 
_pdbx_validate_rmsd_angle.angle_value 
_pdbx_validate_rmsd_angle.angle_target_value 
_pdbx_validate_rmsd_angle.angle_deviation 
_pdbx_validate_rmsd_angle.angle_standard_deviation 
_pdbx_validate_rmsd_angle.linker_flag 
1 1 NE A ARG 29  ? ? CZ A ARG 29  ? ? NH1 A ARG 29  ? ? 115.85 120.30 -4.45 0.50 N 
2 1 CB A TYR 31  ? ? CG A TYR 31  ? ? CD1 A TYR 31  ? ? 124.92 121.00 3.92  0.60 N 
3 1 NE A ARG 164 ? B CZ A ARG 164 ? B NH2 A ARG 164 ? B 116.88 120.30 -3.42 0.50 N 
# 
loop_
_pdbx_validate_torsion.id 
_pdbx_validate_torsion.PDB_model_num 
_pdbx_validate_torsion.auth_comp_id 
_pdbx_validate_torsion.auth_asym_id 
_pdbx_validate_torsion.auth_seq_id 
_pdbx_validate_torsion.PDB_ins_code 
_pdbx_validate_torsion.label_alt_id 
_pdbx_validate_torsion.phi 
_pdbx_validate_torsion.psi 
1 1 PHE A 84  ? ? -149.76 -76.77 
2 1 ASP A 192 ? ? -23.21  -74.05 
# 
loop_
_chem_comp_atom.comp_id 
_chem_comp_atom.atom_id 
_chem_comp_atom.type_symbol 
_chem_comp_atom.pdbx_aromatic_flag 
_chem_comp_atom.pdbx_stereo_config 
_chem_comp_atom.pdbx_ordinal 
ALA N    N N N 1   
ALA CA   C N S 2   
ALA C    C N N 3   
ALA O    O N N 4   
ALA CB   C N N 5   
ALA OXT  O N N 6   
ALA H    H N N 7   
ALA H2   H N N 8   
ALA HA   H N N 9   
ALA HB1  H N N 10  
ALA HB2  H N N 11  
ALA HB3  H N N 12  
ALA HXT  H N N 13  
ARG N    N N N 14  
ARG CA   C N S 15  
ARG C    C N N 16  
ARG O    O N N 17  
ARG CB   C N N 18  
ARG CG   C N N 19  
ARG CD   C N N 20  
ARG NE   N N N 21  
ARG CZ   C N N 22  
ARG NH1  N N N 23  
ARG NH2  N N N 24  
ARG OXT  O N N 25  
ARG H    H N N 26  
ARG H2   H N N 27  
ARG HA   H N N 28  
ARG HB2  H N N 29  
ARG HB3  H N N 30  
ARG HG2  H N N 31  
ARG HG3  H N N 32  
ARG HD2  H N N 33  
ARG HD3  H N N 34  
ARG HE   H N N 35  
ARG HH11 H N N 36  
ARG HH12 H N N 37  
ARG HH21 H N N 38  
ARG HH22 H N N 39  
ARG HXT  H N N 40  
ASN N    N N N 41  
ASN CA   C N S 42  
ASN C    C N N 43  
ASN O    O N N 44  
ASN CB   C N N 45  
ASN CG   C N N 46  
ASN OD1  O N N 47  
ASN ND2  N N N 48  
ASN OXT  O N N 49  
ASN H    H N N 50  
ASN H2   H N N 51  
ASN HA   H N N 52  
ASN HB2  H N N 53  
ASN HB3  H N N 54  
ASN HD21 H N N 55  
ASN HD22 H N N 56  
ASN HXT  H N N 57  
ASP N    N N N 58  
ASP CA   C N S 59  
ASP C    C N N 60  
ASP O    O N N 61  
ASP CB   C N N 62  
ASP CG   C N N 63  
ASP OD1  O N N 64  
ASP OD2  O N N 65  
ASP OXT  O N N 66  
ASP H    H N N 67  
ASP H2   H N N 68  
ASP HA   H N N 69  
ASP HB2  H N N 70  
ASP HB3  H N N 71  
ASP HD2  H N N 72  
ASP HXT  H N N 73  
DTT S1   S N N 74  
DTT C1   C N N 75  
DTT C2   C N R 76  
DTT O2   O N N 77  
DTT C3   C N R 78  
DTT O3   O N N 79  
DTT C4   C N N 80  
DTT S4   S N N 81  
DTT HS1  H N N 82  
DTT H11  H N N 83  
DTT H12  H N N 84  
DTT H2   H N N 85  
DTT HO2  H N N 86  
DTT H3   H N N 87  
DTT HO3  H N N 88  
DTT H41  H N N 89  
DTT H42  H N N 90  
DTT HS2  H N N 91  
GLN N    N N N 92  
GLN CA   C N S 93  
GLN C    C N N 94  
GLN O    O N N 95  
GLN CB   C N N 96  
GLN CG   C N N 97  
GLN CD   C N N 98  
GLN OE1  O N N 99  
GLN NE2  N N N 100 
GLN OXT  O N N 101 
GLN H    H N N 102 
GLN H2   H N N 103 
GLN HA   H N N 104 
GLN HB2  H N N 105 
GLN HB3  H N N 106 
GLN HG2  H N N 107 
GLN HG3  H N N 108 
GLN HE21 H N N 109 
GLN HE22 H N N 110 
GLN HXT  H N N 111 
GLU N    N N N 112 
GLU CA   C N S 113 
GLU C    C N N 114 
GLU O    O N N 115 
GLU CB   C N N 116 
GLU CG   C N N 117 
GLU CD   C N N 118 
GLU OE1  O N N 119 
GLU OE2  O N N 120 
GLU OXT  O N N 121 
GLU H    H N N 122 
GLU H2   H N N 123 
GLU HA   H N N 124 
GLU HB2  H N N 125 
GLU HB3  H N N 126 
GLU HG2  H N N 127 
GLU HG3  H N N 128 
GLU HE2  H N N 129 
GLU HXT  H N N 130 
GLY N    N N N 131 
GLY CA   C N N 132 
GLY C    C N N 133 
GLY O    O N N 134 
GLY OXT  O N N 135 
GLY H    H N N 136 
GLY H2   H N N 137 
GLY HA2  H N N 138 
GLY HA3  H N N 139 
GLY HXT  H N N 140 
HIS N    N N N 141 
HIS CA   C N S 142 
HIS C    C N N 143 
HIS O    O N N 144 
HIS CB   C N N 145 
HIS CG   C Y N 146 
HIS ND1  N Y N 147 
HIS CD2  C Y N 148 
HIS CE1  C Y N 149 
HIS NE2  N Y N 150 
HIS OXT  O N N 151 
HIS H    H N N 152 
HIS H2   H N N 153 
HIS HA   H N N 154 
HIS HB2  H N N 155 
HIS HB3  H N N 156 
HIS HD1  H N N 157 
HIS HD2  H N N 158 
HIS HE1  H N N 159 
HIS HE2  H N N 160 
HIS HXT  H N N 161 
HOH O    O N N 162 
HOH H1   H N N 163 
HOH H2   H N N 164 
ILE N    N N N 165 
ILE CA   C N S 166 
ILE C    C N N 167 
ILE O    O N N 168 
ILE CB   C N S 169 
ILE CG1  C N N 170 
ILE CG2  C N N 171 
ILE CD1  C N N 172 
ILE OXT  O N N 173 
ILE H    H N N 174 
ILE H2   H N N 175 
ILE HA   H N N 176 
ILE HB   H N N 177 
ILE HG12 H N N 178 
ILE HG13 H N N 179 
ILE HG21 H N N 180 
ILE HG22 H N N 181 
ILE HG23 H N N 182 
ILE HD11 H N N 183 
ILE HD12 H N N 184 
ILE HD13 H N N 185 
ILE HXT  H N N 186 
LEU N    N N N 187 
LEU CA   C N S 188 
LEU C    C N N 189 
LEU O    O N N 190 
LEU CB   C N N 191 
LEU CG   C N N 192 
LEU CD1  C N N 193 
LEU CD2  C N N 194 
LEU OXT  O N N 195 
LEU H    H N N 196 
LEU H2   H N N 197 
LEU HA   H N N 198 
LEU HB2  H N N 199 
LEU HB3  H N N 200 
LEU HG   H N N 201 
LEU HD11 H N N 202 
LEU HD12 H N N 203 
LEU HD13 H N N 204 
LEU HD21 H N N 205 
LEU HD22 H N N 206 
LEU HD23 H N N 207 
LEU HXT  H N N 208 
LYS N    N N N 209 
LYS CA   C N S 210 
LYS C    C N N 211 
LYS O    O N N 212 
LYS CB   C N N 213 
LYS CG   C N N 214 
LYS CD   C N N 215 
LYS CE   C N N 216 
LYS NZ   N N N 217 
LYS OXT  O N N 218 
LYS H    H N N 219 
LYS H2   H N N 220 
LYS HA   H N N 221 
LYS HB2  H N N 222 
LYS HB3  H N N 223 
LYS HG2  H N N 224 
LYS HG3  H N N 225 
LYS HD2  H N N 226 
LYS HD3  H N N 227 
LYS HE2  H N N 228 
LYS HE3  H N N 229 
LYS HZ1  H N N 230 
LYS HZ2  H N N 231 
LYS HZ3  H N N 232 
LYS HXT  H N N 233 
MET N    N N N 234 
MET CA   C N S 235 
MET C    C N N 236 
MET O    O N N 237 
MET CB   C N N 238 
MET CG   C N N 239 
MET SD   S N N 240 
MET CE   C N N 241 
MET OXT  O N N 242 
MET H    H N N 243 
MET H2   H N N 244 
MET HA   H N N 245 
MET HB2  H N N 246 
MET HB3  H N N 247 
MET HG2  H N N 248 
MET HG3  H N N 249 
MET HE1  H N N 250 
MET HE2  H N N 251 
MET HE3  H N N 252 
MET HXT  H N N 253 
PHE N    N N N 254 
PHE CA   C N S 255 
PHE C    C N N 256 
PHE O    O N N 257 
PHE CB   C N N 258 
PHE CG   C Y N 259 
PHE CD1  C Y N 260 
PHE CD2  C Y N 261 
PHE CE1  C Y N 262 
PHE CE2  C Y N 263 
PHE CZ   C Y N 264 
PHE OXT  O N N 265 
PHE H    H N N 266 
PHE H2   H N N 267 
PHE HA   H N N 268 
PHE HB2  H N N 269 
PHE HB3  H N N 270 
PHE HD1  H N N 271 
PHE HD2  H N N 272 
PHE HE1  H N N 273 
PHE HE2  H N N 274 
PHE HZ   H N N 275 
PHE HXT  H N N 276 
PRO N    N N N 277 
PRO CA   C N S 278 
PRO C    C N N 279 
PRO O    O N N 280 
PRO CB   C N N 281 
PRO CG   C N N 282 
PRO CD   C N N 283 
PRO OXT  O N N 284 
PRO H    H N N 285 
PRO HA   H N N 286 
PRO HB2  H N N 287 
PRO HB3  H N N 288 
PRO HG2  H N N 289 
PRO HG3  H N N 290 
PRO HD2  H N N 291 
PRO HD3  H N N 292 
PRO HXT  H N N 293 
SER N    N N N 294 
SER CA   C N S 295 
SER C    C N N 296 
SER O    O N N 297 
SER CB   C N N 298 
SER OG   O N N 299 
SER OXT  O N N 300 
SER H    H N N 301 
SER H2   H N N 302 
SER HA   H N N 303 
SER HB2  H N N 304 
SER HB3  H N N 305 
SER HG   H N N 306 
SER HXT  H N N 307 
THR N    N N N 308 
THR CA   C N S 309 
THR C    C N N 310 
THR O    O N N 311 
THR CB   C N R 312 
THR OG1  O N N 313 
THR CG2  C N N 314 
THR OXT  O N N 315 
THR H    H N N 316 
THR H2   H N N 317 
THR HA   H N N 318 
THR HB   H N N 319 
THR HG1  H N N 320 
THR HG21 H N N 321 
THR HG22 H N N 322 
THR HG23 H N N 323 
THR HXT  H N N 324 
TRP N    N N N 325 
TRP CA   C N S 326 
TRP C    C N N 327 
TRP O    O N N 328 
TRP CB   C N N 329 
TRP CG   C Y N 330 
TRP CD1  C Y N 331 
TRP CD2  C Y N 332 
TRP NE1  N Y N 333 
TRP CE2  C Y N 334 
TRP CE3  C Y N 335 
TRP CZ2  C Y N 336 
TRP CZ3  C Y N 337 
TRP CH2  C Y N 338 
TRP OXT  O N N 339 
TRP H    H N N 340 
TRP H2   H N N 341 
TRP HA   H N N 342 
TRP HB2  H N N 343 
TRP HB3  H N N 344 
TRP HD1  H N N 345 
TRP HE1  H N N 346 
TRP HE3  H N N 347 
TRP HZ2  H N N 348 
TRP HZ3  H N N 349 
TRP HH2  H N N 350 
TRP HXT  H N N 351 
TYR N    N N N 352 
TYR CA   C N S 353 
TYR C    C N N 354 
TYR O    O N N 355 
TYR CB   C N N 356 
TYR CG   C Y N 357 
TYR CD1  C Y N 358 
TYR CD2  C Y N 359 
TYR CE1  C Y N 360 
TYR CE2  C Y N 361 
TYR CZ   C Y N 362 
TYR OH   O N N 363 
TYR OXT  O N N 364 
TYR H    H N N 365 
TYR H2   H N N 366 
TYR HA   H N N 367 
TYR HB2  H N N 368 
TYR HB3  H N N 369 
TYR HD1  H N N 370 
TYR HD2  H N N 371 
TYR HE1  H N N 372 
TYR HE2  H N N 373 
TYR HH   H N N 374 
TYR HXT  H N N 375 
VAL N    N N N 376 
VAL CA   C N S 377 
VAL C    C N N 378 
VAL O    O N N 379 
VAL CB   C N N 380 
VAL CG1  C N N 381 
VAL CG2  C N N 382 
VAL OXT  O N N 383 
VAL H    H N N 384 
VAL H2   H N N 385 
VAL HA   H N N 386 
VAL HB   H N N 387 
VAL HG11 H N N 388 
VAL HG12 H N N 389 
VAL HG13 H N N 390 
VAL HG21 H N N 391 
VAL HG22 H N N 392 
VAL HG23 H N N 393 
VAL HXT  H N N 394 
# 
loop_
_chem_comp_bond.comp_id 
_chem_comp_bond.atom_id_1 
_chem_comp_bond.atom_id_2 
_chem_comp_bond.value_order 
_chem_comp_bond.pdbx_aromatic_flag 
_chem_comp_bond.pdbx_stereo_config 
_chem_comp_bond.pdbx_ordinal 
ALA N   CA   sing N N 1   
ALA N   H    sing N N 2   
ALA N   H2   sing N N 3   
ALA CA  C    sing N N 4   
ALA CA  CB   sing N N 5   
ALA CA  HA   sing N N 6   
ALA C   O    doub N N 7   
ALA C   OXT  sing N N 8   
ALA CB  HB1  sing N N 9   
ALA CB  HB2  sing N N 10  
ALA CB  HB3  sing N N 11  
ALA OXT HXT  sing N N 12  
ARG N   CA   sing N N 13  
ARG N   H    sing N N 14  
ARG N   H2   sing N N 15  
ARG CA  C    sing N N 16  
ARG CA  CB   sing N N 17  
ARG CA  HA   sing N N 18  
ARG C   O    doub N N 19  
ARG C   OXT  sing N N 20  
ARG CB  CG   sing N N 21  
ARG CB  HB2  sing N N 22  
ARG CB  HB3  sing N N 23  
ARG CG  CD   sing N N 24  
ARG CG  HG2  sing N N 25  
ARG CG  HG3  sing N N 26  
ARG CD  NE   sing N N 27  
ARG CD  HD2  sing N N 28  
ARG CD  HD3  sing N N 29  
ARG NE  CZ   sing N N 30  
ARG NE  HE   sing N N 31  
ARG CZ  NH1  sing N N 32  
ARG CZ  NH2  doub N N 33  
ARG NH1 HH11 sing N N 34  
ARG NH1 HH12 sing N N 35  
ARG NH2 HH21 sing N N 36  
ARG NH2 HH22 sing N N 37  
ARG OXT HXT  sing N N 38  
ASN N   CA   sing N N 39  
ASN N   H    sing N N 40  
ASN N   H2   sing N N 41  
ASN CA  C    sing N N 42  
ASN CA  CB   sing N N 43  
ASN CA  HA   sing N N 44  
ASN C   O    doub N N 45  
ASN C   OXT  sing N N 46  
ASN CB  CG   sing N N 47  
ASN CB  HB2  sing N N 48  
ASN CB  HB3  sing N N 49  
ASN CG  OD1  doub N N 50  
ASN CG  ND2  sing N N 51  
ASN ND2 HD21 sing N N 52  
ASN ND2 HD22 sing N N 53  
ASN OXT HXT  sing N N 54  
ASP N   CA   sing N N 55  
ASP N   H    sing N N 56  
ASP N   H2   sing N N 57  
ASP CA  C    sing N N 58  
ASP CA  CB   sing N N 59  
ASP CA  HA   sing N N 60  
ASP C   O    doub N N 61  
ASP C   OXT  sing N N 62  
ASP CB  CG   sing N N 63  
ASP CB  HB2  sing N N 64  
ASP CB  HB3  sing N N 65  
ASP CG  OD1  doub N N 66  
ASP CG  OD2  sing N N 67  
ASP OD2 HD2  sing N N 68  
ASP OXT HXT  sing N N 69  
DTT S1  C1   sing N N 70  
DTT S1  HS1  sing N N 71  
DTT C1  C2   sing N N 72  
DTT C1  H11  sing N N 73  
DTT C1  H12  sing N N 74  
DTT C2  O2   sing N N 75  
DTT C2  C3   sing N N 76  
DTT C2  H2   sing N N 77  
DTT O2  HO2  sing N N 78  
DTT C3  O3   sing N N 79  
DTT C3  C4   sing N N 80  
DTT C3  H3   sing N N 81  
DTT O3  HO3  sing N N 82  
DTT C4  S4   sing N N 83  
DTT C4  H41  sing N N 84  
DTT C4  H42  sing N N 85  
DTT S4  HS2  sing N N 86  
GLN N   CA   sing N N 87  
GLN N   H    sing N N 88  
GLN N   H2   sing N N 89  
GLN CA  C    sing N N 90  
GLN CA  CB   sing N N 91  
GLN CA  HA   sing N N 92  
GLN C   O    doub N N 93  
GLN C   OXT  sing N N 94  
GLN CB  CG   sing N N 95  
GLN CB  HB2  sing N N 96  
GLN CB  HB3  sing N N 97  
GLN CG  CD   sing N N 98  
GLN CG  HG2  sing N N 99  
GLN CG  HG3  sing N N 100 
GLN CD  OE1  doub N N 101 
GLN CD  NE2  sing N N 102 
GLN NE2 HE21 sing N N 103 
GLN NE2 HE22 sing N N 104 
GLN OXT HXT  sing N N 105 
GLU N   CA   sing N N 106 
GLU N   H    sing N N 107 
GLU N   H2   sing N N 108 
GLU CA  C    sing N N 109 
GLU CA  CB   sing N N 110 
GLU CA  HA   sing N N 111 
GLU C   O    doub N N 112 
GLU C   OXT  sing N N 113 
GLU CB  CG   sing N N 114 
GLU CB  HB2  sing N N 115 
GLU CB  HB3  sing N N 116 
GLU CG  CD   sing N N 117 
GLU CG  HG2  sing N N 118 
GLU CG  HG3  sing N N 119 
GLU CD  OE1  doub N N 120 
GLU CD  OE2  sing N N 121 
GLU OE2 HE2  sing N N 122 
GLU OXT HXT  sing N N 123 
GLY N   CA   sing N N 124 
GLY N   H    sing N N 125 
GLY N   H2   sing N N 126 
GLY CA  C    sing N N 127 
GLY CA  HA2  sing N N 128 
GLY CA  HA3  sing N N 129 
GLY C   O    doub N N 130 
GLY C   OXT  sing N N 131 
GLY OXT HXT  sing N N 132 
HIS N   CA   sing N N 133 
HIS N   H    sing N N 134 
HIS N   H2   sing N N 135 
HIS CA  C    sing N N 136 
HIS CA  CB   sing N N 137 
HIS CA  HA   sing N N 138 
HIS C   O    doub N N 139 
HIS C   OXT  sing N N 140 
HIS CB  CG   sing N N 141 
HIS CB  HB2  sing N N 142 
HIS CB  HB3  sing N N 143 
HIS CG  ND1  sing Y N 144 
HIS CG  CD2  doub Y N 145 
HIS ND1 CE1  doub Y N 146 
HIS ND1 HD1  sing N N 147 
HIS CD2 NE2  sing Y N 148 
HIS CD2 HD2  sing N N 149 
HIS CE1 NE2  sing Y N 150 
HIS CE1 HE1  sing N N 151 
HIS NE2 HE2  sing N N 152 
HIS OXT HXT  sing N N 153 
HOH O   H1   sing N N 154 
HOH O   H2   sing N N 155 
ILE N   CA   sing N N 156 
ILE N   H    sing N N 157 
ILE N   H2   sing N N 158 
ILE CA  C    sing N N 159 
ILE CA  CB   sing N N 160 
ILE CA  HA   sing N N 161 
ILE C   O    doub N N 162 
ILE C   OXT  sing N N 163 
ILE CB  CG1  sing N N 164 
ILE CB  CG2  sing N N 165 
ILE CB  HB   sing N N 166 
ILE CG1 CD1  sing N N 167 
ILE CG1 HG12 sing N N 168 
ILE CG1 HG13 sing N N 169 
ILE CG2 HG21 sing N N 170 
ILE CG2 HG22 sing N N 171 
ILE CG2 HG23 sing N N 172 
ILE CD1 HD11 sing N N 173 
ILE CD1 HD12 sing N N 174 
ILE CD1 HD13 sing N N 175 
ILE OXT HXT  sing N N 176 
LEU N   CA   sing N N 177 
LEU N   H    sing N N 178 
LEU N   H2   sing N N 179 
LEU CA  C    sing N N 180 
LEU CA  CB   sing N N 181 
LEU CA  HA   sing N N 182 
LEU C   O    doub N N 183 
LEU C   OXT  sing N N 184 
LEU CB  CG   sing N N 185 
LEU CB  HB2  sing N N 186 
LEU CB  HB3  sing N N 187 
LEU CG  CD1  sing N N 188 
LEU CG  CD2  sing N N 189 
LEU CG  HG   sing N N 190 
LEU CD1 HD11 sing N N 191 
LEU CD1 HD12 sing N N 192 
LEU CD1 HD13 sing N N 193 
LEU CD2 HD21 sing N N 194 
LEU CD2 HD22 sing N N 195 
LEU CD2 HD23 sing N N 196 
LEU OXT HXT  sing N N 197 
LYS N   CA   sing N N 198 
LYS N   H    sing N N 199 
LYS N   H2   sing N N 200 
LYS CA  C    sing N N 201 
LYS CA  CB   sing N N 202 
LYS CA  HA   sing N N 203 
LYS C   O    doub N N 204 
LYS C   OXT  sing N N 205 
LYS CB  CG   sing N N 206 
LYS CB  HB2  sing N N 207 
LYS CB  HB3  sing N N 208 
LYS CG  CD   sing N N 209 
LYS CG  HG2  sing N N 210 
LYS CG  HG3  sing N N 211 
LYS CD  CE   sing N N 212 
LYS CD  HD2  sing N N 213 
LYS CD  HD3  sing N N 214 
LYS CE  NZ   sing N N 215 
LYS CE  HE2  sing N N 216 
LYS CE  HE3  sing N N 217 
LYS NZ  HZ1  sing N N 218 
LYS NZ  HZ2  sing N N 219 
LYS NZ  HZ3  sing N N 220 
LYS OXT HXT  sing N N 221 
MET N   CA   sing N N 222 
MET N   H    sing N N 223 
MET N   H2   sing N N 224 
MET CA  C    sing N N 225 
MET CA  CB   sing N N 226 
MET CA  HA   sing N N 227 
MET C   O    doub N N 228 
MET C   OXT  sing N N 229 
MET CB  CG   sing N N 230 
MET CB  HB2  sing N N 231 
MET CB  HB3  sing N N 232 
MET CG  SD   sing N N 233 
MET CG  HG2  sing N N 234 
MET CG  HG3  sing N N 235 
MET SD  CE   sing N N 236 
MET CE  HE1  sing N N 237 
MET CE  HE2  sing N N 238 
MET CE  HE3  sing N N 239 
MET OXT HXT  sing N N 240 
PHE N   CA   sing N N 241 
PHE N   H    sing N N 242 
PHE N   H2   sing N N 243 
PHE CA  C    sing N N 244 
PHE CA  CB   sing N N 245 
PHE CA  HA   sing N N 246 
PHE C   O    doub N N 247 
PHE C   OXT  sing N N 248 
PHE CB  CG   sing N N 249 
PHE CB  HB2  sing N N 250 
PHE CB  HB3  sing N N 251 
PHE CG  CD1  doub Y N 252 
PHE CG  CD2  sing Y N 253 
PHE CD1 CE1  sing Y N 254 
PHE CD1 HD1  sing N N 255 
PHE CD2 CE2  doub Y N 256 
PHE CD2 HD2  sing N N 257 
PHE CE1 CZ   doub Y N 258 
PHE CE1 HE1  sing N N 259 
PHE CE2 CZ   sing Y N 260 
PHE CE2 HE2  sing N N 261 
PHE CZ  HZ   sing N N 262 
PHE OXT HXT  sing N N 263 
PRO N   CA   sing N N 264 
PRO N   CD   sing N N 265 
PRO N   H    sing N N 266 
PRO CA  C    sing N N 267 
PRO CA  CB   sing N N 268 
PRO CA  HA   sing N N 269 
PRO C   O    doub N N 270 
PRO C   OXT  sing N N 271 
PRO CB  CG   sing N N 272 
PRO CB  HB2  sing N N 273 
PRO CB  HB3  sing N N 274 
PRO CG  CD   sing N N 275 
PRO CG  HG2  sing N N 276 
PRO CG  HG3  sing N N 277 
PRO CD  HD2  sing N N 278 
PRO CD  HD3  sing N N 279 
PRO OXT HXT  sing N N 280 
SER N   CA   sing N N 281 
SER N   H    sing N N 282 
SER N   H2   sing N N 283 
SER CA  C    sing N N 284 
SER CA  CB   sing N N 285 
SER CA  HA   sing N N 286 
SER C   O    doub N N 287 
SER C   OXT  sing N N 288 
SER CB  OG   sing N N 289 
SER CB  HB2  sing N N 290 
SER CB  HB3  sing N N 291 
SER OG  HG   sing N N 292 
SER OXT HXT  sing N N 293 
THR N   CA   sing N N 294 
THR N   H    sing N N 295 
THR N   H2   sing N N 296 
THR CA  C    sing N N 297 
THR CA  CB   sing N N 298 
THR CA  HA   sing N N 299 
THR C   O    doub N N 300 
THR C   OXT  sing N N 301 
THR CB  OG1  sing N N 302 
THR CB  CG2  sing N N 303 
THR CB  HB   sing N N 304 
THR OG1 HG1  sing N N 305 
THR CG2 HG21 sing N N 306 
THR CG2 HG22 sing N N 307 
THR CG2 HG23 sing N N 308 
THR OXT HXT  sing N N 309 
TRP N   CA   sing N N 310 
TRP N   H    sing N N 311 
TRP N   H2   sing N N 312 
TRP CA  C    sing N N 313 
TRP CA  CB   sing N N 314 
TRP CA  HA   sing N N 315 
TRP C   O    doub N N 316 
TRP C   OXT  sing N N 317 
TRP CB  CG   sing N N 318 
TRP CB  HB2  sing N N 319 
TRP CB  HB3  sing N N 320 
TRP CG  CD1  doub Y N 321 
TRP CG  CD2  sing Y N 322 
TRP CD1 NE1  sing Y N 323 
TRP CD1 HD1  sing N N 324 
TRP CD2 CE2  doub Y N 325 
TRP CD2 CE3  sing Y N 326 
TRP NE1 CE2  sing Y N 327 
TRP NE1 HE1  sing N N 328 
TRP CE2 CZ2  sing Y N 329 
TRP CE3 CZ3  doub Y N 330 
TRP CE3 HE3  sing N N 331 
TRP CZ2 CH2  doub Y N 332 
TRP CZ2 HZ2  sing N N 333 
TRP CZ3 CH2  sing Y N 334 
TRP CZ3 HZ3  sing N N 335 
TRP CH2 HH2  sing N N 336 
TRP OXT HXT  sing N N 337 
TYR N   CA   sing N N 338 
TYR N   H    sing N N 339 
TYR N   H2   sing N N 340 
TYR CA  C    sing N N 341 
TYR CA  CB   sing N N 342 
TYR CA  HA   sing N N 343 
TYR C   O    doub N N 344 
TYR C   OXT  sing N N 345 
TYR CB  CG   sing N N 346 
TYR CB  HB2  sing N N 347 
TYR CB  HB3  sing N N 348 
TYR CG  CD1  doub Y N 349 
TYR CG  CD2  sing Y N 350 
TYR CD1 CE1  sing Y N 351 
TYR CD1 HD1  sing N N 352 
TYR CD2 CE2  doub Y N 353 
TYR CD2 HD2  sing N N 354 
TYR CE1 CZ   doub Y N 355 
TYR CE1 HE1  sing N N 356 
TYR CE2 CZ   sing Y N 357 
TYR CE2 HE2  sing N N 358 
TYR CZ  OH   sing N N 359 
TYR OH  HH   sing N N 360 
TYR OXT HXT  sing N N 361 
VAL N   CA   sing N N 362 
VAL N   H    sing N N 363 
VAL N   H2   sing N N 364 
VAL CA  C    sing N N 365 
VAL CA  CB   sing N N 366 
VAL CA  HA   sing N N 367 
VAL C   O    doub N N 368 
VAL C   OXT  sing N N 369 
VAL CB  CG1  sing N N 370 
VAL CB  CG2  sing N N 371 
VAL CB  HB   sing N N 372 
VAL CG1 HG11 sing N N 373 
VAL CG1 HG12 sing N N 374 
VAL CG1 HG13 sing N N 375 
VAL CG2 HG21 sing N N 376 
VAL CG2 HG22 sing N N 377 
VAL CG2 HG23 sing N N 378 
VAL OXT HXT  sing N N 379 
# 
loop_
_pdbx_entity_nonpoly.entity_id 
_pdbx_entity_nonpoly.name 
_pdbx_entity_nonpoly.comp_id 
2 2,3-DIHYDROXY-1,4-DITHIOBUTANE DTT 
3 water                          HOH 
# 
_pdbx_initial_refinement_model.id               1 
_pdbx_initial_refinement_model.entity_id_list   ? 
_pdbx_initial_refinement_model.type             'experimental model' 
_pdbx_initial_refinement_model.source_name      PDB 
_pdbx_initial_refinement_model.accession_code   1E8K 
_pdbx_initial_refinement_model.details          'PDB ENTRY 1E8K' 
# 
